data_8AW0
#
_entry.id   8AW0
#
_cell.length_a   151.202
_cell.length_b   163.330
_cell.length_c   186.871
_cell.angle_alpha   90.000
_cell.angle_beta   104.500
_cell.angle_gamma   90.000
#
_symmetry.space_group_name_H-M   'C 1 2 1'
#
loop_
_entity.id
_entity.type
_entity.pdbx_description
1 polymer 'Polyketide biosynthesis acyltransferase homolog PksD'
2 non-polymer 'ZINC ION'
3 water water
#
_entity_poly.entity_id   1
_entity_poly.type   'polypeptide(L)'
_entity_poly.pdbx_seq_one_letter_code
;GSHMNEPLVFMFSGQGSQYYHMGKELFKENTVFRQSMLEMDAIAARRIGTSIVEEIYHPGKRVSDPFDSILFSHPAIFMI
EYSLYKVLEDRGIYPDYVLGSSLGEFAAAAVSGVSDAEDMLDCILEQAIIIQNSCDKGKMLAILDKPQLLNDHPQLFGNS
ELISINYDSHFVISGEEDHIRKIMEDLKEKQILCQLLPVSYAFHSSLIDPAESAYAEFLRSKSFQKPSIPIVSSLTGSCL
HVMDENFFWNAVRKPMMFREAIRYLESQHTCKFIDLGPSGTLAAFVKQLIPGDSADRCCSIITPFHQELKNLNTVEYFRT
PERKFTR
;
_entity_poly.pdbx_strand_id   A,B,C,D,E,F,G,H
#
# COMPACT_ATOMS: atom_id res chain seq x y z
N MET A 4 10.67 -3.00 -24.80
CA MET A 4 10.57 -2.65 -26.22
C MET A 4 9.58 -1.51 -26.34
N ASN A 5 9.74 -0.63 -27.35
CA ASN A 5 8.70 0.34 -27.62
C ASN A 5 7.46 -0.40 -28.10
N GLU A 6 6.34 -0.21 -27.41
CA GLU A 6 5.08 -0.85 -27.80
C GLU A 6 4.53 -0.18 -29.05
N PRO A 7 4.28 -0.92 -30.13
CA PRO A 7 3.84 -0.28 -31.39
C PRO A 7 2.42 0.26 -31.32
N LEU A 8 2.20 1.36 -32.04
CA LEU A 8 0.88 1.97 -32.18
C LEU A 8 0.10 1.34 -33.32
N VAL A 9 -1.11 0.87 -33.02
CA VAL A 9 -2.04 0.38 -34.03
C VAL A 9 -3.18 1.40 -34.17
N PHE A 10 -3.33 1.96 -35.38
CA PHE A 10 -4.47 2.81 -35.71
C PHE A 10 -5.55 1.94 -36.31
N MET A 11 -6.72 1.93 -35.66
CA MET A 11 -7.85 1.07 -36.03
C MET A 11 -8.96 1.91 -36.68
N PHE A 12 -9.56 1.37 -37.74
CA PHE A 12 -10.57 2.08 -38.53
C PHE A 12 -11.78 1.18 -38.73
N SER A 13 -12.96 1.65 -38.28
CA SER A 13 -14.19 0.87 -38.36
C SER A 13 -14.97 1.25 -39.61
N GLY A 14 -16.03 0.49 -39.89
CA GLY A 14 -16.80 0.64 -41.11
C GLY A 14 -18.29 0.83 -40.82
N GLN A 15 -19.10 0.37 -41.77
CA GLN A 15 -20.54 0.60 -41.72
C GLN A 15 -21.12 0.03 -40.41
N GLY A 16 -21.97 0.81 -39.77
CA GLY A 16 -22.54 0.44 -38.49
C GLY A 16 -22.03 1.27 -37.33
N SER A 17 -20.91 1.99 -37.49
CA SER A 17 -20.36 2.71 -36.35
C SER A 17 -20.59 4.22 -36.41
N GLN A 18 -21.17 4.71 -37.50
CA GLN A 18 -21.42 6.14 -37.68
C GLN A 18 -22.63 6.60 -36.85
N TYR A 19 -22.64 7.87 -36.51
CA TYR A 19 -23.81 8.47 -35.85
C TYR A 19 -23.78 9.97 -36.08
N TYR A 20 -24.97 10.58 -36.04
CA TYR A 20 -25.08 12.02 -36.27
C TYR A 20 -24.31 12.79 -35.18
N HIS A 21 -23.62 13.84 -35.62
CA HIS A 21 -22.80 14.73 -34.79
C HIS A 21 -21.51 14.08 -34.31
N MET A 22 -21.12 12.95 -34.91
CA MET A 22 -19.84 12.34 -34.57
C MET A 22 -18.71 13.32 -34.85
N GLY A 23 -17.88 13.57 -33.82
CA GLY A 23 -16.75 14.44 -33.97
C GLY A 23 -17.05 15.93 -34.02
N LYS A 24 -18.23 16.36 -33.57
CA LYS A 24 -18.59 17.77 -33.66
C LYS A 24 -17.61 18.66 -32.90
N GLU A 25 -17.13 18.22 -31.74
CA GLU A 25 -16.19 19.05 -30.99
C GLU A 25 -14.87 19.21 -31.73
N LEU A 26 -14.43 18.17 -32.44
CA LEU A 26 -13.25 18.32 -33.29
C LEU A 26 -13.54 19.24 -34.46
N PHE A 27 -14.76 19.15 -35.02
CA PHE A 27 -15.08 20.01 -36.15
C PHE A 27 -15.11 21.48 -35.76
N LYS A 28 -15.45 21.79 -34.50
CA LYS A 28 -15.55 23.17 -34.05
C LYS A 28 -14.28 23.71 -33.42
N GLU A 29 -13.48 22.87 -32.76
CA GLU A 29 -12.35 23.34 -31.96
C GLU A 29 -10.99 22.96 -32.52
N ASN A 30 -10.93 22.16 -33.59
CA ASN A 30 -9.66 21.70 -34.13
C ASN A 30 -9.58 22.09 -35.59
N THR A 31 -8.63 22.96 -35.91
CA THR A 31 -8.53 23.51 -37.26
C THR A 31 -8.12 22.44 -38.27
N VAL A 32 -7.19 21.57 -37.90
CA VAL A 32 -6.76 20.51 -38.80
C VAL A 32 -7.95 19.61 -39.17
N PHE A 33 -8.69 19.15 -38.16
CA PHE A 33 -9.87 18.32 -38.41
C PHE A 33 -10.86 19.06 -39.31
N ARG A 34 -11.24 20.28 -38.92
N ARG A 34 -11.23 20.29 -38.92
CA ARG A 34 -12.25 21.02 -39.66
CA ARG A 34 -12.25 21.02 -39.66
C ARG A 34 -11.82 21.31 -41.09
C ARG A 34 -11.81 21.29 -41.10
N GLN A 35 -10.55 21.66 -41.29
CA GLN A 35 -10.05 21.93 -42.64
C GLN A 35 -10.13 20.68 -43.49
N SER A 36 -9.70 19.53 -42.93
CA SER A 36 -9.72 18.29 -43.70
C SER A 36 -11.14 17.86 -44.03
N MET A 37 -12.06 17.99 -43.07
CA MET A 37 -13.47 17.70 -43.37
C MET A 37 -14.02 18.61 -44.46
N LEU A 38 -13.70 19.91 -44.40
CA LEU A 38 -14.26 20.80 -45.42
C LEU A 38 -13.65 20.53 -46.79
N GLU A 39 -12.35 20.19 -46.81
CA GLU A 39 -11.72 19.84 -48.08
C GLU A 39 -12.39 18.63 -48.71
N MET A 40 -12.55 17.55 -47.94
CA MET A 40 -13.18 16.36 -48.51
C MET A 40 -14.65 16.62 -48.82
N ASP A 41 -15.31 17.48 -48.05
CA ASP A 41 -16.72 17.78 -48.30
C ASP A 41 -16.93 18.32 -49.71
N ALA A 42 -16.02 19.17 -50.19
CA ALA A 42 -16.17 19.72 -51.54
C ALA A 42 -16.11 18.61 -52.58
N ILE A 43 -15.19 17.65 -52.40
CA ILE A 43 -15.11 16.53 -53.32
C ILE A 43 -16.40 15.71 -53.28
N ALA A 44 -16.92 15.47 -52.08
CA ALA A 44 -18.09 14.60 -51.94
C ALA A 44 -19.37 15.29 -52.37
N ALA A 45 -19.47 16.61 -52.15
CA ALA A 45 -20.66 17.34 -52.57
C ALA A 45 -20.85 17.31 -54.08
N ARG A 46 -19.75 17.21 -54.84
CA ARG A 46 -19.87 17.16 -56.30
C ARG A 46 -20.58 15.89 -56.76
N ARG A 47 -20.42 14.79 -56.03
CA ARG A 47 -20.98 13.51 -56.46
C ARG A 47 -22.30 13.17 -55.78
N ILE A 48 -22.58 13.72 -54.60
CA ILE A 48 -23.81 13.40 -53.87
C ILE A 48 -24.84 14.52 -54.10
N GLY A 49 -24.36 15.72 -54.42
CA GLY A 49 -25.21 16.83 -54.75
C GLY A 49 -25.46 17.80 -53.62
N THR A 50 -24.96 17.51 -52.42
CA THR A 50 -25.12 18.42 -51.29
C THR A 50 -24.02 18.10 -50.30
N SER A 51 -23.88 18.96 -49.30
CA SER A 51 -22.84 18.80 -48.30
C SER A 51 -23.04 17.52 -47.48
N ILE A 52 -21.96 16.74 -47.32
CA ILE A 52 -21.98 15.64 -46.36
C ILE A 52 -21.90 16.18 -44.94
N VAL A 53 -21.01 17.14 -44.71
CA VAL A 53 -20.81 17.75 -43.40
C VAL A 53 -22.14 18.25 -42.81
N GLU A 54 -22.95 18.94 -43.63
N GLU A 54 -22.94 18.96 -43.63
CA GLU A 54 -24.18 19.51 -43.11
CA GLU A 54 -24.19 19.51 -43.14
C GLU A 54 -25.25 18.45 -42.85
C GLU A 54 -25.16 18.41 -42.74
N GLU A 55 -25.10 17.24 -43.39
CA GLU A 55 -25.95 16.14 -42.97
C GLU A 55 -25.46 15.58 -41.63
N ILE A 56 -24.14 15.41 -41.48
CA ILE A 56 -23.59 14.84 -40.24
C ILE A 56 -23.96 15.69 -39.04
N TYR A 57 -23.89 17.02 -39.18
CA TYR A 57 -24.11 17.94 -38.07
C TYR A 57 -25.46 18.65 -38.16
N HIS A 58 -26.42 18.04 -38.85
CA HIS A 58 -27.76 18.59 -38.98
C HIS A 58 -28.39 18.79 -37.60
N PRO A 59 -28.78 20.01 -37.23
CA PRO A 59 -29.23 20.26 -35.86
C PRO A 59 -30.53 19.54 -35.50
N GLY A 60 -31.33 19.12 -36.46
CA GLY A 60 -32.54 18.41 -36.13
C GLY A 60 -32.42 16.90 -36.00
N LYS A 61 -31.22 16.34 -36.06
CA LYS A 61 -31.02 14.89 -36.02
C LYS A 61 -30.12 14.54 -34.84
N ARG A 62 -30.53 13.55 -34.05
CA ARG A 62 -29.86 13.21 -32.81
C ARG A 62 -28.97 11.97 -32.99
N VAL A 63 -28.08 11.76 -32.02
CA VAL A 63 -27.23 10.57 -32.01
C VAL A 63 -28.08 9.31 -32.14
N SER A 64 -29.21 9.25 -31.43
CA SER A 64 -30.05 8.05 -31.50
C SER A 64 -30.77 7.89 -32.83
N ASP A 65 -30.84 8.91 -33.68
CA ASP A 65 -31.47 8.72 -34.99
C ASP A 65 -30.52 7.96 -35.90
N PRO A 66 -30.88 6.77 -36.36
CA PRO A 66 -29.91 5.95 -37.11
C PRO A 66 -29.48 6.63 -38.40
N PHE A 67 -28.16 6.71 -38.58
CA PHE A 67 -27.55 7.40 -39.73
C PHE A 67 -27.22 6.36 -40.81
N ASP A 68 -28.28 5.85 -41.43
CA ASP A 68 -28.15 4.63 -42.24
C ASP A 68 -28.14 4.87 -43.74
N SER A 69 -28.40 6.09 -44.21
CA SER A 69 -28.32 6.37 -45.65
C SER A 69 -26.92 6.11 -46.17
N ILE A 70 -26.80 5.23 -47.18
CA ILE A 70 -25.48 4.84 -47.65
C ILE A 70 -24.77 5.99 -48.38
N LEU A 71 -25.54 6.82 -49.11
CA LEU A 71 -24.94 7.90 -49.89
C LEU A 71 -24.24 8.91 -49.00
N PHE A 72 -24.68 9.06 -47.76
CA PHE A 72 -24.06 9.98 -46.83
C PHE A 72 -23.15 9.30 -45.83
N SER A 73 -23.48 8.07 -45.41
CA SER A 73 -22.73 7.45 -44.32
C SER A 73 -21.38 6.89 -44.81
N HIS A 74 -21.35 6.27 -46.02
CA HIS A 74 -20.08 5.91 -46.66
C HIS A 74 -19.06 7.04 -46.68
N PRO A 75 -19.32 8.19 -47.32
CA PRO A 75 -18.32 9.25 -47.28
C PRO A 75 -18.08 9.77 -45.87
N ALA A 76 -19.12 9.81 -45.03
CA ALA A 76 -18.99 10.39 -43.71
C ALA A 76 -18.00 9.63 -42.84
N ILE A 77 -18.00 8.29 -42.93
CA ILE A 77 -17.13 7.47 -42.10
C ILE A 77 -15.67 7.67 -42.50
N PHE A 78 -15.39 7.63 -43.80
CA PHE A 78 -14.04 7.89 -44.27
C PHE A 78 -13.58 9.29 -43.91
N MET A 79 -14.44 10.30 -44.14
CA MET A 79 -14.01 11.68 -43.88
C MET A 79 -13.66 11.90 -42.41
N ILE A 80 -14.52 11.39 -41.51
CA ILE A 80 -14.23 11.48 -40.08
C ILE A 80 -12.92 10.78 -39.74
N GLU A 81 -12.69 9.60 -40.32
CA GLU A 81 -11.54 8.79 -39.94
C GLU A 81 -10.25 9.40 -40.45
N TYR A 82 -10.21 9.78 -41.72
CA TYR A 82 -9.00 10.38 -42.26
C TYR A 82 -8.73 11.75 -41.65
N SER A 83 -9.77 12.52 -41.37
CA SER A 83 -9.56 13.79 -40.69
C SER A 83 -8.95 13.59 -39.32
N LEU A 84 -9.40 12.57 -38.58
CA LEU A 84 -8.84 12.30 -37.27
C LEU A 84 -7.40 11.79 -37.39
N TYR A 85 -7.11 11.03 -38.44
CA TYR A 85 -5.72 10.69 -38.72
C TYR A 85 -4.87 11.94 -38.86
N LYS A 86 -5.38 12.93 -39.62
CA LYS A 86 -4.59 14.14 -39.87
C LYS A 86 -4.32 14.88 -38.57
N VAL A 87 -5.30 14.90 -37.65
CA VAL A 87 -5.07 15.52 -36.35
C VAL A 87 -3.91 14.85 -35.64
N LEU A 88 -3.90 13.52 -35.60
CA LEU A 88 -2.84 12.80 -34.89
C LEU A 88 -1.50 12.97 -35.59
N GLU A 89 -1.50 12.91 -36.92
CA GLU A 89 -0.26 13.07 -37.66
C GLU A 89 0.34 14.45 -37.42
N ASP A 90 -0.49 15.49 -37.40
CA ASP A 90 -0.02 16.84 -37.17
C ASP A 90 0.60 16.99 -35.78
N ARG A 91 0.19 16.15 -34.83
CA ARG A 91 0.73 16.15 -33.47
C ARG A 91 1.96 15.27 -33.30
N GLY A 92 2.46 14.66 -34.37
CA GLY A 92 3.58 13.73 -34.25
C GLY A 92 3.25 12.34 -33.75
N ILE A 93 2.00 11.93 -33.70
CA ILE A 93 1.63 10.58 -33.30
C ILE A 93 1.41 9.77 -34.57
N TYR A 94 2.31 8.82 -34.84
CA TYR A 94 2.29 8.07 -36.09
C TYR A 94 1.97 6.61 -35.83
N PRO A 95 1.30 5.93 -36.77
CA PRO A 95 0.98 4.51 -36.56
C PRO A 95 2.11 3.59 -37.00
N ASP A 96 2.40 2.60 -36.15
CA ASP A 96 3.28 1.52 -36.57
C ASP A 96 2.53 0.53 -37.45
N TYR A 97 1.24 0.31 -37.18
CA TYR A 97 0.35 -0.46 -38.04
C TYR A 97 -0.96 0.30 -38.21
N VAL A 98 -1.67 -0.02 -39.30
CA VAL A 98 -3.06 0.35 -39.46
C VAL A 98 -3.90 -0.92 -39.56
N LEU A 99 -5.06 -0.91 -38.92
CA LEU A 99 -6.00 -2.03 -38.93
C LEU A 99 -7.29 -1.56 -39.55
N GLY A 100 -7.68 -2.18 -40.67
CA GLY A 100 -8.91 -1.83 -41.36
C GLY A 100 -9.99 -2.83 -41.06
N SER A 101 -11.23 -2.35 -40.98
CA SER A 101 -12.39 -3.18 -40.72
C SER A 101 -13.56 -2.65 -41.53
N SER A 102 -14.11 -3.49 -42.41
CA SER A 102 -15.26 -3.15 -43.24
C SER A 102 -14.89 -1.93 -44.07
N LEU A 103 -15.73 -0.88 -44.12
CA LEU A 103 -15.40 0.31 -44.89
C LEU A 103 -14.12 0.97 -44.41
N GLY A 104 -13.72 0.73 -43.16
CA GLY A 104 -12.49 1.29 -42.64
C GLY A 104 -11.24 0.83 -43.35
N GLU A 105 -11.32 -0.28 -44.12
CA GLU A 105 -10.17 -0.68 -44.92
C GLU A 105 -9.75 0.44 -45.87
N PHE A 106 -10.71 1.28 -46.31
CA PHE A 106 -10.39 2.39 -47.19
C PHE A 106 -9.53 3.43 -46.49
N ALA A 107 -9.90 3.80 -45.26
CA ALA A 107 -9.08 4.77 -44.54
C ALA A 107 -7.73 4.19 -44.18
N ALA A 108 -7.70 2.92 -43.76
CA ALA A 108 -6.43 2.26 -43.50
C ALA A 108 -5.53 2.31 -44.72
N ALA A 109 -6.09 2.02 -45.90
CA ALA A 109 -5.31 2.03 -47.14
C ALA A 109 -4.83 3.43 -47.49
N ALA A 110 -5.65 4.46 -47.27
CA ALA A 110 -5.20 5.82 -47.56
C ALA A 110 -4.08 6.25 -46.61
N VAL A 111 -4.23 5.97 -45.32
CA VAL A 111 -3.17 6.27 -44.37
C VAL A 111 -1.90 5.51 -44.72
N SER A 112 -2.05 4.27 -45.19
CA SER A 112 -0.89 3.44 -45.53
C SER A 112 -0.16 3.93 -46.78
N GLY A 113 -0.84 4.66 -47.66
CA GLY A 113 -0.25 5.09 -48.90
C GLY A 113 -0.67 4.31 -50.12
N VAL A 114 -1.49 3.26 -49.95
CA VAL A 114 -2.04 2.52 -51.09
C VAL A 114 -2.69 3.48 -52.08
N SER A 115 -3.27 4.57 -51.60
CA SER A 115 -3.85 5.60 -52.45
C SER A 115 -3.91 6.88 -51.64
N ASP A 116 -4.15 8.00 -52.32
CA ASP A 116 -4.31 9.22 -51.55
C ASP A 116 -5.77 9.37 -51.12
N ALA A 117 -5.98 10.24 -50.14
CA ALA A 117 -7.31 10.39 -49.54
C ALA A 117 -8.36 10.75 -50.60
N GLU A 118 -7.98 11.59 -51.57
CA GLU A 118 -8.96 12.02 -52.55
C GLU A 118 -9.42 10.87 -53.44
N ASP A 119 -8.48 9.99 -53.82
CA ASP A 119 -8.87 8.87 -54.67
C ASP A 119 -9.63 7.81 -53.87
N MET A 120 -9.28 7.62 -52.60
CA MET A 120 -10.03 6.67 -51.78
C MET A 120 -11.44 7.19 -51.52
N LEU A 121 -11.58 8.50 -51.29
CA LEU A 121 -12.92 9.06 -51.12
C LEU A 121 -13.77 8.81 -52.35
N ASP A 122 -13.17 8.98 -53.54
CA ASP A 122 -13.90 8.74 -54.78
C ASP A 122 -14.35 7.29 -54.90
N CYS A 123 -13.47 6.34 -54.54
CA CYS A 123 -13.81 4.93 -54.57
C CYS A 123 -14.97 4.61 -53.62
N ILE A 124 -15.05 5.32 -52.51
CA ILE A 124 -16.16 5.14 -51.58
C ILE A 124 -17.44 5.73 -52.14
N LEU A 125 -17.38 6.96 -52.65
CA LEU A 125 -18.55 7.57 -53.26
C LEU A 125 -19.09 6.68 -54.39
N GLU A 126 -18.20 6.19 -55.23
CA GLU A 126 -18.63 5.33 -56.33
C GLU A 126 -19.33 4.07 -55.81
N GLN A 127 -18.76 3.45 -54.77
CA GLN A 127 -19.33 2.21 -54.24
C GLN A 127 -20.71 2.45 -53.63
N ALA A 128 -20.90 3.57 -52.94
CA ALA A 128 -22.22 3.88 -52.39
C ALA A 128 -23.23 4.08 -53.50
N ILE A 129 -22.85 4.79 -54.57
CA ILE A 129 -23.81 5.05 -55.65
C ILE A 129 -24.14 3.75 -56.38
N ILE A 130 -23.13 2.93 -56.65
CA ILE A 130 -23.35 1.67 -57.36
C ILE A 130 -24.25 0.74 -56.55
N ILE A 131 -24.02 0.69 -55.23
CA ILE A 131 -24.87 -0.13 -54.37
C ILE A 131 -26.29 0.44 -54.31
N GLN A 132 -26.40 1.77 -54.18
CA GLN A 132 -27.71 2.39 -54.08
C GLN A 132 -28.56 2.18 -55.33
N ASN A 133 -27.92 1.92 -56.48
CA ASN A 133 -28.65 1.75 -57.73
C ASN A 133 -29.04 0.31 -58.00
N SER A 134 -28.23 -0.65 -57.58
CA SER A 134 -28.36 -2.02 -58.06
C SER A 134 -28.79 -3.03 -57.00
N CYS A 135 -28.77 -2.66 -55.71
CA CYS A 135 -29.02 -3.61 -54.64
C CYS A 135 -30.31 -3.27 -53.90
N ASP A 136 -30.99 -4.31 -53.43
CA ASP A 136 -32.08 -4.12 -52.50
C ASP A 136 -31.55 -3.69 -51.13
N LYS A 137 -32.38 -2.98 -50.38
CA LYS A 137 -32.03 -2.65 -49.01
C LYS A 137 -31.94 -3.92 -48.15
N GLY A 138 -31.28 -3.79 -47.01
CA GLY A 138 -31.09 -4.93 -46.11
C GLY A 138 -30.74 -4.49 -44.70
N LYS A 139 -30.35 -5.43 -43.85
CA LYS A 139 -30.12 -5.11 -42.43
C LYS A 139 -28.99 -5.97 -41.89
N MET A 140 -28.30 -5.43 -40.88
CA MET A 140 -27.34 -6.18 -40.08
C MET A 140 -27.74 -6.10 -38.62
N LEU A 141 -27.61 -7.22 -37.92
CA LEU A 141 -28.05 -7.36 -36.55
C LEU A 141 -26.88 -7.87 -35.72
N ALA A 142 -26.60 -7.19 -34.61
CA ALA A 142 -25.64 -7.69 -33.64
C ALA A 142 -26.37 -8.54 -32.61
N ILE A 143 -25.81 -9.71 -32.33
CA ILE A 143 -26.34 -10.65 -31.33
C ILE A 143 -25.44 -10.56 -30.11
N LEU A 144 -25.99 -10.06 -28.99
CA LEU A 144 -25.21 -9.93 -27.76
C LEU A 144 -25.24 -11.23 -26.98
N ASP A 145 -24.72 -12.28 -27.61
CA ASP A 145 -24.74 -13.62 -27.04
C ASP A 145 -23.64 -14.44 -27.70
N LYS A 146 -23.60 -15.74 -27.37
CA LYS A 146 -22.54 -16.64 -27.82
C LYS A 146 -22.77 -17.08 -29.27
N PRO A 147 -21.74 -17.06 -30.11
CA PRO A 147 -21.90 -17.55 -31.49
C PRO A 147 -22.16 -19.05 -31.58
N GLN A 148 -22.02 -19.78 -30.47
CA GLN A 148 -22.38 -21.20 -30.46
C GLN A 148 -23.84 -21.41 -30.81
N LEU A 149 -24.68 -20.41 -30.53
CA LEU A 149 -26.10 -20.47 -30.93
C LEU A 149 -26.27 -20.80 -32.40
N LEU A 150 -25.36 -20.32 -33.26
CA LEU A 150 -25.45 -20.62 -34.69
C LEU A 150 -25.41 -22.12 -34.95
N ASN A 151 -24.65 -22.88 -34.15
CA ASN A 151 -24.58 -24.32 -34.32
C ASN A 151 -25.74 -25.04 -33.65
N ASP A 152 -26.03 -24.69 -32.40
CA ASP A 152 -27.02 -25.45 -31.64
C ASP A 152 -28.44 -25.19 -32.10
N HIS A 153 -28.71 -24.02 -32.67
CA HIS A 153 -30.06 -23.66 -33.13
C HIS A 153 -29.98 -22.94 -34.46
N PRO A 154 -29.46 -23.60 -35.50
CA PRO A 154 -29.26 -22.89 -36.77
C PRO A 154 -30.55 -22.40 -37.40
N GLN A 155 -31.68 -23.05 -37.12
CA GLN A 155 -32.96 -22.59 -37.67
C GLN A 155 -33.40 -21.26 -37.07
N LEU A 156 -32.86 -20.89 -35.91
CA LEU A 156 -33.12 -19.58 -35.33
C LEU A 156 -32.62 -18.45 -36.23
N PHE A 157 -31.59 -18.72 -37.02
CA PHE A 157 -30.92 -17.70 -37.82
C PHE A 157 -31.08 -17.94 -39.32
N GLY A 158 -32.14 -18.64 -39.72
CA GLY A 158 -32.34 -18.92 -41.13
C GLY A 158 -32.58 -17.65 -41.92
N ASN A 159 -32.14 -17.67 -43.18
CA ASN A 159 -32.25 -16.52 -44.07
C ASN A 159 -31.36 -15.36 -43.62
N SER A 160 -30.19 -15.70 -43.08
CA SER A 160 -29.21 -14.69 -42.71
C SER A 160 -27.82 -15.30 -42.86
N GLU A 161 -26.82 -14.44 -42.94
CA GLU A 161 -25.44 -14.87 -43.09
C GLU A 161 -24.58 -14.27 -41.98
N LEU A 162 -23.69 -15.08 -41.42
CA LEU A 162 -22.77 -14.62 -40.39
C LEU A 162 -21.63 -13.85 -41.05
N ILE A 163 -21.41 -12.61 -40.62
CA ILE A 163 -20.39 -11.78 -41.24
C ILE A 163 -19.21 -11.53 -40.31
N SER A 164 -19.37 -11.66 -39.00
CA SER A 164 -18.31 -11.29 -38.07
C SER A 164 -18.62 -11.88 -36.71
N ILE A 165 -17.59 -12.49 -36.11
CA ILE A 165 -17.56 -12.75 -34.67
C ILE A 165 -16.53 -11.80 -34.10
N ASN A 166 -16.93 -10.98 -33.12
CA ASN A 166 -16.07 -9.91 -32.63
C ASN A 166 -15.42 -10.21 -31.27
N TYR A 167 -16.07 -11.00 -30.44
CA TYR A 167 -15.48 -11.59 -29.25
C TYR A 167 -16.47 -12.66 -28.78
N ASP A 168 -16.11 -13.38 -27.73
CA ASP A 168 -16.96 -14.43 -27.18
C ASP A 168 -18.46 -14.16 -27.11
N SER A 169 -18.91 -12.93 -26.85
CA SER A 169 -20.35 -12.68 -26.72
C SER A 169 -20.86 -11.62 -27.69
N HIS A 170 -20.34 -11.59 -28.92
CA HIS A 170 -20.78 -10.56 -29.88
C HIS A 170 -20.51 -11.09 -31.29
N PHE A 171 -21.54 -11.13 -32.11
CA PHE A 171 -21.38 -11.50 -33.51
C PHE A 171 -22.51 -10.87 -34.30
N VAL A 172 -22.27 -10.66 -35.60
CA VAL A 172 -23.18 -9.90 -36.44
C VAL A 172 -23.62 -10.77 -37.62
N ILE A 173 -24.91 -10.70 -37.94
CA ILE A 173 -25.49 -11.39 -39.09
C ILE A 173 -26.12 -10.36 -40.02
N SER A 174 -26.37 -10.78 -41.25
CA SER A 174 -26.75 -9.86 -42.32
C SER A 174 -27.78 -10.55 -43.23
N GLY A 175 -28.88 -9.85 -43.51
CA GLY A 175 -29.91 -10.47 -44.35
C GLY A 175 -30.94 -9.45 -44.78
N GLU A 176 -31.97 -9.96 -45.45
CA GLU A 176 -33.05 -9.10 -45.95
C GLU A 176 -33.86 -8.54 -44.79
N GLU A 177 -34.59 -7.45 -45.07
CA GLU A 177 -35.23 -6.67 -44.00
C GLU A 177 -36.24 -7.50 -43.23
N ASP A 178 -37.20 -8.11 -43.94
CA ASP A 178 -38.20 -8.93 -43.25
C ASP A 178 -37.58 -10.16 -42.62
N HIS A 179 -36.58 -10.77 -43.27
CA HIS A 179 -35.88 -11.89 -42.67
C HIS A 179 -35.25 -11.49 -41.34
N ILE A 180 -34.53 -10.37 -41.31
CA ILE A 180 -33.91 -9.91 -40.08
C ILE A 180 -34.97 -9.56 -39.03
N ARG A 181 -36.04 -8.89 -39.43
N ARG A 181 -36.03 -8.87 -39.43
CA ARG A 181 -37.07 -8.54 -38.45
CA ARG A 181 -37.10 -8.54 -38.50
C ARG A 181 -37.78 -9.78 -37.92
C ARG A 181 -37.73 -9.79 -37.90
N LYS A 182 -37.81 -10.86 -38.69
CA LYS A 182 -38.41 -12.09 -38.18
C LYS A 182 -37.47 -12.78 -37.20
N ILE A 183 -36.16 -12.72 -37.46
CA ILE A 183 -35.19 -13.28 -36.52
C ILE A 183 -35.26 -12.53 -35.19
N MET A 184 -35.35 -11.20 -35.24
CA MET A 184 -35.49 -10.40 -34.02
C MET A 184 -36.70 -10.84 -33.22
N GLU A 185 -37.83 -11.06 -33.90
CA GLU A 185 -39.00 -11.60 -33.22
C GLU A 185 -38.69 -12.94 -32.56
N ASP A 186 -37.99 -13.83 -33.28
CA ASP A 186 -37.69 -15.14 -32.72
C ASP A 186 -36.71 -15.03 -31.56
N LEU A 187 -35.71 -14.14 -31.66
CA LEU A 187 -34.73 -14.03 -30.59
C LEU A 187 -35.36 -13.47 -29.31
N LYS A 188 -36.31 -12.53 -29.45
CA LYS A 188 -36.98 -11.99 -28.28
C LYS A 188 -37.68 -13.10 -27.48
N GLU A 189 -38.32 -14.04 -28.17
CA GLU A 189 -38.99 -15.14 -27.49
C GLU A 189 -38.01 -16.11 -26.87
N LYS A 190 -36.73 -16.07 -27.24
CA LYS A 190 -35.70 -16.89 -26.61
C LYS A 190 -34.87 -16.10 -25.58
N GLN A 191 -35.25 -14.85 -25.31
CA GLN A 191 -34.51 -13.98 -24.39
C GLN A 191 -33.06 -13.82 -24.81
N ILE A 192 -32.83 -13.73 -26.12
CA ILE A 192 -31.52 -13.46 -26.69
C ILE A 192 -31.48 -12.00 -27.12
N LEU A 193 -30.59 -11.23 -26.51
CA LEU A 193 -30.51 -9.80 -26.76
C LEU A 193 -29.80 -9.51 -28.07
N CYS A 194 -30.28 -8.50 -28.78
CA CYS A 194 -29.70 -8.16 -30.07
C CYS A 194 -29.87 -6.67 -30.31
N GLN A 195 -29.24 -6.18 -31.37
CA GLN A 195 -29.26 -4.75 -31.65
C GLN A 195 -29.02 -4.53 -33.14
N LEU A 196 -29.94 -3.80 -33.79
CA LEU A 196 -29.76 -3.46 -35.19
C LEU A 196 -28.59 -2.49 -35.37
N LEU A 197 -27.76 -2.76 -36.37
CA LEU A 197 -26.80 -1.73 -36.73
C LEU A 197 -27.48 -0.64 -37.57
N PRO A 198 -27.01 0.61 -37.46
CA PRO A 198 -27.62 1.71 -38.24
C PRO A 198 -27.19 1.69 -39.71
N VAL A 199 -27.56 0.63 -40.41
CA VAL A 199 -27.25 0.49 -41.83
C VAL A 199 -28.51 0.10 -42.57
N SER A 200 -28.49 0.31 -43.88
CA SER A 200 -29.65 0.02 -44.72
C SER A 200 -29.34 -0.96 -45.84
N TYR A 201 -28.19 -1.63 -45.80
CA TYR A 201 -27.87 -2.68 -46.74
C TYR A 201 -27.25 -3.85 -46.00
N ALA A 202 -27.51 -5.06 -46.50
CA ALA A 202 -26.94 -6.29 -45.93
C ALA A 202 -25.49 -6.43 -46.40
N PHE A 203 -24.65 -5.53 -45.91
CA PHE A 203 -23.23 -5.58 -46.24
C PHE A 203 -22.64 -6.90 -45.79
N HIS A 204 -21.50 -7.24 -46.40
CA HIS A 204 -20.73 -8.44 -46.09
C HIS A 204 -21.52 -9.72 -46.31
N SER A 205 -22.55 -9.70 -47.16
CA SER A 205 -23.32 -10.88 -47.52
C SER A 205 -23.51 -10.88 -49.04
N SER A 206 -24.14 -11.95 -49.53
CA SER A 206 -24.43 -12.06 -50.96
C SER A 206 -25.52 -11.12 -51.44
N LEU A 207 -26.26 -10.47 -50.54
CA LEU A 207 -27.34 -9.58 -50.96
C LEU A 207 -26.83 -8.25 -51.49
N ILE A 208 -25.51 -8.02 -51.56
CA ILE A 208 -24.97 -6.88 -52.29
C ILE A 208 -24.18 -7.33 -53.51
N ASP A 209 -24.26 -8.61 -53.87
CA ASP A 209 -23.63 -9.09 -55.09
C ASP A 209 -24.06 -8.33 -56.35
N PRO A 210 -25.32 -7.85 -56.51
CA PRO A 210 -25.68 -7.12 -57.74
C PRO A 210 -24.79 -5.95 -58.08
N ALA A 211 -23.92 -5.55 -57.17
CA ALA A 211 -23.05 -4.41 -57.39
C ALA A 211 -21.62 -4.80 -57.72
N GLU A 212 -21.29 -6.09 -57.69
CA GLU A 212 -19.89 -6.50 -57.84
C GLU A 212 -19.36 -6.19 -59.24
N SER A 213 -20.16 -6.44 -60.27
CA SER A 213 -19.68 -6.26 -61.64
C SER A 213 -19.33 -4.80 -61.91
N ALA A 214 -20.26 -3.88 -61.64
CA ALA A 214 -20.02 -2.47 -61.93
C ALA A 214 -18.86 -1.91 -61.11
N TYR A 215 -18.69 -2.37 -59.88
CA TYR A 215 -17.60 -1.86 -59.06
C TYR A 215 -16.25 -2.43 -59.50
N ALA A 216 -16.22 -3.71 -59.89
CA ALA A 216 -14.97 -4.28 -60.41
C ALA A 216 -14.55 -3.60 -61.70
N GLU A 217 -15.51 -3.36 -62.61
CA GLU A 217 -15.29 -2.51 -63.76
C GLU A 217 -14.65 -1.19 -63.34
N PHE A 218 -15.25 -0.53 -62.36
CA PHE A 218 -14.74 0.76 -61.90
C PHE A 218 -13.33 0.62 -61.32
N LEU A 219 -13.07 -0.45 -60.58
CA LEU A 219 -11.78 -0.60 -59.91
C LEU A 219 -10.65 -0.83 -60.89
N ARG A 220 -10.95 -1.27 -62.11
CA ARG A 220 -9.90 -1.48 -63.09
C ARG A 220 -9.36 -0.17 -63.66
N SER A 221 -10.15 0.90 -63.63
CA SER A 221 -9.68 2.21 -64.07
C SER A 221 -8.78 2.89 -63.04
N LYS A 222 -8.62 2.30 -61.86
CA LYS A 222 -7.80 2.88 -60.81
C LYS A 222 -6.46 2.17 -60.73
N SER A 223 -5.49 2.84 -60.11
CA SER A 223 -4.15 2.30 -59.93
C SER A 223 -3.72 2.55 -58.50
N PHE A 224 -3.33 1.49 -57.80
CA PHE A 224 -3.02 1.57 -56.39
C PHE A 224 -1.55 1.26 -56.12
N GLN A 225 -1.03 1.86 -55.06
CA GLN A 225 0.35 1.69 -54.63
C GLN A 225 0.45 0.58 -53.59
N LYS A 226 1.66 0.06 -53.42
CA LYS A 226 1.87 -0.93 -52.39
C LYS A 226 1.96 -0.26 -51.03
N PRO A 227 1.51 -0.94 -49.97
CA PRO A 227 1.47 -0.29 -48.65
C PRO A 227 2.87 0.09 -48.21
N SER A 228 2.98 1.29 -47.64
CA SER A 228 4.24 1.71 -47.02
C SER A 228 4.20 1.62 -45.51
N ILE A 229 3.01 1.64 -44.91
CA ILE A 229 2.82 1.39 -43.48
C ILE A 229 2.15 0.03 -43.39
N PRO A 230 2.57 -0.85 -42.48
CA PRO A 230 1.98 -2.19 -42.44
C PRO A 230 0.48 -2.11 -42.20
N ILE A 231 -0.29 -2.76 -43.08
CA ILE A 231 -1.74 -2.86 -42.94
C ILE A 231 -2.08 -4.25 -42.42
N VAL A 232 -2.84 -4.31 -41.33
CA VAL A 232 -3.50 -5.55 -40.90
C VAL A 232 -4.97 -5.43 -41.28
N SER A 233 -5.48 -6.42 -42.00
CA SER A 233 -6.79 -6.36 -42.62
C SER A 233 -7.75 -7.34 -41.95
N SER A 234 -8.95 -6.88 -41.62
CA SER A 234 -9.97 -7.77 -41.06
C SER A 234 -10.52 -8.71 -42.11
N LEU A 235 -10.22 -8.47 -43.38
CA LEU A 235 -10.64 -9.36 -44.46
C LEU A 235 -9.86 -10.67 -44.43
N THR A 236 -8.57 -10.59 -44.10
CA THR A 236 -7.69 -11.75 -44.06
C THR A 236 -7.26 -12.13 -42.66
N GLY A 237 -7.55 -11.29 -41.67
CA GLY A 237 -7.02 -11.54 -40.33
C GLY A 237 -5.53 -11.42 -40.21
N SER A 238 -4.85 -10.88 -41.23
CA SER A 238 -3.39 -10.85 -41.25
C SER A 238 -2.92 -9.59 -41.96
N CYS A 239 -1.60 -9.35 -41.87
CA CYS A 239 -1.01 -8.22 -42.58
C CYS A 239 -1.01 -8.49 -44.08
N LEU A 240 -1.22 -7.44 -44.88
CA LEU A 240 -1.16 -7.55 -46.32
C LEU A 240 -0.02 -6.70 -46.88
N HIS A 241 0.69 -7.27 -47.85
CA HIS A 241 1.74 -6.55 -48.57
C HIS A 241 1.48 -6.66 -50.07
N VAL A 242 0.92 -7.79 -50.50
CA VAL A 242 0.46 -7.97 -51.87
C VAL A 242 -1.06 -7.96 -51.86
N MET A 243 -1.65 -7.09 -52.68
CA MET A 243 -3.08 -6.81 -52.61
C MET A 243 -3.72 -7.17 -53.95
N ASP A 244 -4.75 -8.02 -53.90
CA ASP A 244 -5.42 -8.42 -55.14
C ASP A 244 -6.27 -7.26 -55.66
N GLU A 245 -6.79 -7.45 -56.89
CA GLU A 245 -7.46 -6.37 -57.59
C GLU A 245 -8.88 -6.11 -57.09
N ASN A 246 -9.49 -7.08 -56.41
CA ASN A 246 -10.84 -6.92 -55.92
C ASN A 246 -10.88 -6.65 -54.42
N PHE A 247 -9.77 -6.19 -53.85
CA PHE A 247 -9.69 -6.01 -52.40
C PHE A 247 -10.75 -5.03 -51.90
N PHE A 248 -10.90 -3.91 -52.60
CA PHE A 248 -11.83 -2.90 -52.10
C PHE A 248 -13.29 -3.28 -52.32
N TRP A 249 -13.57 -4.32 -53.10
CA TRP A 249 -14.90 -4.90 -53.08
C TRP A 249 -15.04 -5.87 -51.91
N ASN A 250 -14.08 -6.78 -51.75
CA ASN A 250 -14.07 -7.71 -50.64
C ASN A 250 -14.09 -7.00 -49.30
N ALA A 251 -13.60 -5.77 -49.25
CA ALA A 251 -13.67 -5.00 -48.02
C ALA A 251 -15.09 -4.86 -47.50
N VAL A 252 -16.09 -4.78 -48.39
CA VAL A 252 -17.49 -4.70 -47.97
C VAL A 252 -18.27 -5.99 -48.23
N ARG A 253 -17.75 -6.94 -49.01
CA ARG A 253 -18.49 -8.14 -49.38
C ARG A 253 -18.16 -9.35 -48.52
N LYS A 254 -16.89 -9.59 -48.28
CA LYS A 254 -16.47 -10.80 -47.59
C LYS A 254 -16.72 -10.68 -46.08
N PRO A 255 -16.94 -11.79 -45.39
CA PRO A 255 -17.03 -11.75 -43.94
C PRO A 255 -15.68 -11.37 -43.35
N MET A 256 -15.69 -11.02 -42.08
CA MET A 256 -14.53 -10.44 -41.42
C MET A 256 -13.93 -11.39 -40.41
N MET A 257 -12.65 -11.15 -40.13
CA MET A 257 -11.82 -11.99 -39.28
C MET A 257 -11.13 -11.11 -38.24
N PHE A 258 -11.92 -10.35 -37.48
CA PHE A 258 -11.33 -9.33 -36.64
C PHE A 258 -10.51 -9.93 -35.51
N ARG A 259 -11.01 -11.02 -34.91
CA ARG A 259 -10.30 -11.65 -33.82
C ARG A 259 -8.96 -12.20 -34.29
N GLU A 260 -8.93 -12.77 -35.48
CA GLU A 260 -7.67 -13.27 -36.03
C GLU A 260 -6.70 -12.12 -36.26
N ALA A 261 -7.19 -10.97 -36.70
CA ALA A 261 -6.33 -9.81 -36.87
C ALA A 261 -5.69 -9.40 -35.55
N ILE A 262 -6.49 -9.33 -34.48
CA ILE A 262 -5.98 -8.90 -33.19
C ILE A 262 -5.01 -9.93 -32.63
N ARG A 263 -5.32 -11.21 -32.81
CA ARG A 263 -4.42 -12.27 -32.37
C ARG A 263 -3.06 -12.17 -33.05
N TYR A 264 -3.07 -11.93 -34.37
CA TYR A 264 -1.81 -11.77 -35.10
C TYR A 264 -0.96 -10.67 -34.48
N LEU A 265 -1.57 -9.53 -34.15
CA LEU A 265 -0.80 -8.41 -33.61
C LEU A 265 -0.29 -8.70 -32.20
N GLU A 266 -1.11 -9.34 -31.37
CA GLU A 266 -0.66 -9.63 -30.01
C GLU A 266 0.34 -10.78 -29.97
N SER A 267 0.51 -11.51 -31.07
CA SER A 267 1.42 -12.64 -31.08
C SER A 267 2.87 -12.20 -31.13
N GLN A 268 3.17 -11.09 -31.81
CA GLN A 268 4.56 -10.65 -31.98
C GLN A 268 4.97 -9.57 -31.00
N HIS A 269 4.03 -8.80 -30.47
CA HIS A 269 4.34 -7.74 -29.52
C HIS A 269 3.09 -7.26 -28.79
N THR A 270 3.28 -6.61 -27.66
CA THR A 270 2.20 -6.06 -26.85
C THR A 270 1.87 -4.67 -27.39
N CYS A 271 0.80 -4.58 -28.18
CA CYS A 271 0.52 -3.35 -28.94
C CYS A 271 -0.26 -2.34 -28.10
N LYS A 272 -0.18 -1.09 -28.53
CA LYS A 272 -1.12 -0.06 -28.10
C LYS A 272 -2.13 0.19 -29.22
N PHE A 273 -3.41 0.19 -28.86
CA PHE A 273 -4.49 0.27 -29.84
C PHE A 273 -5.21 1.61 -29.70
N ILE A 274 -5.31 2.34 -30.81
CA ILE A 274 -6.09 3.57 -30.87
C ILE A 274 -7.21 3.39 -31.87
N ASP A 275 -8.45 3.56 -31.41
CA ASP A 275 -9.61 3.49 -32.28
C ASP A 275 -9.82 4.86 -32.92
N LEU A 276 -9.69 4.95 -34.24
CA LEU A 276 -9.97 6.18 -34.95
C LEU A 276 -11.35 6.23 -35.60
N GLY A 277 -12.13 5.16 -35.51
CA GLY A 277 -13.47 5.16 -36.05
C GLY A 277 -14.47 5.70 -35.05
N PRO A 278 -15.60 6.22 -35.53
CA PRO A 278 -16.62 6.70 -34.60
C PRO A 278 -17.15 5.57 -33.73
N SER A 279 -17.58 5.95 -32.52
CA SER A 279 -18.20 5.06 -31.52
C SER A 279 -17.21 4.27 -30.69
N GLY A 280 -15.96 4.16 -31.13
CA GLY A 280 -15.03 3.30 -30.40
C GLY A 280 -15.43 1.84 -30.42
N THR A 281 -16.04 1.39 -31.51
CA THR A 281 -16.45 -0.01 -31.65
C THR A 281 -15.27 -0.96 -31.50
N LEU A 282 -14.18 -0.68 -32.22
CA LEU A 282 -13.08 -1.64 -32.27
C LEU A 282 -12.28 -1.65 -30.97
N ALA A 283 -12.22 -0.52 -30.27
CA ALA A 283 -11.55 -0.51 -28.97
C ALA A 283 -12.32 -1.36 -27.96
N ALA A 284 -13.65 -1.33 -28.03
CA ALA A 284 -14.45 -2.18 -27.16
C ALA A 284 -14.21 -3.65 -27.46
N PHE A 285 -14.10 -4.01 -28.75
CA PHE A 285 -13.82 -5.40 -29.11
C PHE A 285 -12.44 -5.82 -28.61
N VAL A 286 -11.43 -4.96 -28.83
CA VAL A 286 -10.07 -5.33 -28.42
C VAL A 286 -10.02 -5.56 -26.92
N LYS A 287 -10.70 -4.72 -26.13
CA LYS A 287 -10.68 -4.89 -24.69
C LYS A 287 -11.26 -6.24 -24.28
N GLN A 288 -12.22 -6.76 -25.04
CA GLN A 288 -12.75 -8.09 -24.74
C GLN A 288 -11.79 -9.20 -25.14
N LEU A 289 -10.80 -8.92 -25.98
CA LEU A 289 -9.93 -9.95 -26.55
C LEU A 289 -8.55 -10.03 -25.90
N ILE A 290 -8.22 -9.10 -24.99
CA ILE A 290 -6.91 -9.08 -24.35
C ILE A 290 -7.12 -9.17 -22.85
N PRO A 291 -6.08 -9.53 -22.09
CA PRO A 291 -6.21 -9.64 -20.62
C PRO A 291 -6.81 -8.38 -20.01
N GLY A 292 -7.67 -8.58 -19.00
CA GLY A 292 -8.43 -7.48 -18.44
C GLY A 292 -7.58 -6.37 -17.85
N ASP A 293 -6.41 -6.70 -17.32
CA ASP A 293 -5.55 -5.67 -16.76
C ASP A 293 -4.92 -4.80 -17.85
N SER A 294 -4.92 -5.27 -19.10
CA SER A 294 -4.31 -4.55 -20.22
C SER A 294 -5.26 -3.59 -20.91
N ALA A 295 -6.37 -3.23 -20.27
CA ALA A 295 -7.33 -2.31 -20.87
C ALA A 295 -6.73 -0.92 -21.12
N ASP A 296 -5.68 -0.54 -20.37
CA ASP A 296 -5.03 0.76 -20.54
C ASP A 296 -4.25 0.85 -21.85
N ARG A 297 -4.03 -0.27 -22.53
CA ARG A 297 -3.36 -0.28 -23.83
C ARG A 297 -4.28 0.08 -24.99
N CYS A 298 -5.49 0.53 -24.70
CA CYS A 298 -6.51 0.62 -25.72
C CYS A 298 -7.41 1.80 -25.40
N CYS A 299 -7.56 2.72 -26.34
CA CYS A 299 -8.48 3.83 -26.14
C CYS A 299 -9.18 4.16 -27.44
N SER A 300 -10.25 4.92 -27.31
CA SER A 300 -10.95 5.46 -28.45
C SER A 300 -10.96 6.97 -28.33
N ILE A 301 -11.37 7.64 -29.39
CA ILE A 301 -11.36 9.10 -29.41
C ILE A 301 -12.76 9.63 -29.64
N ILE A 302 -13.38 9.28 -30.76
CA ILE A 302 -14.69 9.82 -31.15
C ILE A 302 -15.78 8.89 -30.63
N THR A 303 -16.55 9.36 -29.64
CA THR A 303 -17.62 8.61 -29.01
C THR A 303 -18.78 9.55 -28.78
N PRO A 304 -20.01 9.04 -28.61
CA PRO A 304 -21.16 9.93 -28.35
C PRO A 304 -21.03 10.73 -27.08
N PHE A 305 -20.04 10.44 -26.22
CA PHE A 305 -19.78 11.31 -25.08
C PHE A 305 -19.18 12.64 -25.49
N HIS A 306 -18.73 12.78 -26.74
CA HIS A 306 -18.20 14.03 -27.28
C HIS A 306 -17.04 14.56 -26.42
N GLN A 307 -16.13 13.67 -26.06
CA GLN A 307 -14.96 13.97 -25.24
C GLN A 307 -13.67 13.90 -26.05
N GLU A 308 -13.74 14.24 -27.34
CA GLU A 308 -12.58 14.07 -28.21
C GLU A 308 -11.34 14.78 -27.64
N LEU A 309 -11.51 15.99 -27.11
CA LEU A 309 -10.36 16.75 -26.66
C LEU A 309 -9.72 16.10 -25.43
N LYS A 310 -10.55 15.68 -24.47
CA LYS A 310 -10.03 14.93 -23.34
C LYS A 310 -9.39 13.62 -23.77
N ASN A 311 -10.02 12.94 -24.74
CA ASN A 311 -9.49 11.66 -25.21
C ASN A 311 -8.18 11.84 -25.96
N LEU A 312 -8.01 12.96 -26.65
CA LEU A 312 -6.74 13.22 -27.34
C LEU A 312 -5.61 13.43 -26.34
N ASN A 313 -5.92 14.06 -25.20
CA ASN A 313 -4.91 14.19 -24.15
C ASN A 313 -4.54 12.83 -23.57
N THR A 314 -5.51 11.92 -23.44
CA THR A 314 -5.21 10.57 -23.02
C THR A 314 -4.25 9.89 -24.00
N VAL A 315 -4.47 10.10 -25.30
CA VAL A 315 -3.62 9.49 -26.31
C VAL A 315 -2.18 9.98 -26.23
N GLU A 316 -1.95 11.17 -25.65
CA GLU A 316 -0.59 11.67 -25.53
C GLU A 316 0.30 10.73 -24.72
N TYR A 317 -0.28 10.00 -23.76
CA TYR A 317 0.50 9.03 -23.00
C TYR A 317 0.98 7.86 -23.82
N PHE A 318 0.43 7.64 -25.02
CA PHE A 318 0.87 6.55 -25.89
C PHE A 318 2.12 6.88 -26.69
N ARG A 319 2.64 8.10 -26.56
CA ARG A 319 3.76 8.53 -27.38
C ARG A 319 5.01 7.72 -27.06
N THR A 320 5.72 7.28 -28.12
CA THR A 320 6.89 6.43 -28.01
C THR A 320 8.10 7.23 -27.57
N PRO A 321 8.96 6.67 -26.72
CA PRO A 321 10.09 7.45 -26.18
C PRO A 321 11.16 7.71 -27.23
N GLU A 322 12.14 8.52 -26.82
CA GLU A 322 13.33 8.75 -27.63
C GLU A 322 14.39 7.74 -27.25
N ARG A 323 15.58 8.23 -26.87
CA ARG A 323 16.73 7.41 -26.42
C ARG A 323 16.91 6.09 -27.19
N ASN B 5 -28.57 -13.92 19.55
CA ASN B 5 -27.74 -12.73 19.65
C ASN B 5 -26.57 -12.83 18.65
N GLU B 6 -25.43 -12.31 19.07
CA GLU B 6 -24.25 -12.23 18.21
C GLU B 6 -23.43 -13.52 18.32
N PRO B 7 -22.93 -14.06 17.22
CA PRO B 7 -22.22 -15.35 17.28
C PRO B 7 -20.86 -15.24 17.98
N LEU B 8 -20.43 -16.38 18.54
CA LEU B 8 -19.20 -16.47 19.29
C LEU B 8 -18.03 -16.94 18.43
N VAL B 9 -16.91 -16.24 18.52
CA VAL B 9 -15.68 -16.62 17.84
C VAL B 9 -14.64 -16.98 18.89
N PHE B 10 -14.13 -18.21 18.83
CA PHE B 10 -13.02 -18.66 19.66
C PHE B 10 -11.72 -18.40 18.90
N MET B 11 -10.81 -17.63 19.49
CA MET B 11 -9.54 -17.29 18.86
C MET B 11 -8.37 -18.01 19.54
N PHE B 12 -7.41 -18.46 18.73
CA PHE B 12 -6.25 -19.22 19.20
C PHE B 12 -4.99 -18.62 18.61
N SER B 13 -4.05 -18.24 19.48
CA SER B 13 -2.78 -17.67 19.06
C SER B 13 -1.69 -18.74 19.03
N GLY B 14 -0.53 -18.36 18.48
CA GLY B 14 0.55 -19.29 18.28
C GLY B 14 1.83 -18.87 18.96
N GLN B 15 2.96 -19.17 18.32
CA GLN B 15 4.27 -18.90 18.91
C GLN B 15 4.42 -17.42 19.20
N GLY B 16 4.90 -17.11 20.40
CA GLY B 16 5.09 -15.74 20.84
C GLY B 16 4.15 -15.29 21.93
N SER B 17 3.05 -16.00 22.13
N SER B 17 3.05 -16.00 22.15
CA SER B 17 2.11 -15.63 23.19
CA SER B 17 2.09 -15.64 23.18
C SER B 17 2.36 -16.38 24.49
C SER B 17 2.26 -16.44 24.47
N GLN B 18 3.10 -17.48 24.46
CA GLN B 18 3.27 -18.31 25.64
C GLN B 18 4.10 -17.59 26.70
N TYR B 19 3.87 -17.99 27.96
CA TYR B 19 4.70 -17.52 29.07
C TYR B 19 4.62 -18.54 30.18
N TYR B 20 5.59 -18.48 31.10
CA TYR B 20 5.63 -19.41 32.21
C TYR B 20 4.46 -19.16 33.16
N HIS B 21 3.91 -20.24 33.69
CA HIS B 21 2.78 -20.25 34.63
C HIS B 21 1.48 -19.79 34.00
N MET B 22 1.40 -19.76 32.66
CA MET B 22 0.14 -19.44 32.01
C MET B 22 -0.94 -20.44 32.43
N GLY B 23 -2.05 -19.91 32.97
CA GLY B 23 -3.17 -20.74 33.33
C GLY B 23 -3.02 -21.51 34.63
N LYS B 24 -2.08 -21.13 35.49
CA LYS B 24 -1.85 -21.88 36.73
C LYS B 24 -3.09 -21.93 37.61
N GLU B 25 -3.87 -20.85 37.66
CA GLU B 25 -5.09 -20.88 38.47
C GLU B 25 -6.07 -21.91 37.94
N LEU B 26 -6.18 -22.04 36.62
CA LEU B 26 -7.02 -23.10 36.07
C LEU B 26 -6.42 -24.46 36.33
N PHE B 27 -5.09 -24.57 36.32
CA PHE B 27 -4.47 -25.86 36.62
C PHE B 27 -4.76 -26.29 38.05
N LYS B 28 -4.75 -25.35 38.99
CA LYS B 28 -5.00 -25.68 40.39
C LYS B 28 -6.48 -25.85 40.69
N GLU B 29 -7.33 -24.97 40.18
CA GLU B 29 -8.71 -24.87 40.66
C GLU B 29 -9.75 -25.51 39.74
N ASN B 30 -9.42 -25.79 38.48
CA ASN B 30 -10.41 -26.26 37.53
C ASN B 30 -10.13 -27.72 37.17
N THR B 31 -11.07 -28.59 37.51
CA THR B 31 -10.88 -30.03 37.33
C THR B 31 -10.75 -30.40 35.87
N VAL B 32 -11.62 -29.87 35.02
CA VAL B 32 -11.58 -30.16 33.58
C VAL B 32 -10.25 -29.71 32.98
N PHE B 33 -9.83 -28.48 33.31
CA PHE B 33 -8.58 -27.96 32.78
C PHE B 33 -7.41 -28.82 33.22
N ARG B 34 -7.37 -29.20 34.50
N ARG B 34 -7.37 -29.20 34.50
CA ARG B 34 -6.23 -29.97 35.00
CA ARG B 34 -6.26 -29.97 35.04
C ARG B 34 -6.17 -31.36 34.39
C ARG B 34 -6.18 -31.36 34.41
N GLN B 35 -7.32 -32.04 34.29
CA GLN B 35 -7.32 -33.39 33.72
C GLN B 35 -6.75 -33.36 32.31
N SER B 36 -7.31 -32.45 31.52
CA SER B 36 -6.97 -32.32 30.12
C SER B 36 -5.48 -32.07 29.93
N MET B 37 -4.90 -31.17 30.73
CA MET B 37 -3.47 -30.94 30.63
C MET B 37 -2.68 -32.20 30.94
N LEU B 38 -3.08 -32.95 31.98
CA LEU B 38 -2.30 -34.12 32.37
C LEU B 38 -2.45 -35.26 31.37
N GLU B 39 -3.63 -35.39 30.76
CA GLU B 39 -3.78 -36.37 29.69
C GLU B 39 -2.84 -36.08 28.53
N MET B 40 -2.80 -34.82 28.08
CA MET B 40 -1.90 -34.47 27.00
C MET B 40 -0.44 -34.48 27.44
N ASP B 41 -0.18 -34.25 28.74
CA ASP B 41 1.21 -34.25 29.20
C ASP B 41 1.83 -35.64 29.11
N ALA B 42 1.03 -36.69 29.32
CA ALA B 42 1.56 -38.04 29.18
C ALA B 42 1.98 -38.30 27.73
N ILE B 43 1.15 -37.89 26.77
CA ILE B 43 1.48 -38.07 25.36
C ILE B 43 2.75 -37.29 25.00
N ALA B 44 2.82 -36.03 25.42
CA ALA B 44 3.96 -35.17 25.07
C ALA B 44 5.24 -35.63 25.75
N ALA B 45 5.13 -36.14 26.98
CA ALA B 45 6.32 -36.56 27.71
C ALA B 45 7.07 -37.67 26.97
N ARG B 46 6.34 -38.55 26.29
CA ARG B 46 6.98 -39.67 25.60
C ARG B 46 7.91 -39.18 24.50
N ARG B 47 7.51 -38.15 23.77
CA ARG B 47 8.32 -37.68 22.65
C ARG B 47 9.35 -36.65 23.07
N ILE B 48 9.12 -35.91 24.15
CA ILE B 48 10.09 -34.92 24.59
C ILE B 48 11.04 -35.46 25.65
N GLY B 49 10.64 -36.50 26.37
CA GLY B 49 11.49 -37.13 27.36
C GLY B 49 11.28 -36.65 28.78
N THR B 50 10.45 -35.63 28.99
CA THR B 50 10.09 -35.15 30.31
C THR B 50 8.78 -34.38 30.18
N SER B 51 8.23 -33.95 31.33
CA SER B 51 6.87 -33.42 31.37
C SER B 51 6.82 -31.96 30.91
N ILE B 52 5.82 -31.65 30.08
CA ILE B 52 5.64 -30.27 29.65
C ILE B 52 5.04 -29.44 30.79
N VAL B 53 4.08 -30.03 31.50
CA VAL B 53 3.43 -29.35 32.63
C VAL B 53 4.48 -28.86 33.63
N GLU B 54 5.42 -29.73 34.04
CA GLU B 54 6.42 -29.32 35.02
C GLU B 54 7.31 -28.21 34.51
N GLU B 55 7.52 -28.15 33.19
CA GLU B 55 8.22 -27.00 32.64
C GLU B 55 7.35 -25.75 32.70
N ILE B 56 6.07 -25.87 32.36
CA ILE B 56 5.19 -24.69 32.31
C ILE B 56 5.10 -24.05 33.68
N TYR B 57 4.90 -24.87 34.72
CA TYR B 57 4.65 -24.39 36.07
C TYR B 57 5.87 -24.52 36.99
N HIS B 58 7.06 -24.51 36.43
CA HIS B 58 8.30 -24.60 37.18
C HIS B 58 8.44 -23.41 38.13
N PRO B 59 8.45 -23.63 39.45
CA PRO B 59 8.49 -22.50 40.38
C PRO B 59 9.79 -21.71 40.37
N GLY B 60 10.82 -22.17 39.65
CA GLY B 60 12.03 -21.39 39.52
C GLY B 60 12.02 -20.40 38.38
N LYS B 61 11.04 -20.48 37.50
CA LYS B 61 10.98 -19.67 36.30
C LYS B 61 9.80 -18.72 36.39
N ARG B 62 10.01 -17.49 35.91
CA ARG B 62 9.03 -16.41 36.06
C ARG B 62 8.40 -16.07 34.73
N VAL B 63 7.27 -15.34 34.81
CA VAL B 63 6.58 -14.88 33.61
C VAL B 63 7.56 -14.17 32.69
N SER B 64 8.39 -13.29 33.25
CA SER B 64 9.30 -12.49 32.45
C SER B 64 10.48 -13.26 31.89
N ASP B 65 10.64 -14.53 32.24
CA ASP B 65 11.69 -15.34 31.62
C ASP B 65 11.15 -15.89 30.31
N PRO B 66 11.82 -15.63 29.18
CA PRO B 66 11.26 -16.04 27.88
C PRO B 66 11.09 -17.55 27.80
N PHE B 67 9.90 -17.98 27.42
CA PHE B 67 9.58 -19.40 27.28
C PHE B 67 9.76 -19.78 25.83
N ASP B 68 11.02 -19.76 25.39
CA ASP B 68 11.35 -19.80 23.96
C ASP B 68 11.83 -21.16 23.48
N SER B 69 11.94 -22.16 24.36
CA SER B 69 12.36 -23.48 23.92
C SER B 69 11.26 -24.12 23.09
N ILE B 70 11.57 -24.41 21.82
CA ILE B 70 10.53 -24.87 20.91
C ILE B 70 9.98 -26.22 21.35
N LEU B 71 10.84 -27.10 21.89
CA LEU B 71 10.40 -28.44 22.26
C LEU B 71 9.35 -28.39 23.37
N PHE B 72 9.39 -27.35 24.20
CA PHE B 72 8.41 -27.20 25.26
C PHE B 72 7.30 -26.21 24.93
N SER B 73 7.59 -25.14 24.17
CA SER B 73 6.60 -24.10 23.93
C SER B 73 5.57 -24.51 22.88
N HIS B 74 6.00 -25.17 21.77
CA HIS B 74 5.04 -25.79 20.85
C HIS B 74 3.97 -26.63 21.53
N PRO B 75 4.31 -27.70 22.24
CA PRO B 75 3.24 -28.49 22.88
C PRO B 75 2.47 -27.66 23.90
N ALA B 76 3.16 -26.80 24.67
CA ALA B 76 2.49 -26.06 25.73
C ALA B 76 1.36 -25.18 25.20
N ILE B 77 1.58 -24.49 24.08
CA ILE B 77 0.58 -23.58 23.54
C ILE B 77 -0.70 -24.33 23.18
N PHE B 78 -0.56 -25.46 22.48
CA PHE B 78 -1.73 -26.26 22.14
C PHE B 78 -2.39 -26.85 23.38
N MET B 79 -1.60 -27.38 24.31
CA MET B 79 -2.16 -28.01 25.50
C MET B 79 -3.01 -27.03 26.30
N ILE B 80 -2.45 -25.85 26.57
CA ILE B 80 -3.18 -24.77 27.24
C ILE B 80 -4.44 -24.42 26.47
N GLU B 81 -4.33 -24.29 25.15
CA GLU B 81 -5.45 -23.78 24.37
C GLU B 81 -6.59 -24.79 24.30
N TYR B 82 -6.29 -26.06 24.06
CA TYR B 82 -7.34 -27.05 23.95
C TYR B 82 -7.96 -27.35 25.31
N SER B 83 -7.16 -27.29 26.39
CA SER B 83 -7.69 -27.46 27.73
C SER B 83 -8.68 -26.36 28.07
N LEU B 84 -8.35 -25.10 27.72
CA LEU B 84 -9.27 -24.02 27.99
C LEU B 84 -10.56 -24.19 27.21
N TYR B 85 -10.45 -24.64 25.95
CA TYR B 85 -11.64 -24.98 25.19
C TYR B 85 -12.49 -26.01 25.94
N LYS B 86 -11.83 -27.05 26.48
CA LYS B 86 -12.55 -28.08 27.23
C LYS B 86 -13.33 -27.46 28.39
N VAL B 87 -12.73 -26.48 29.07
CA VAL B 87 -13.41 -25.78 30.15
C VAL B 87 -14.68 -25.10 29.65
N LEU B 88 -14.57 -24.40 28.51
CA LEU B 88 -15.72 -23.66 28.00
C LEU B 88 -16.80 -24.61 27.50
N GLU B 89 -16.42 -25.70 26.83
N GLU B 89 -16.41 -25.69 26.84
CA GLU B 89 -17.40 -26.68 26.41
CA GLU B 89 -17.37 -26.70 26.40
C GLU B 89 -18.12 -27.29 27.60
C GLU B 89 -18.11 -27.29 27.60
N ASP B 90 -17.41 -27.50 28.71
CA ASP B 90 -18.03 -28.06 29.90
C ASP B 90 -19.07 -27.12 30.50
N ARG B 91 -18.87 -25.81 30.36
CA ARG B 91 -19.83 -24.84 30.86
C ARG B 91 -20.92 -24.50 29.86
N GLY B 92 -20.98 -25.20 28.72
CA GLY B 92 -22.01 -24.93 27.73
C GLY B 92 -21.74 -23.76 26.80
N ILE B 93 -20.51 -23.25 26.75
CA ILE B 93 -20.17 -22.10 25.92
C ILE B 93 -19.52 -22.63 24.66
N TYR B 94 -20.27 -22.65 23.55
CA TYR B 94 -19.80 -23.29 22.33
C TYR B 94 -19.49 -22.24 21.26
N PRO B 95 -18.48 -22.47 20.43
CA PRO B 95 -18.15 -21.48 19.40
C PRO B 95 -19.03 -21.63 18.17
N ASP B 96 -19.35 -20.49 17.55
CA ASP B 96 -19.90 -20.51 16.20
C ASP B 96 -18.79 -20.54 15.16
N TYR B 97 -17.66 -19.89 15.45
CA TYR B 97 -16.47 -19.93 14.62
C TYR B 97 -15.24 -20.14 15.51
N VAL B 98 -14.22 -20.77 14.94
CA VAL B 98 -12.88 -20.76 15.52
C VAL B 98 -11.97 -19.98 14.58
N LEU B 99 -11.06 -19.20 15.15
CA LEU B 99 -10.10 -18.42 14.40
C LEU B 99 -8.69 -18.88 14.76
N GLY B 100 -7.97 -19.42 13.79
CA GLY B 100 -6.61 -19.89 14.00
C GLY B 100 -5.59 -18.83 13.57
N SER B 101 -4.53 -18.71 14.36
CA SER B 101 -3.43 -17.81 14.05
C SER B 101 -2.13 -18.53 14.36
N SER B 102 -1.25 -18.63 13.37
CA SER B 102 0.08 -19.24 13.55
C SER B 102 -0.13 -20.65 14.11
N LEU B 103 0.56 -21.03 15.19
CA LEU B 103 0.38 -22.36 15.77
C LEU B 103 -1.04 -22.58 16.23
N GLY B 104 -1.78 -21.51 16.54
CA GLY B 104 -3.17 -21.64 16.94
C GLY B 104 -4.05 -22.30 15.90
N GLU B 105 -3.64 -22.33 14.64
CA GLU B 105 -4.41 -23.05 13.63
C GLU B 105 -4.62 -24.50 14.05
N PHE B 106 -3.65 -25.10 14.76
CA PHE B 106 -3.75 -26.50 15.19
C PHE B 106 -4.88 -26.67 16.20
N ALA B 107 -4.86 -25.89 17.29
CA ALA B 107 -5.95 -25.94 18.25
C ALA B 107 -7.28 -25.66 17.58
N ALA B 108 -7.32 -24.66 16.69
CA ALA B 108 -8.55 -24.38 15.97
C ALA B 108 -9.02 -25.58 15.17
N ALA B 109 -8.09 -26.26 14.50
CA ALA B 109 -8.46 -27.43 13.71
C ALA B 109 -8.95 -28.58 14.58
N ALA B 110 -8.35 -28.74 15.76
CA ALA B 110 -8.79 -29.80 16.67
C ALA B 110 -10.18 -29.49 17.21
N VAL B 111 -10.40 -28.25 17.65
CA VAL B 111 -11.72 -27.86 18.14
C VAL B 111 -12.77 -28.08 17.07
N SER B 112 -12.42 -27.91 15.80
CA SER B 112 -13.40 -28.04 14.73
C SER B 112 -13.63 -29.48 14.31
N GLY B 113 -12.79 -30.42 14.74
CA GLY B 113 -12.93 -31.81 14.36
C GLY B 113 -12.13 -32.23 13.15
N VAL B 114 -11.21 -31.39 12.68
CA VAL B 114 -10.36 -31.75 11.55
C VAL B 114 -9.53 -32.97 11.91
N SER B 115 -8.99 -33.00 13.13
CA SER B 115 -8.51 -34.23 13.73
C SER B 115 -8.75 -34.15 15.24
N ASP B 116 -8.57 -35.26 15.92
CA ASP B 116 -8.73 -35.28 17.36
C ASP B 116 -7.53 -34.64 18.04
N ALA B 117 -7.71 -34.26 19.30
CA ALA B 117 -6.66 -33.55 20.02
C ALA B 117 -5.38 -34.36 20.08
N GLU B 118 -5.49 -35.67 20.31
CA GLU B 118 -4.31 -36.52 20.40
C GLU B 118 -3.47 -36.42 19.12
N ASP B 119 -4.13 -36.48 17.96
CA ASP B 119 -3.41 -36.48 16.70
C ASP B 119 -2.79 -35.10 16.41
N MET B 120 -3.49 -34.01 16.77
CA MET B 120 -2.94 -32.67 16.56
C MET B 120 -1.70 -32.45 17.41
N LEU B 121 -1.74 -32.91 18.66
CA LEU B 121 -0.56 -32.76 19.52
C LEU B 121 0.66 -33.45 18.92
N ASP B 122 0.46 -34.65 18.34
CA ASP B 122 1.57 -35.35 17.68
C ASP B 122 2.14 -34.52 16.55
N CYS B 123 1.26 -33.94 15.72
CA CYS B 123 1.72 -33.11 14.62
C CYS B 123 2.54 -31.93 15.13
N ILE B 124 2.15 -31.38 16.28
CA ILE B 124 2.90 -30.27 16.86
C ILE B 124 4.24 -30.74 17.41
N LEU B 125 4.24 -31.88 18.11
CA LEU B 125 5.49 -32.43 18.62
C LEU B 125 6.44 -32.72 17.47
N GLU B 126 5.94 -33.41 16.44
CA GLU B 126 6.77 -33.73 15.29
C GLU B 126 7.34 -32.47 14.65
N GLN B 127 6.52 -31.42 14.56
CA GLN B 127 6.98 -30.17 13.93
C GLN B 127 8.08 -29.53 14.77
N ALA B 128 7.92 -29.56 16.09
CA ALA B 128 8.94 -28.97 16.96
C ALA B 128 10.24 -29.73 16.87
N ILE B 129 10.17 -31.07 16.81
CA ILE B 129 11.38 -31.88 16.77
C ILE B 129 12.12 -31.69 15.45
N ILE B 130 11.38 -31.66 14.34
CA ILE B 130 12.02 -31.51 13.03
C ILE B 130 12.66 -30.13 12.88
N ILE B 131 11.98 -29.08 13.35
CA ILE B 131 12.57 -27.74 13.29
C ILE B 131 13.77 -27.64 14.20
N GLN B 132 13.68 -28.23 15.40
CA GLN B 132 14.81 -28.21 16.32
C GLN B 132 16.03 -28.87 15.69
N ASN B 133 15.83 -29.93 14.92
CA ASN B 133 16.92 -30.71 14.35
C ASN B 133 17.51 -30.09 13.09
N SER B 134 16.68 -29.42 12.29
CA SER B 134 17.08 -29.04 10.94
C SER B 134 17.36 -27.57 10.75
N CYS B 135 16.86 -26.70 11.62
CA CYS B 135 16.91 -25.27 11.36
C CYS B 135 17.87 -24.57 12.32
N ASP B 136 18.44 -23.47 11.84
CA ASP B 136 19.17 -22.55 12.70
C ASP B 136 18.19 -21.75 13.54
N LYS B 137 18.64 -21.33 14.72
CA LYS B 137 17.76 -20.51 15.54
C LYS B 137 17.65 -19.10 14.97
N GLY B 138 16.50 -18.47 15.20
CA GLY B 138 16.24 -17.11 14.77
C GLY B 138 15.45 -16.31 15.78
N LYS B 139 14.91 -15.18 15.35
CA LYS B 139 14.19 -14.29 16.24
C LYS B 139 12.98 -13.71 15.51
N MET B 140 12.05 -13.22 16.31
CA MET B 140 10.90 -12.48 15.80
C MET B 140 10.74 -11.20 16.63
N LEU B 141 10.46 -10.11 15.94
CA LEU B 141 10.45 -8.78 16.54
C LEU B 141 9.14 -8.09 16.19
N ALA B 142 8.43 -7.62 17.21
CA ALA B 142 7.22 -6.84 17.00
C ALA B 142 7.57 -5.35 17.00
N ILE B 143 7.10 -4.64 15.97
CA ILE B 143 7.32 -3.20 15.86
C ILE B 143 6.05 -2.48 16.28
N LEU B 144 6.17 -1.69 17.35
CA LEU B 144 5.04 -0.91 17.87
C LEU B 144 5.01 0.44 17.16
N ASP B 145 4.80 0.39 15.85
CA ASP B 145 4.80 1.59 15.03
C ASP B 145 4.26 1.29 13.64
N LYS B 146 4.57 2.15 12.68
CA LYS B 146 3.60 1.94 11.62
C LYS B 146 4.16 1.14 10.47
N PRO B 147 3.35 0.28 9.83
CA PRO B 147 3.90 -0.55 8.76
C PRO B 147 4.36 0.23 7.53
N GLN B 148 4.01 1.52 7.43
CA GLN B 148 4.56 2.35 6.34
C GLN B 148 6.07 2.48 6.43
N LEU B 149 6.65 2.24 7.61
CA LEU B 149 8.10 2.33 7.78
C LEU B 149 8.82 1.35 6.86
N LEU B 150 8.22 0.19 6.59
CA LEU B 150 8.82 -0.77 5.67
C LEU B 150 9.02 -0.13 4.29
N ASN B 151 8.00 0.57 3.79
CA ASN B 151 8.08 1.18 2.48
C ASN B 151 8.95 2.44 2.48
N ASP B 152 8.80 3.28 3.51
CA ASP B 152 9.53 4.54 3.54
C ASP B 152 11.00 4.36 3.87
N HIS B 153 11.36 3.30 4.61
CA HIS B 153 12.74 3.11 5.08
C HIS B 153 13.14 1.65 4.95
N PRO B 154 13.19 1.12 3.72
CA PRO B 154 13.51 -0.31 3.56
C PRO B 154 14.84 -0.71 4.17
N GLN B 155 15.80 0.20 4.25
CA GLN B 155 17.14 -0.14 4.75
C GLN B 155 17.12 -0.48 6.23
N LEU B 156 16.16 0.06 6.99
CA LEU B 156 16.06 -0.27 8.40
C LEU B 156 15.71 -1.73 8.60
N PHE B 157 14.90 -2.29 7.71
CA PHE B 157 14.36 -3.64 7.84
C PHE B 157 15.00 -4.61 6.85
N GLY B 158 16.25 -4.34 6.45
CA GLY B 158 16.94 -5.28 5.60
C GLY B 158 17.25 -6.58 6.30
N ASN B 159 17.25 -7.67 5.53
CA ASN B 159 17.54 -9.01 6.02
C ASN B 159 16.49 -9.50 7.02
N SER B 160 15.26 -9.01 6.89
CA SER B 160 14.15 -9.53 7.67
C SER B 160 12.96 -9.71 6.74
N GLU B 161 11.99 -10.51 7.18
CA GLU B 161 10.80 -10.79 6.40
C GLU B 161 9.59 -10.39 7.21
N LEU B 162 8.65 -9.71 6.55
CA LEU B 162 7.40 -9.32 7.19
C LEU B 162 6.46 -10.52 7.25
N ILE B 163 5.99 -10.86 8.46
CA ILE B 163 5.13 -12.00 8.63
C ILE B 163 3.69 -11.61 8.92
N SER B 164 3.46 -10.45 9.51
CA SER B 164 2.14 -10.10 10.00
C SER B 164 2.04 -8.60 10.24
N ILE B 165 0.95 -8.00 9.78
CA ILE B 165 0.52 -6.69 10.24
C ILE B 165 -0.73 -6.92 11.08
N ASN B 166 -0.72 -6.42 12.31
CA ASN B 166 -1.78 -6.76 13.24
C ASN B 166 -2.79 -5.64 13.42
N TYR B 167 -2.32 -4.39 13.50
CA TYR B 167 -3.17 -3.22 13.38
C TYR B 167 -2.28 -2.05 13.00
N ASP B 168 -2.86 -0.84 13.01
CA ASP B 168 -2.23 0.32 12.40
C ASP B 168 -0.83 0.59 12.94
N SER B 169 -0.55 0.21 14.19
CA SER B 169 0.77 0.47 14.74
C SER B 169 1.35 -0.79 15.39
N HIS B 170 1.23 -1.93 14.70
CA HIS B 170 1.79 -3.17 15.22
C HIS B 170 2.03 -4.15 14.07
N PHE B 171 3.30 -4.51 13.85
CA PHE B 171 3.62 -5.54 12.87
C PHE B 171 4.86 -6.30 13.34
N VAL B 172 5.07 -7.47 12.74
CA VAL B 172 6.08 -8.41 13.20
C VAL B 172 6.96 -8.82 12.05
N ILE B 173 8.27 -8.75 12.25
CA ILE B 173 9.24 -9.22 11.28
C ILE B 173 9.96 -10.44 11.85
N SER B 174 10.67 -11.15 10.97
CA SER B 174 11.30 -12.41 11.31
C SER B 174 12.61 -12.52 10.55
N GLY B 175 13.64 -13.06 11.19
CA GLY B 175 14.91 -13.23 10.51
C GLY B 175 15.96 -13.85 11.39
N GLU B 176 17.20 -13.81 10.91
CA GLU B 176 18.33 -14.38 11.63
C GLU B 176 18.62 -13.60 12.90
N GLU B 177 19.23 -14.28 13.87
CA GLU B 177 19.40 -13.71 15.20
C GLU B 177 20.25 -12.44 15.16
N ASP B 178 21.34 -12.44 14.39
CA ASP B 178 22.21 -11.27 14.36
C ASP B 178 21.60 -10.16 13.51
N HIS B 179 20.97 -10.52 12.39
CA HIS B 179 20.28 -9.51 11.58
C HIS B 179 19.17 -8.84 12.37
N ILE B 180 18.38 -9.63 13.10
CA ILE B 180 17.30 -9.05 13.88
C ILE B 180 17.85 -8.11 14.96
N ARG B 181 18.98 -8.45 15.58
CA ARG B 181 19.41 -7.58 16.68
C ARG B 181 20.05 -6.29 16.16
N LYS B 182 20.56 -6.28 14.92
CA LYS B 182 21.04 -4.99 14.41
C LYS B 182 19.88 -4.10 14.01
N ILE B 183 18.82 -4.69 13.46
CA ILE B 183 17.58 -3.94 13.23
C ILE B 183 17.13 -3.29 14.53
N MET B 184 17.18 -4.05 15.64
CA MET B 184 16.81 -3.48 16.93
C MET B 184 17.69 -2.29 17.28
N GLU B 185 18.98 -2.39 17.01
CA GLU B 185 19.88 -1.27 17.30
C GLU B 185 19.54 -0.08 16.41
N ASP B 186 19.23 -0.33 15.15
CA ASP B 186 18.89 0.75 14.23
C ASP B 186 17.61 1.47 14.65
N LEU B 187 16.56 0.71 14.98
CA LEU B 187 15.31 1.33 15.40
C LEU B 187 15.48 2.07 16.71
N LYS B 188 16.39 1.59 17.55
CA LYS B 188 16.66 2.27 18.81
C LYS B 188 17.29 3.63 18.56
N GLU B 189 17.98 3.81 17.42
CA GLU B 189 18.55 5.09 17.05
C GLU B 189 17.55 6.02 16.37
N LYS B 190 16.46 5.48 15.83
CA LYS B 190 15.37 6.29 15.30
C LYS B 190 14.22 6.44 16.30
N GLN B 191 14.41 5.97 17.53
CA GLN B 191 13.39 6.02 18.59
C GLN B 191 12.08 5.35 18.16
N ILE B 192 12.19 4.29 17.36
CA ILE B 192 11.08 3.40 17.03
C ILE B 192 11.06 2.28 18.07
N LEU B 193 9.90 2.00 18.67
CA LEU B 193 9.89 0.99 19.72
C LEU B 193 9.50 -0.38 19.19
N CYS B 194 10.21 -1.39 19.69
CA CYS B 194 10.06 -2.76 19.27
C CYS B 194 10.14 -3.65 20.50
N GLN B 195 9.74 -4.91 20.32
N GLN B 195 9.76 -4.91 20.33
CA GLN B 195 9.76 -5.87 21.42
CA GLN B 195 9.77 -5.86 21.43
C GLN B 195 9.98 -7.25 20.83
C GLN B 195 9.96 -7.26 20.86
N LEU B 196 10.97 -7.96 21.37
CA LEU B 196 11.25 -9.32 20.92
C LEU B 196 10.17 -10.27 21.43
N LEU B 197 9.63 -11.11 20.53
CA LEU B 197 8.76 -12.18 20.96
C LEU B 197 9.60 -13.28 21.62
N PRO B 198 9.03 -13.99 22.62
CA PRO B 198 9.78 -15.06 23.30
C PRO B 198 9.84 -16.33 22.46
N VAL B 199 10.44 -16.21 21.27
CA VAL B 199 10.64 -17.33 20.38
C VAL B 199 12.12 -17.40 20.07
N SER B 200 12.54 -18.56 19.55
CA SER B 200 13.95 -18.78 19.26
C SER B 200 14.16 -19.36 17.88
N TYR B 201 13.15 -19.25 17.01
CA TYR B 201 13.25 -19.56 15.58
C TYR B 201 12.56 -18.46 14.79
N ALA B 202 13.04 -18.22 13.56
CA ALA B 202 12.44 -17.24 12.66
C ALA B 202 11.23 -17.86 11.96
N PHE B 203 10.18 -18.06 12.75
CA PHE B 203 8.95 -18.62 12.22
C PHE B 203 8.38 -17.72 11.13
N HIS B 204 7.54 -18.32 10.27
CA HIS B 204 6.85 -17.60 9.21
C HIS B 204 7.83 -16.91 8.25
N SER B 205 9.04 -17.45 8.12
CA SER B 205 10.04 -16.94 7.19
C SER B 205 10.68 -18.13 6.49
N SER B 206 11.55 -17.83 5.52
CA SER B 206 12.26 -18.85 4.77
C SER B 206 13.28 -19.61 5.61
N LEU B 207 13.65 -19.08 6.77
CA LEU B 207 14.69 -19.69 7.59
C LEU B 207 14.24 -20.97 8.29
N ILE B 208 12.97 -21.36 8.19
CA ILE B 208 12.55 -22.67 8.67
C ILE B 208 12.25 -23.61 7.51
N ASP B 209 12.63 -23.24 6.30
CA ASP B 209 12.45 -24.15 5.16
C ASP B 209 13.19 -25.48 5.30
N PRO B 210 14.39 -25.57 5.92
CA PRO B 210 15.04 -26.89 6.10
C PRO B 210 14.15 -27.97 6.71
N ALA B 211 13.09 -27.58 7.40
CA ALA B 211 12.21 -28.56 8.01
C ALA B 211 11.02 -28.94 7.14
N GLU B 212 10.83 -28.27 5.99
CA GLU B 212 9.63 -28.52 5.18
C GLU B 212 9.63 -29.93 4.60
N SER B 213 10.76 -30.37 4.06
CA SER B 213 10.81 -31.68 3.40
C SER B 213 10.44 -32.79 4.37
N ALA B 214 11.06 -32.79 5.56
CA ALA B 214 10.78 -33.83 6.53
C ALA B 214 9.34 -33.74 7.06
N TYR B 215 8.86 -32.52 7.30
CA TYR B 215 7.53 -32.38 7.87
C TYR B 215 6.45 -32.73 6.85
N ALA B 216 6.70 -32.43 5.57
CA ALA B 216 5.72 -32.79 4.54
C ALA B 216 5.53 -34.29 4.46
N GLU B 217 6.62 -35.04 4.55
CA GLU B 217 6.54 -36.50 4.48
C GLU B 217 5.79 -37.07 5.68
N PHE B 218 6.01 -36.48 6.86
CA PHE B 218 5.27 -36.91 8.03
C PHE B 218 3.78 -36.65 7.87
N LEU B 219 3.42 -35.50 7.27
CA LEU B 219 2.01 -35.15 7.15
C LEU B 219 1.26 -36.12 6.25
N ARG B 220 1.97 -36.74 5.29
CA ARG B 220 1.33 -37.68 4.39
C ARG B 220 0.90 -38.96 5.12
N SER B 221 1.50 -39.26 6.27
CA SER B 221 1.05 -40.39 7.08
C SER B 221 -0.26 -40.11 7.81
N LYS B 222 -0.70 -38.87 7.89
CA LYS B 222 -1.89 -38.50 8.63
C LYS B 222 -3.10 -38.43 7.71
N SER B 223 -4.28 -38.52 8.32
CA SER B 223 -5.52 -38.26 7.62
C SER B 223 -6.37 -37.30 8.44
N PHE B 224 -6.95 -36.31 7.78
CA PHE B 224 -7.77 -35.30 8.42
C PHE B 224 -9.17 -35.33 7.81
N GLN B 225 -10.10 -34.67 8.51
CA GLN B 225 -11.49 -34.56 8.08
C GLN B 225 -11.81 -33.13 7.68
N LYS B 226 -12.95 -32.96 7.06
CA LYS B 226 -13.39 -31.61 6.77
C LYS B 226 -13.90 -30.95 8.04
N PRO B 227 -13.81 -29.61 8.13
CA PRO B 227 -14.24 -28.93 9.36
C PRO B 227 -15.73 -29.12 9.61
N SER B 228 -16.08 -29.41 10.85
CA SER B 228 -17.48 -29.43 11.26
C SER B 228 -17.84 -28.22 12.13
N ILE B 229 -16.88 -27.37 12.45
CA ILE B 229 -17.14 -26.04 12.98
C ILE B 229 -16.38 -25.05 12.09
N PRO B 230 -17.03 -24.00 11.59
CA PRO B 230 -16.36 -23.10 10.64
C PRO B 230 -15.05 -22.55 11.18
N ILE B 231 -14.01 -22.67 10.36
CA ILE B 231 -12.68 -22.17 10.69
C ILE B 231 -12.40 -20.95 9.82
N VAL B 232 -12.08 -19.83 10.47
CA VAL B 232 -11.53 -18.67 9.79
C VAL B 232 -10.03 -18.65 10.06
N SER B 233 -9.23 -18.79 9.02
CA SER B 233 -7.80 -18.99 9.15
C SER B 233 -7.04 -17.70 8.86
N SER B 234 -6.08 -17.39 9.73
CA SER B 234 -5.17 -16.28 9.44
C SER B 234 -4.28 -16.57 8.25
N LEU B 235 -4.23 -17.82 7.78
CA LEU B 235 -3.45 -18.15 6.60
C LEU B 235 -4.12 -17.62 5.35
N THR B 236 -5.42 -17.87 5.21
CA THR B 236 -6.17 -17.49 4.02
C THR B 236 -6.96 -16.20 4.18
N GLY B 237 -7.00 -15.61 5.38
CA GLY B 237 -7.78 -14.42 5.60
C GLY B 237 -9.28 -14.59 5.61
N SER B 238 -9.80 -15.81 5.45
CA SER B 238 -11.25 -15.99 5.43
C SER B 238 -11.58 -17.41 5.88
N CYS B 239 -12.84 -17.79 5.69
CA CYS B 239 -13.32 -19.10 6.10
C CYS B 239 -12.71 -20.17 5.21
N LEU B 240 -12.22 -21.24 5.82
CA LEU B 240 -11.47 -22.29 5.14
C LEU B 240 -12.30 -23.57 5.17
N HIS B 241 -12.80 -23.98 4.01
CA HIS B 241 -13.61 -25.18 3.93
C HIS B 241 -12.78 -26.41 3.56
N VAL B 242 -11.67 -26.22 2.84
CA VAL B 242 -10.81 -27.32 2.41
C VAL B 242 -9.36 -26.94 2.69
N MET B 243 -8.62 -27.89 3.25
CA MET B 243 -7.20 -27.70 3.56
C MET B 243 -6.37 -28.57 2.62
N ASP B 244 -5.38 -27.96 1.98
CA ASP B 244 -4.47 -28.73 1.17
C ASP B 244 -3.53 -29.54 2.07
N GLU B 245 -2.76 -30.43 1.44
CA GLU B 245 -1.86 -31.29 2.19
C GLU B 245 -0.82 -30.48 2.97
N ASN B 246 -0.53 -29.26 2.54
CA ASN B 246 0.54 -28.46 3.09
C ASN B 246 0.11 -27.58 4.25
N PHE B 247 -1.17 -27.64 4.62
CA PHE B 247 -1.77 -26.63 5.50
C PHE B 247 -1.01 -26.51 6.82
N PHE B 248 -0.80 -27.63 7.52
CA PHE B 248 -0.18 -27.54 8.84
C PHE B 248 1.29 -27.20 8.78
N TRP B 249 1.88 -27.13 7.59
CA TRP B 249 3.18 -26.48 7.43
C TRP B 249 3.00 -24.99 7.18
N ASN B 250 2.08 -24.62 6.29
CA ASN B 250 1.87 -23.21 6.00
C ASN B 250 1.39 -22.45 7.21
N ALA B 251 0.77 -23.13 8.17
CA ALA B 251 0.36 -22.47 9.41
C ALA B 251 1.54 -21.88 10.16
N VAL B 252 2.72 -22.49 10.04
CA VAL B 252 3.90 -21.96 10.71
C VAL B 252 4.83 -21.27 9.72
N ARG B 253 4.65 -21.48 8.41
CA ARG B 253 5.56 -20.98 7.39
C ARG B 253 5.06 -19.71 6.70
N LYS B 254 3.80 -19.67 6.29
CA LYS B 254 3.35 -18.56 5.45
C LYS B 254 3.04 -17.32 6.27
N PRO B 255 3.14 -16.13 5.68
CA PRO B 255 2.76 -14.91 6.39
C PRO B 255 1.27 -14.92 6.72
N MET B 256 0.89 -14.03 7.63
CA MET B 256 -0.45 -14.07 8.19
C MET B 256 -1.29 -12.88 7.75
N MET B 257 -2.61 -13.11 7.73
CA MET B 257 -3.59 -12.11 7.34
C MET B 257 -4.67 -12.03 8.42
N PHE B 258 -4.25 -11.67 9.62
CA PHE B 258 -5.20 -11.64 10.74
C PHE B 258 -6.24 -10.55 10.54
N ARG B 259 -5.83 -9.37 10.07
CA ARG B 259 -6.78 -8.29 9.86
C ARG B 259 -7.87 -8.71 8.87
N GLU B 260 -7.47 -9.36 7.77
CA GLU B 260 -8.45 -9.83 6.79
C GLU B 260 -9.40 -10.86 7.41
N ALA B 261 -8.89 -11.71 8.30
CA ALA B 261 -9.76 -12.65 8.97
C ALA B 261 -10.78 -11.94 9.87
N ILE B 262 -10.35 -10.91 10.60
CA ILE B 262 -11.29 -10.20 11.46
C ILE B 262 -12.35 -9.50 10.62
N ARG B 263 -11.89 -8.94 9.49
CA ARG B 263 -12.76 -8.20 8.57
C ARG B 263 -13.85 -9.07 7.98
N TYR B 264 -13.47 -10.24 7.47
CA TYR B 264 -14.44 -11.22 7.01
C TYR B 264 -15.54 -11.44 8.05
N LEU B 265 -15.17 -11.58 9.32
CA LEU B 265 -16.16 -11.85 10.35
C LEU B 265 -17.02 -10.64 10.63
N GLU B 266 -16.41 -9.45 10.74
CA GLU B 266 -17.15 -8.25 11.08
C GLU B 266 -18.09 -7.82 9.96
N SER B 267 -17.75 -8.16 8.72
CA SER B 267 -18.58 -7.76 7.59
C SER B 267 -19.92 -8.51 7.56
N GLN B 268 -19.95 -9.74 8.07
CA GLN B 268 -21.19 -10.52 7.97
C GLN B 268 -22.14 -10.23 9.12
N HIS B 269 -21.60 -9.84 10.26
CA HIS B 269 -22.32 -9.78 11.53
C HIS B 269 -21.42 -9.31 12.65
N THR B 270 -22.05 -8.86 13.73
CA THR B 270 -21.35 -8.27 14.85
C THR B 270 -20.99 -9.39 15.82
N CYS B 271 -19.71 -9.53 16.12
CA CYS B 271 -19.23 -10.75 16.75
C CYS B 271 -18.81 -10.51 18.20
N LYS B 272 -18.91 -11.58 18.99
CA LYS B 272 -18.24 -11.67 20.29
C LYS B 272 -16.95 -12.45 20.14
N PHE B 273 -15.84 -11.87 20.60
CA PHE B 273 -14.52 -12.50 20.48
C PHE B 273 -14.03 -12.96 21.84
N ILE B 274 -13.73 -14.26 21.95
CA ILE B 274 -13.06 -14.84 23.11
C ILE B 274 -11.67 -15.29 22.68
N ASP B 275 -10.65 -14.71 23.30
CA ASP B 275 -9.25 -15.13 23.12
C ASP B 275 -8.98 -16.32 24.03
N LEU B 276 -8.77 -17.49 23.45
CA LEU B 276 -8.46 -18.69 24.21
C LEU B 276 -6.98 -18.97 24.31
N GLY B 277 -6.15 -18.12 23.73
CA GLY B 277 -4.72 -18.30 23.79
C GLY B 277 -4.13 -17.52 24.93
N PRO B 278 -2.91 -17.86 25.33
CA PRO B 278 -2.26 -17.14 26.44
C PRO B 278 -1.96 -15.70 26.05
N SER B 279 -1.93 -14.84 27.08
CA SER B 279 -1.57 -13.43 27.00
C SER B 279 -2.70 -12.53 26.49
N GLY B 280 -3.70 -13.09 25.84
CA GLY B 280 -4.75 -12.25 25.27
C GLY B 280 -4.28 -11.45 24.08
N THR B 281 -3.32 -11.98 23.32
CA THR B 281 -2.71 -11.22 22.23
C THR B 281 -3.73 -10.87 21.16
N LEU B 282 -4.54 -11.85 20.76
CA LEU B 282 -5.49 -11.59 19.69
C LEU B 282 -6.63 -10.68 20.15
N ALA B 283 -7.01 -10.78 21.42
CA ALA B 283 -8.07 -9.90 21.93
C ALA B 283 -7.63 -8.44 21.90
N ALA B 284 -6.35 -8.18 22.18
CA ALA B 284 -5.84 -6.83 22.07
C ALA B 284 -5.88 -6.33 20.63
N PHE B 285 -5.49 -7.20 19.67
CA PHE B 285 -5.53 -6.83 18.26
C PHE B 285 -6.95 -6.47 17.83
N VAL B 286 -7.91 -7.30 18.22
CA VAL B 286 -9.29 -7.11 17.78
C VAL B 286 -9.83 -5.77 18.28
N LYS B 287 -9.48 -5.40 19.52
CA LYS B 287 -9.97 -4.14 20.06
C LYS B 287 -9.47 -2.96 19.25
N GLN B 288 -8.27 -3.05 18.66
CA GLN B 288 -7.78 -1.99 17.80
C GLN B 288 -8.40 -2.01 16.41
N LEU B 289 -8.99 -3.13 16.01
CA LEU B 289 -9.55 -3.30 14.68
C LEU B 289 -11.06 -3.05 14.62
N ILE B 290 -11.74 -2.98 15.76
CA ILE B 290 -13.18 -2.72 15.77
C ILE B 290 -13.41 -1.39 16.46
N PRO B 291 -14.60 -0.78 16.28
CA PRO B 291 -14.84 0.56 16.84
C PRO B 291 -14.59 0.62 18.34
N GLY B 292 -14.09 1.78 18.78
CA GLY B 292 -13.66 1.89 20.17
C GLY B 292 -14.77 1.61 21.17
N ASP B 293 -16.00 2.00 20.84
CA ASP B 293 -17.10 1.70 21.75
C ASP B 293 -17.52 0.22 21.74
N SER B 294 -16.74 -0.65 21.09
CA SER B 294 -17.08 -2.06 20.98
C SER B 294 -16.02 -2.97 21.61
N ALA B 295 -15.11 -2.42 22.41
CA ALA B 295 -14.11 -3.25 23.10
C ALA B 295 -14.76 -4.28 24.00
N ASP B 296 -16.02 -4.08 24.32
CA ASP B 296 -16.75 -4.74 25.38
C ASP B 296 -17.47 -6.00 24.91
N ARG B 297 -17.22 -6.40 23.64
CA ARG B 297 -17.57 -7.70 23.09
C ARG B 297 -16.31 -8.50 22.71
N CYS B 298 -15.19 -8.14 23.31
CA CYS B 298 -13.92 -8.81 23.06
C CYS B 298 -13.30 -9.13 24.41
N CYS B 299 -12.97 -10.41 24.62
CA CYS B 299 -12.57 -10.87 25.95
C CYS B 299 -11.39 -11.82 25.84
N SER B 300 -10.48 -11.73 26.83
CA SER B 300 -9.39 -12.69 27.00
C SER B 300 -9.55 -13.40 28.33
N ILE B 301 -8.86 -14.52 28.50
CA ILE B 301 -9.02 -15.30 29.72
C ILE B 301 -7.67 -15.53 30.41
N ILE B 302 -6.70 -16.08 29.68
CA ILE B 302 -5.40 -16.44 30.24
C ILE B 302 -4.43 -15.29 30.00
N THR B 303 -4.08 -14.59 31.08
CA THR B 303 -3.22 -13.41 31.04
C THR B 303 -2.32 -13.45 32.25
N PRO B 304 -1.18 -12.74 32.22
CA PRO B 304 -0.27 -12.73 33.38
C PRO B 304 -0.90 -12.23 34.67
N PHE B 305 -2.08 -11.62 34.62
CA PHE B 305 -2.75 -11.22 35.86
C PHE B 305 -3.32 -12.39 36.63
N HIS B 306 -3.40 -13.57 36.01
CA HIS B 306 -3.88 -14.78 36.69
C HIS B 306 -5.31 -14.58 37.22
N GLN B 307 -6.17 -14.01 36.37
CA GLN B 307 -7.57 -13.79 36.71
C GLN B 307 -8.49 -14.66 35.87
N GLU B 308 -8.08 -15.91 35.62
CA GLU B 308 -8.84 -16.78 34.71
C GLU B 308 -10.24 -17.04 35.25
N LEU B 309 -10.38 -17.24 36.57
CA LEU B 309 -11.71 -17.50 37.11
C LEU B 309 -12.60 -16.27 36.96
N LYS B 310 -12.09 -15.10 37.30
CA LYS B 310 -12.87 -13.87 37.12
C LYS B 310 -13.20 -13.63 35.65
N ASN B 311 -12.28 -13.95 34.75
CA ASN B 311 -12.53 -13.76 33.32
C ASN B 311 -13.54 -14.77 32.79
N LEU B 312 -13.55 -15.99 33.35
CA LEU B 312 -14.53 -16.98 32.90
C LEU B 312 -15.94 -16.51 33.22
N ASN B 313 -16.14 -15.90 34.39
CA ASN B 313 -17.48 -15.40 34.72
C ASN B 313 -17.87 -14.22 33.83
N THR B 314 -16.91 -13.40 33.41
CA THR B 314 -17.20 -12.38 32.41
C THR B 314 -17.73 -12.99 31.12
N VAL B 315 -17.13 -14.11 30.71
CA VAL B 315 -17.53 -14.80 29.48
C VAL B 315 -18.96 -15.31 29.58
N GLU B 316 -19.46 -15.56 30.80
CA GLU B 316 -20.84 -15.99 30.95
C GLU B 316 -21.81 -14.98 30.35
N TYR B 317 -21.49 -13.69 30.43
CA TYR B 317 -22.36 -12.66 29.87
C TYR B 317 -22.39 -12.69 28.35
N PHE B 318 -21.52 -13.47 27.70
CA PHE B 318 -21.56 -13.66 26.26
C PHE B 318 -22.57 -14.70 25.83
N ARG B 319 -23.26 -15.35 26.77
CA ARG B 319 -24.20 -16.40 26.42
C ARG B 319 -25.44 -15.82 25.74
N THR B 320 -25.78 -16.39 24.60
CA THR B 320 -27.04 -16.11 23.93
C THR B 320 -28.23 -16.60 24.78
N PRO B 321 -29.24 -15.76 25.03
CA PRO B 321 -30.51 -16.13 25.69
C PRO B 321 -31.56 -16.58 24.68
N MET C 4 -4.51 42.94 43.86
CA MET C 4 -4.03 41.71 44.46
C MET C 4 -3.51 40.75 43.39
N ASN C 5 -3.45 41.27 42.16
CA ASN C 5 -3.21 40.53 40.91
C ASN C 5 -4.37 39.62 40.55
N GLU C 6 -5.43 39.56 41.36
CA GLU C 6 -6.59 38.76 41.03
C GLU C 6 -7.27 39.34 39.79
N PRO C 7 -7.37 38.59 38.70
CA PRO C 7 -8.00 39.13 37.49
C PRO C 7 -9.45 39.50 37.73
N LEU C 8 -9.91 40.49 36.97
CA LEU C 8 -11.26 41.01 37.11
C LEU C 8 -12.17 40.34 36.09
N VAL C 9 -13.31 39.85 36.57
CA VAL C 9 -14.36 39.30 35.74
C VAL C 9 -15.55 40.25 35.79
N PHE C 10 -15.95 40.74 34.62
CA PHE C 10 -17.18 41.53 34.50
C PHE C 10 -18.31 40.58 34.13
N MET C 11 -19.31 40.46 35.01
CA MET C 11 -20.46 39.57 34.77
C MET C 11 -21.67 40.34 34.28
N PHE C 12 -22.35 39.79 33.26
CA PHE C 12 -23.52 40.40 32.64
C PHE C 12 -24.71 39.44 32.68
N SER C 13 -25.77 39.84 33.37
CA SER C 13 -26.98 39.02 33.51
C SER C 13 -28.00 39.35 32.42
N GLY C 14 -29.07 38.56 32.38
CA GLY C 14 -30.03 38.58 31.30
C GLY C 14 -31.46 38.76 31.79
N GLN C 15 -32.39 38.20 31.02
CA GLN C 15 -33.81 38.38 31.30
C GLN C 15 -34.17 37.83 32.67
N GLY C 16 -34.93 38.61 33.44
CA GLY C 16 -35.30 38.26 34.79
C GLY C 16 -34.62 39.09 35.85
N SER C 17 -33.57 39.81 35.51
N SER C 17 -33.56 39.81 35.52
CA SER C 17 -32.83 40.62 36.48
CA SER C 17 -32.85 40.63 36.49
C SER C 17 -33.22 42.10 36.43
C SER C 17 -33.24 42.11 36.45
N GLN C 18 -33.98 42.54 35.43
CA GLN C 18 -34.31 43.95 35.29
C GLN C 18 -35.37 44.39 36.31
N TYR C 19 -35.38 45.68 36.60
CA TYR C 19 -36.43 46.26 37.43
C TYR C 19 -36.56 47.74 37.12
N TYR C 20 -37.76 48.28 37.36
CA TYR C 20 -38.00 49.68 37.09
C TYR C 20 -37.11 50.54 37.96
N HIS C 21 -36.58 51.61 37.36
CA HIS C 21 -35.69 52.58 37.98
C HIS C 21 -34.31 52.02 38.32
N MET C 22 -33.90 50.90 37.71
CA MET C 22 -32.54 50.43 37.92
C MET C 22 -31.54 51.50 37.49
N GLY C 23 -30.54 51.73 38.34
CA GLY C 23 -29.47 52.66 38.05
C GLY C 23 -29.88 54.12 37.98
N LYS C 24 -31.00 54.50 38.61
CA LYS C 24 -31.42 55.90 38.54
C LYS C 24 -30.36 56.83 39.09
N GLU C 25 -29.65 56.43 40.15
CA GLU C 25 -28.62 57.29 40.72
C GLU C 25 -27.50 57.53 39.72
N LEU C 26 -27.07 56.48 39.01
CA LEU C 26 -26.09 56.66 37.96
C LEU C 26 -26.65 57.57 36.87
N PHE C 27 -27.94 57.45 36.57
CA PHE C 27 -28.53 58.31 35.55
C PHE C 27 -28.59 59.76 36.00
N LYS C 28 -28.74 60.03 37.30
CA LYS C 28 -28.88 61.41 37.75
C LYS C 28 -27.54 62.01 38.17
N GLU C 29 -26.54 61.19 38.52
CA GLU C 29 -25.28 61.71 39.02
C GLU C 29 -24.04 61.37 38.20
N ASN C 30 -24.12 60.50 37.19
CA ASN C 30 -22.93 60.10 36.46
C ASN C 30 -23.07 60.46 35.00
N THR C 31 -22.17 61.33 34.53
CA THR C 31 -22.28 61.89 33.18
C THR C 31 -22.05 60.83 32.12
N VAL C 32 -20.99 60.03 32.29
CA VAL C 32 -20.71 58.93 31.37
C VAL C 32 -21.91 58.00 31.25
N PHE C 33 -22.53 57.65 32.38
CA PHE C 33 -23.66 56.72 32.36
C PHE C 33 -24.87 57.35 31.67
N ARG C 34 -25.25 58.57 32.08
N ARG C 34 -25.25 58.57 32.08
CA ARG C 34 -26.42 59.23 31.48
CA ARG C 34 -26.40 59.24 31.49
C ARG C 34 -26.22 59.43 29.98
C ARG C 34 -26.22 59.44 29.99
N GLN C 35 -25.04 59.90 29.58
CA GLN C 35 -24.77 60.15 28.17
C GLN C 35 -24.84 58.86 27.37
N SER C 36 -24.28 57.77 27.90
CA SER C 36 -24.35 56.48 27.21
C SER C 36 -25.80 56.01 27.08
N MET C 37 -26.57 56.11 28.16
CA MET C 37 -28.00 55.76 28.11
C MET C 37 -28.72 56.59 27.04
N LEU C 38 -28.50 57.90 27.03
CA LEU C 38 -29.24 58.75 26.10
C LEU C 38 -28.84 58.47 24.65
N GLU C 39 -27.57 58.16 24.41
CA GLU C 39 -27.14 57.84 23.06
C GLU C 39 -27.80 56.57 22.56
N MET C 40 -27.83 55.52 23.38
CA MET C 40 -28.51 54.30 22.95
C MET C 40 -30.03 54.50 22.88
N ASP C 41 -30.58 55.33 23.76
CA ASP C 41 -32.02 55.60 23.71
C ASP C 41 -32.42 56.15 22.34
N ALA C 42 -31.60 57.04 21.76
CA ALA C 42 -31.91 57.56 20.44
C ALA C 42 -31.92 56.44 19.40
N ILE C 43 -30.96 55.52 19.48
CA ILE C 43 -30.93 54.40 18.53
C ILE C 43 -32.16 53.51 18.73
N ALA C 44 -32.54 53.25 19.99
CA ALA C 44 -33.65 52.34 20.24
C ALA C 44 -35.00 52.98 19.89
N ALA C 45 -35.16 54.28 20.20
CA ALA C 45 -36.41 54.96 19.85
C ALA C 45 -36.58 55.10 18.34
N ARG C 46 -35.47 55.11 17.59
CA ARG C 46 -35.58 55.19 16.14
C ARG C 46 -36.22 53.92 15.56
N ARG C 47 -36.06 52.78 16.23
CA ARG C 47 -36.63 51.53 15.77
C ARG C 47 -37.98 51.22 16.40
N ILE C 48 -38.16 51.56 17.67
CA ILE C 48 -39.30 51.14 18.49
C ILE C 48 -40.37 52.23 18.51
N GLY C 49 -39.94 53.49 18.40
CA GLY C 49 -40.86 54.60 18.35
C GLY C 49 -41.15 55.29 19.66
N THR C 50 -40.39 54.99 20.71
CA THR C 50 -40.54 55.68 21.98
C THR C 50 -39.30 55.38 22.82
N SER C 51 -39.16 56.10 23.93
CA SER C 51 -37.94 56.06 24.74
C SER C 51 -37.88 54.84 25.66
N ILE C 52 -36.77 54.09 25.62
CA ILE C 52 -36.55 53.08 26.65
C ILE C 52 -36.31 53.74 28.00
N VAL C 53 -35.45 54.77 28.01
CA VAL C 53 -35.08 55.48 29.24
C VAL C 53 -36.32 55.86 30.05
N GLU C 54 -37.33 56.45 29.39
CA GLU C 54 -38.47 56.92 30.14
C GLU C 54 -39.46 55.81 30.45
N GLU C 55 -39.34 54.65 29.83
CA GLU C 55 -40.00 53.48 30.38
C GLU C 55 -39.26 52.95 31.61
N ILE C 56 -37.91 52.86 31.56
CA ILE C 56 -37.17 52.38 32.72
C ILE C 56 -37.47 53.23 33.95
N TYR C 57 -37.52 54.55 33.76
CA TYR C 57 -37.72 55.50 34.86
C TYR C 57 -39.13 56.06 34.88
N HIS C 58 -40.09 55.32 34.34
CA HIS C 58 -41.51 55.65 34.37
C HIS C 58 -41.93 56.09 35.77
N PRO C 59 -42.30 57.36 35.95
CA PRO C 59 -42.66 57.85 37.29
C PRO C 59 -43.85 57.14 37.90
N GLY C 60 -44.67 56.46 37.11
CA GLY C 60 -45.79 55.76 37.68
C GLY C 60 -45.53 54.33 38.07
N LYS C 61 -44.28 53.87 38.05
CA LYS C 61 -43.99 52.47 38.29
C LYS C 61 -42.98 52.32 39.41
N ARG C 62 -43.13 51.24 40.19
CA ARG C 62 -42.25 50.92 41.31
C ARG C 62 -41.33 49.75 40.98
N VAL C 63 -40.30 49.59 41.82
CA VAL C 63 -39.44 48.40 41.74
C VAL C 63 -40.28 47.12 41.82
N SER C 64 -41.30 47.12 42.69
CA SER C 64 -42.27 46.03 42.78
C SER C 64 -42.89 45.63 41.44
N ASP C 65 -43.18 46.58 40.56
CA ASP C 65 -43.96 46.25 39.37
C ASP C 65 -43.10 45.46 38.39
N PRO C 66 -43.53 44.28 37.93
CA PRO C 66 -42.67 43.50 37.04
C PRO C 66 -42.41 44.22 35.72
N PHE C 67 -41.13 44.33 35.37
CA PHE C 67 -40.72 44.97 34.12
C PHE C 67 -40.57 43.88 33.06
N ASP C 68 -41.72 43.40 32.59
CA ASP C 68 -41.75 42.16 31.80
C ASP C 68 -42.08 42.37 30.33
N SER C 69 -42.34 43.61 29.92
CA SER C 69 -42.57 43.94 28.52
C SER C 69 -41.29 43.69 27.71
N ILE C 70 -41.30 42.66 26.87
CA ILE C 70 -40.06 42.27 26.20
C ILE C 70 -39.50 43.39 25.35
N LEU C 71 -40.38 44.21 24.77
CA LEU C 71 -39.94 45.28 23.87
C LEU C 71 -39.15 46.36 24.61
N PHE C 72 -39.41 46.56 25.89
CA PHE C 72 -38.66 47.53 26.68
C PHE C 72 -37.53 46.88 27.48
N SER C 73 -37.84 45.80 28.22
CA SER C 73 -36.85 45.17 29.09
C SER C 73 -35.65 44.62 28.33
N HIS C 74 -35.85 44.21 27.08
CA HIS C 74 -34.84 43.44 26.35
C HIS C 74 -33.72 44.42 25.94
N PRO C 75 -34.03 45.62 25.41
CA PRO C 75 -32.95 46.61 25.23
C PRO C 75 -32.52 47.30 26.52
N ALA C 76 -33.44 47.41 27.48
CA ALA C 76 -33.10 48.07 28.74
C ALA C 76 -31.94 47.37 29.45
N ILE C 77 -31.95 46.03 29.46
CA ILE C 77 -30.89 45.28 30.13
C ILE C 77 -29.53 45.58 29.51
N PHE C 78 -29.46 45.51 28.18
CA PHE C 78 -28.21 45.81 27.48
C PHE C 78 -27.75 47.24 27.77
N MET C 79 -28.65 48.22 27.57
CA MET C 79 -28.28 49.63 27.72
C MET C 79 -27.75 49.92 29.13
N ILE C 80 -28.40 49.37 30.15
CA ILE C 80 -27.92 49.58 31.52
C ILE C 80 -26.55 48.93 31.69
N GLU C 81 -26.35 47.75 31.13
CA GLU C 81 -25.12 47.02 31.37
C GLU C 81 -23.95 47.66 30.63
N TYR C 82 -24.17 48.05 29.37
CA TYR C 82 -23.12 48.71 28.60
C TYR C 82 -22.77 50.07 29.18
N SER C 83 -23.78 50.85 29.61
CA SER C 83 -23.50 52.15 30.19
C SER C 83 -22.68 52.03 31.47
N LEU C 84 -23.00 51.04 32.31
CA LEU C 84 -22.21 50.82 33.51
C LEU C 84 -20.78 50.43 33.16
N TYR C 85 -20.61 49.63 32.10
CA TYR C 85 -19.27 49.30 31.66
C TYR C 85 -18.50 50.55 31.24
N LYS C 86 -19.16 51.48 30.54
CA LYS C 86 -18.50 52.72 30.17
C LYS C 86 -18.05 53.50 31.39
N VAL C 87 -18.86 53.47 32.46
CA VAL C 87 -18.47 54.13 33.70
C VAL C 87 -17.19 53.54 34.25
N LEU C 88 -17.10 52.20 34.28
CA LEU C 88 -15.91 51.55 34.80
C LEU C 88 -14.70 51.83 33.93
N GLU C 89 -14.86 51.78 32.60
CA GLU C 89 -13.75 52.04 31.71
C GLU C 89 -13.22 53.46 31.90
N ASP C 90 -14.14 54.43 32.02
CA ASP C 90 -13.76 55.82 32.24
C ASP C 90 -12.93 55.99 33.50
N ARG C 91 -13.09 55.09 34.47
CA ARG C 91 -12.36 55.16 35.73
C ARG C 91 -11.12 54.29 35.73
N GLY C 92 -10.72 53.76 34.57
CA GLY C 92 -9.53 52.92 34.50
C GLY C 92 -9.69 51.50 35.00
N ILE C 93 -10.91 51.01 35.19
CA ILE C 93 -11.16 49.67 35.72
C ILE C 93 -11.56 48.80 34.53
N TYR C 94 -10.62 48.03 34.02
CA TYR C 94 -10.83 47.25 32.82
C TYR C 94 -10.92 45.76 33.15
N PRO C 95 -11.67 44.98 32.38
CA PRO C 95 -11.83 43.56 32.72
C PRO C 95 -10.78 42.68 32.07
N ASP C 96 -10.39 41.65 32.80
CA ASP C 96 -9.60 40.58 32.20
C ASP C 96 -10.47 39.52 31.54
N TYR C 97 -11.65 39.28 32.08
CA TYR C 97 -12.65 38.41 31.47
C TYR C 97 -14.00 39.11 31.51
N VAL C 98 -14.82 38.83 30.51
CA VAL C 98 -16.25 39.13 30.58
C VAL C 98 -17.01 37.81 30.57
N LEU C 99 -18.08 37.75 31.38
CA LEU C 99 -18.89 36.55 31.55
C LEU C 99 -20.32 36.88 31.17
N GLY C 100 -20.78 36.32 30.05
CA GLY C 100 -22.14 36.55 29.59
C GLY C 100 -23.09 35.49 30.11
N SER C 101 -24.31 35.92 30.42
CA SER C 101 -25.37 35.04 30.89
C SER C 101 -26.66 35.46 30.23
N SER C 102 -27.25 34.56 29.44
CA SER C 102 -28.55 34.78 28.81
C SER C 102 -28.42 36.03 27.95
N LEU C 103 -29.32 37.02 28.08
CA LEU C 103 -29.20 38.24 27.30
C LEU C 103 -27.88 38.97 27.56
N GLY C 104 -27.26 38.74 28.72
CA GLY C 104 -25.96 39.31 29.03
C GLY C 104 -24.85 38.91 28.08
N GLU C 105 -25.03 37.84 27.30
CA GLU C 105 -24.03 37.51 26.29
C GLU C 105 -23.89 38.65 25.29
N PHE C 106 -24.93 39.49 25.13
CA PHE C 106 -24.85 40.59 24.17
C PHE C 106 -23.92 41.69 24.68
N ALA C 107 -24.09 42.10 25.94
CA ALA C 107 -23.20 43.11 26.50
C ALA C 107 -21.77 42.60 26.56
N ALA C 108 -21.61 41.34 26.98
CA ALA C 108 -20.28 40.73 27.01
C ALA C 108 -19.63 40.76 25.63
N ALA C 109 -20.41 40.46 24.59
CA ALA C 109 -19.88 40.49 23.24
C ALA C 109 -19.51 41.91 22.81
N ALA C 110 -20.35 42.89 23.17
CA ALA C 110 -20.06 44.27 22.79
C ALA C 110 -18.82 44.77 23.50
N VAL C 111 -18.70 44.50 24.81
CA VAL C 111 -17.53 44.94 25.55
C VAL C 111 -16.27 44.29 24.99
N SER C 112 -16.38 43.04 24.54
CA SER C 112 -15.21 42.34 24.02
C SER C 112 -14.85 42.73 22.59
N GLY C 113 -15.69 43.49 21.90
CA GLY C 113 -15.39 43.88 20.54
C GLY C 113 -15.89 42.95 19.46
N VAL C 114 -16.74 41.97 19.81
CA VAL C 114 -17.37 41.14 18.78
C VAL C 114 -18.21 42.00 17.85
N SER C 115 -18.83 43.06 18.37
CA SER C 115 -19.41 44.11 17.56
C SER C 115 -19.62 45.32 18.46
N ASP C 116 -19.91 46.47 17.84
CA ASP C 116 -20.07 47.66 18.66
C ASP C 116 -21.46 47.69 19.30
N ALA C 117 -21.62 48.59 20.26
CA ALA C 117 -22.84 48.64 21.05
C ALA C 117 -24.06 48.93 20.18
N GLU C 118 -23.91 49.80 19.19
CA GLU C 118 -25.06 50.12 18.34
C GLU C 118 -25.55 48.90 17.59
N ASP C 119 -24.62 48.11 17.03
CA ASP C 119 -25.01 46.93 16.27
C ASP C 119 -25.53 45.83 17.19
N MET C 120 -24.96 45.70 18.39
CA MET C 120 -25.50 44.75 19.36
C MET C 120 -26.90 45.17 19.79
N LEU C 121 -27.08 46.47 20.09
CA LEU C 121 -28.40 46.95 20.44
C LEU C 121 -29.40 46.63 19.34
N ASP C 122 -28.98 46.75 18.08
CA ASP C 122 -29.87 46.44 16.97
C ASP C 122 -30.26 44.97 16.98
N CYS C 123 -29.32 44.07 17.28
CA CYS C 123 -29.65 42.65 17.32
C CYS C 123 -30.61 42.33 18.46
N ILE C 124 -30.46 42.99 19.60
CA ILE C 124 -31.42 42.82 20.69
C ILE C 124 -32.80 43.33 20.30
N LEU C 125 -32.87 44.51 19.69
CA LEU C 125 -34.18 45.05 19.35
C LEU C 125 -34.91 44.13 18.36
N GLU C 126 -34.19 43.64 17.35
CA GLU C 126 -34.81 42.76 16.38
C GLU C 126 -35.29 41.47 17.03
N GLN C 127 -34.50 40.94 17.98
CA GLN C 127 -34.89 39.71 18.66
C GLN C 127 -36.14 39.91 19.51
N ALA C 128 -36.18 41.01 20.27
CA ALA C 128 -37.40 41.33 21.00
C ALA C 128 -38.59 41.44 20.06
N ILE C 129 -38.42 42.15 18.95
CA ILE C 129 -39.54 42.40 18.02
C ILE C 129 -40.00 41.09 17.39
N ILE C 130 -39.06 40.27 16.94
CA ILE C 130 -39.43 39.02 16.27
C ILE C 130 -40.11 38.07 17.24
N ILE C 131 -39.67 38.03 18.49
CA ILE C 131 -40.22 37.07 19.44
C ILE C 131 -41.68 37.41 19.75
N GLN C 132 -41.98 38.68 20.03
CA GLN C 132 -43.36 38.99 20.38
C GLN C 132 -44.31 38.82 19.20
N ASN C 133 -43.81 38.87 17.98
CA ASN C 133 -44.65 38.77 16.80
C ASN C 133 -44.82 37.34 16.32
N SER C 134 -43.97 36.42 16.79
CA SER C 134 -44.02 35.03 16.36
C SER C 134 -44.27 34.03 17.48
N CYS C 135 -44.11 34.43 18.74
CA CYS C 135 -44.20 33.50 19.86
C CYS C 135 -45.34 33.88 20.79
N ASP C 136 -45.96 32.84 21.36
CA ASP C 136 -46.86 32.99 22.48
C ASP C 136 -46.10 33.39 23.73
N LYS C 137 -46.82 34.02 24.66
CA LYS C 137 -46.22 34.38 25.93
C LYS C 137 -45.94 33.14 26.78
N GLY C 138 -45.14 33.35 27.82
CA GLY C 138 -44.79 32.29 28.72
C GLY C 138 -44.29 32.85 30.04
N LYS C 139 -43.73 31.95 30.86
CA LYS C 139 -43.27 32.33 32.19
C LYS C 139 -41.99 31.59 32.52
N MET C 140 -41.26 32.16 33.47
CA MET C 140 -40.06 31.55 34.04
C MET C 140 -40.16 31.59 35.55
N LEU C 141 -39.75 30.50 36.19
CA LEU C 141 -39.98 30.29 37.60
C LEU C 141 -38.68 29.85 38.26
N ALA C 142 -38.26 30.59 39.28
CA ALA C 142 -37.11 30.19 40.09
C ALA C 142 -37.60 29.38 41.28
N ILE C 143 -37.01 28.20 41.48
CA ILE C 143 -37.35 27.33 42.60
C ILE C 143 -36.20 27.40 43.59
N LEU C 144 -36.50 27.90 44.80
CA LEU C 144 -35.48 28.12 45.83
C LEU C 144 -35.35 26.85 46.67
N ASP C 145 -34.77 25.81 46.06
CA ASP C 145 -34.68 24.49 46.67
C ASP C 145 -33.82 23.62 45.74
N LYS C 146 -33.71 22.32 46.05
CA LYS C 146 -32.68 21.51 45.38
C LYS C 146 -33.15 20.94 44.06
N PRO C 147 -32.30 20.97 43.02
CA PRO C 147 -32.67 20.40 41.74
C PRO C 147 -32.85 18.89 41.76
N GLN C 148 -32.45 18.20 42.83
CA GLN C 148 -32.79 16.78 42.96
C GLN C 148 -34.30 16.55 42.90
N LEU C 149 -35.08 17.57 43.31
CA LEU C 149 -36.53 17.48 43.21
C LEU C 149 -36.97 17.10 41.81
N LEU C 150 -36.22 17.52 40.79
CA LEU C 150 -36.58 17.19 39.42
C LEU C 150 -36.58 15.69 39.20
N ASN C 151 -35.61 14.99 39.80
CA ASN C 151 -35.52 13.55 39.60
C ASN C 151 -36.43 12.79 40.57
N ASP C 152 -36.54 13.26 41.82
CA ASP C 152 -37.36 12.54 42.81
C ASP C 152 -38.85 12.70 42.53
N HIS C 153 -39.28 13.89 42.11
CA HIS C 153 -40.70 14.16 41.88
C HIS C 153 -40.91 14.80 40.52
N PRO C 154 -40.56 14.11 39.43
CA PRO C 154 -40.72 14.71 38.09
C PRO C 154 -42.13 15.14 37.77
N GLN C 155 -43.14 14.53 38.38
CA GLN C 155 -44.52 14.93 38.12
C GLN C 155 -44.80 16.35 38.62
N LEU C 156 -44.05 16.83 39.61
CA LEU C 156 -44.27 18.17 40.12
C LEU C 156 -43.97 19.24 39.07
N PHE C 157 -43.09 18.93 38.11
CA PHE C 157 -42.61 19.90 37.14
C PHE C 157 -42.98 19.51 35.71
N GLY C 158 -44.08 18.77 35.54
CA GLY C 158 -44.52 18.41 34.21
C GLY C 158 -44.82 19.63 33.37
N ASN C 159 -44.54 19.51 32.07
CA ASN C 159 -44.79 20.58 31.09
C ASN C 159 -43.93 21.81 31.39
N SER C 160 -42.69 21.58 31.82
CA SER C 160 -41.73 22.66 31.97
C SER C 160 -40.35 22.18 31.52
N GLU C 161 -39.50 23.13 31.12
CA GLU C 161 -38.14 22.82 30.71
C GLU C 161 -37.16 23.45 31.70
N LEU C 162 -36.15 22.69 32.11
CA LEU C 162 -35.10 23.19 32.99
C LEU C 162 -34.10 23.99 32.17
N ILE C 163 -33.81 25.22 32.60
CA ILE C 163 -32.98 26.12 31.81
C ILE C 163 -31.66 26.44 32.51
N SER C 164 -31.61 26.39 33.84
CA SER C 164 -30.43 26.81 34.58
C SER C 164 -30.47 26.22 35.98
N ILE C 165 -29.36 25.61 36.41
CA ILE C 165 -29.08 25.35 37.81
C ILE C 165 -28.01 26.34 38.24
N ASN C 166 -28.32 27.16 39.23
CA ASN C 166 -27.45 28.30 39.54
C ASN C 166 -26.57 28.07 40.75
N TYR C 167 -27.09 27.38 41.76
CA TYR C 167 -26.28 26.76 42.80
C TYR C 167 -27.13 25.66 43.41
N ASP C 168 -26.74 25.19 44.60
CA ASP C 168 -27.30 23.97 45.15
C ASP C 168 -28.78 24.12 45.49
N SER C 169 -29.24 25.33 45.79
CA SER C 169 -30.63 25.56 46.18
C SER C 169 -31.31 26.58 45.28
N HIS C 170 -31.03 26.54 43.99
CA HIS C 170 -31.60 27.54 43.07
C HIS C 170 -31.56 26.99 41.65
N PHE C 171 -32.74 26.88 41.03
CA PHE C 171 -32.80 26.53 39.62
C PHE C 171 -34.06 27.14 39.03
N VAL C 172 -34.06 27.27 37.70
CA VAL C 172 -35.08 28.03 37.01
C VAL C 172 -35.67 27.16 35.92
N ILE C 173 -37.00 27.19 35.81
CA ILE C 173 -37.69 26.43 34.78
C ILE C 173 -38.51 27.40 33.94
N SER C 174 -38.91 26.93 32.76
CA SER C 174 -39.51 27.78 31.75
C SER C 174 -40.62 26.99 31.06
N GLY C 175 -41.77 27.62 30.88
CA GLY C 175 -42.89 26.91 30.28
C GLY C 175 -44.05 27.84 30.00
N GLU C 176 -45.16 27.24 29.57
CA GLU C 176 -46.34 28.03 29.22
C GLU C 176 -46.99 28.61 30.48
N GLU C 177 -47.77 29.67 30.27
CA GLU C 177 -48.32 30.43 31.40
C GLU C 177 -49.14 29.54 32.33
N ASP C 178 -50.11 28.79 31.79
CA ASP C 178 -50.96 27.96 32.64
C ASP C 178 -50.18 26.81 33.26
N HIS C 179 -49.27 26.21 32.49
CA HIS C 179 -48.47 25.12 33.04
C HIS C 179 -47.63 25.60 34.22
N ILE C 180 -46.98 26.75 34.07
CA ILE C 180 -46.18 27.30 35.16
C ILE C 180 -47.05 27.63 36.38
N ARG C 181 -48.24 28.21 36.18
CA ARG C 181 -49.06 28.55 37.34
C ARG C 181 -49.55 27.30 38.06
N LYS C 182 -49.71 26.19 37.32
CA LYS C 182 -50.09 24.97 38.03
C LYS C 182 -48.94 24.49 38.90
N ILE C 183 -47.73 24.50 38.35
CA ILE C 183 -46.58 24.05 39.12
C ILE C 183 -46.44 24.87 40.40
N MET C 184 -46.67 26.18 40.33
CA MET C 184 -46.60 27.00 41.54
C MET C 184 -47.65 26.56 42.56
N GLU C 185 -48.86 26.25 42.10
CA GLU C 185 -49.88 25.77 43.03
C GLU C 185 -49.45 24.46 43.68
N ASP C 186 -48.88 23.53 42.90
CA ASP C 186 -48.43 22.27 43.46
C ASP C 186 -47.26 22.47 44.42
N LEU C 187 -46.27 23.29 44.03
CA LEU C 187 -45.14 23.56 44.91
C LEU C 187 -45.60 24.19 46.21
N LYS C 188 -46.64 25.03 46.16
CA LYS C 188 -47.17 25.63 47.37
C LYS C 188 -47.69 24.56 48.33
N GLU C 189 -48.38 23.54 47.80
CA GLU C 189 -48.88 22.46 48.66
C GLU C 189 -47.74 21.58 49.17
N LYS C 190 -46.58 21.58 48.50
CA LYS C 190 -45.42 20.88 49.02
C LYS C 190 -44.51 21.77 49.85
N GLN C 191 -44.96 22.99 50.17
CA GLN C 191 -44.18 23.95 50.96
C GLN C 191 -42.79 24.18 50.35
N ILE C 192 -42.70 24.11 49.03
CA ILE C 192 -41.47 24.42 48.31
C ILE C 192 -41.55 25.88 47.85
N LEU C 193 -40.53 26.66 48.20
CA LEU C 193 -40.56 28.10 47.93
C LEU C 193 -40.11 28.38 46.50
N CYS C 194 -40.83 29.24 45.79
CA CYS C 194 -40.48 29.58 44.42
C CYS C 194 -40.77 31.05 44.17
N GLN C 195 -40.31 31.55 43.03
CA GLN C 195 -40.43 32.96 42.70
C GLN C 195 -40.53 33.11 41.19
N LEU C 196 -41.60 33.78 40.73
CA LEU C 196 -41.72 34.08 39.32
C LEU C 196 -40.72 35.16 38.92
N LEU C 197 -40.04 34.96 37.79
CA LEU C 197 -39.20 36.00 37.21
C LEU C 197 -40.09 37.02 36.47
N PRO C 198 -39.63 38.29 36.38
CA PRO C 198 -40.42 39.32 35.69
C PRO C 198 -40.21 39.29 34.19
N VAL C 199 -40.62 38.18 33.57
CA VAL C 199 -40.53 38.00 32.13
C VAL C 199 -41.90 37.56 31.63
N SER C 200 -42.13 37.75 30.34
N SER C 200 -42.13 37.78 30.34
CA SER C 200 -43.41 37.41 29.73
CA SER C 200 -43.40 37.44 29.71
C SER C 200 -43.26 36.37 28.64
C SER C 200 -43.27 36.35 28.66
N TYR C 201 -42.08 35.78 28.48
CA TYR C 201 -41.85 34.72 27.52
C TYR C 201 -41.07 33.60 28.17
N ALA C 202 -41.20 32.40 27.62
CA ALA C 202 -40.52 31.24 28.17
C ALA C 202 -39.14 31.13 27.53
N PHE C 203 -38.30 32.11 27.84
CA PHE C 203 -36.95 32.13 27.31
C PHE C 203 -36.22 30.84 27.67
N HIS C 204 -35.23 30.48 26.86
CA HIS C 204 -34.40 29.28 27.07
C HIS C 204 -35.25 28.01 27.09
N SER C 205 -36.33 27.98 26.31
CA SER C 205 -37.15 26.79 26.13
C SER C 205 -37.53 26.67 24.65
N SER C 206 -38.22 25.59 24.32
CA SER C 206 -38.68 25.40 22.95
C SER C 206 -39.85 26.31 22.60
N LEU C 207 -40.45 26.98 23.58
CA LEU C 207 -41.62 27.83 23.34
C LEU C 207 -41.27 29.14 22.63
N ILE C 208 -39.99 29.44 22.40
CA ILE C 208 -39.62 30.56 21.55
C ILE C 208 -39.04 30.10 20.22
N ASP C 209 -39.18 28.81 19.91
CA ASP C 209 -38.72 28.31 18.61
C ASP C 209 -39.37 28.97 17.41
N PRO C 210 -40.65 29.40 17.43
CA PRO C 210 -41.20 30.09 16.25
C PRO C 210 -40.42 31.33 15.82
N ALA C 211 -39.55 31.87 16.67
CA ALA C 211 -38.80 33.06 16.31
C ALA C 211 -37.46 32.74 15.66
N GLU C 212 -37.02 31.48 15.69
CA GLU C 212 -35.65 31.15 15.29
C GLU C 212 -35.41 31.45 13.82
N SER C 213 -36.34 31.05 12.95
CA SER C 213 -36.14 31.17 11.52
C SER C 213 -35.95 32.62 11.10
N ALA C 214 -36.83 33.51 11.54
CA ALA C 214 -36.72 34.92 11.15
C ALA C 214 -35.49 35.56 11.75
N TYR C 215 -35.15 35.20 12.99
CA TYR C 215 -33.97 35.80 13.61
C TYR C 215 -32.68 35.24 13.02
N ALA C 216 -32.70 34.01 12.52
CA ALA C 216 -31.51 33.48 11.86
C ALA C 216 -31.17 34.29 10.62
N GLU C 217 -32.18 34.64 9.83
CA GLU C 217 -31.95 35.41 8.60
C GLU C 217 -31.48 36.83 8.92
N PHE C 218 -32.02 37.43 9.98
CA PHE C 218 -31.53 38.74 10.38
C PHE C 218 -30.05 38.68 10.79
N LEU C 219 -29.66 37.64 11.52
CA LEU C 219 -28.27 37.51 11.93
C LEU C 219 -27.33 37.46 10.72
N ARG C 220 -27.78 36.84 9.62
CA ARG C 220 -26.95 36.75 8.42
C ARG C 220 -26.79 38.09 7.71
N SER C 221 -27.57 39.12 8.07
CA SER C 221 -27.29 40.46 7.58
C SER C 221 -26.23 41.17 8.40
N LYS C 222 -25.71 40.52 9.43
CA LYS C 222 -24.68 41.11 10.29
C LYS C 222 -23.36 40.40 10.08
N SER C 223 -22.29 41.07 10.50
CA SER C 223 -20.97 40.48 10.53
C SER C 223 -20.33 40.82 11.86
N PHE C 224 -19.63 39.85 12.45
CA PHE C 224 -19.05 40.03 13.77
C PHE C 224 -17.55 39.77 13.71
N GLN C 225 -16.88 40.14 14.79
CA GLN C 225 -15.44 39.99 14.93
C GLN C 225 -15.11 38.91 15.95
N LYS C 226 -13.86 38.44 15.89
CA LYS C 226 -13.36 37.59 16.96
C LYS C 226 -13.32 38.40 18.26
N PRO C 227 -13.51 37.73 19.40
CA PRO C 227 -13.40 38.44 20.68
C PRO C 227 -12.03 39.04 20.86
N SER C 228 -11.99 40.16 21.59
CA SER C 228 -10.74 40.77 22.00
C SER C 228 -10.49 40.51 23.48
N ILE C 229 -11.38 40.98 24.34
CA ILE C 229 -11.34 40.58 25.76
C ILE C 229 -11.91 39.17 25.87
N PRO C 230 -11.25 38.26 26.60
CA PRO C 230 -11.72 36.87 26.66
C PRO C 230 -13.14 36.78 27.22
N ILE C 231 -13.98 35.99 26.53
CA ILE C 231 -15.37 35.80 26.91
C ILE C 231 -15.54 34.38 27.44
N VAL C 232 -15.97 34.27 28.70
CA VAL C 232 -16.54 33.02 29.22
C VAL C 232 -18.05 33.08 29.02
N SER C 233 -18.59 32.09 28.31
CA SER C 233 -20.00 32.05 27.95
C SER C 233 -20.75 31.08 28.85
N SER C 234 -21.87 31.53 29.43
CA SER C 234 -22.75 30.61 30.14
C SER C 234 -23.42 29.62 29.20
N LEU C 235 -23.36 29.86 27.89
CA LEU C 235 -23.93 28.92 26.93
C LEU C 235 -23.08 27.66 26.83
N THR C 236 -21.76 27.80 26.87
CA THR C 236 -20.84 26.68 26.74
C THR C 236 -20.12 26.33 28.04
N GLY C 237 -20.22 27.17 29.07
CA GLY C 237 -19.49 26.94 30.29
C GLY C 237 -18.00 27.19 30.23
N SER C 238 -17.48 27.71 29.12
CA SER C 238 -16.04 27.86 28.95
C SER C 238 -15.73 29.13 28.17
N CYS C 239 -14.43 29.33 27.92
CA CYS C 239 -13.98 30.47 27.12
C CYS C 239 -14.36 30.26 25.67
N LEU C 240 -14.88 31.32 25.04
CA LEU C 240 -15.38 31.28 23.68
C LEU C 240 -14.41 32.04 22.77
N HIS C 241 -13.77 31.32 21.85
CA HIS C 241 -12.91 31.96 20.86
C HIS C 241 -13.54 32.05 19.49
N VAL C 242 -14.43 31.11 19.14
CA VAL C 242 -15.18 31.14 17.89
C VAL C 242 -16.65 31.03 18.25
N MET C 243 -17.44 31.95 17.71
CA MET C 243 -18.89 31.91 17.83
C MET C 243 -19.47 31.43 16.50
N ASP C 244 -20.41 30.50 16.58
CA ASP C 244 -21.01 30.01 15.35
C ASP C 244 -22.09 30.96 14.86
N GLU C 245 -22.58 30.70 13.64
CA GLU C 245 -23.67 31.42 12.99
C GLU C 245 -24.68 32.00 13.96
N ASN C 246 -25.22 31.13 14.77
CA ASN C 246 -26.45 31.38 15.51
C ASN C 246 -26.21 31.30 17.01
N PHE C 247 -25.04 31.82 17.42
CA PHE C 247 -24.70 32.01 18.82
C PHE C 247 -25.67 32.98 19.50
N PHE C 248 -25.93 34.13 18.87
CA PHE C 248 -26.78 35.13 19.51
C PHE C 248 -28.23 34.69 19.60
N TRP C 249 -28.63 33.69 18.81
CA TRP C 249 -29.92 33.05 19.10
C TRP C 249 -29.79 32.12 20.30
N ASN C 250 -28.77 31.24 20.30
CA ASN C 250 -28.61 30.30 21.40
C ASN C 250 -28.42 31.02 22.74
N ALA C 251 -27.93 32.26 22.71
CA ALA C 251 -27.80 33.04 23.93
C ALA C 251 -29.11 33.14 24.70
N VAL C 252 -30.26 33.12 24.00
CA VAL C 252 -31.55 33.18 24.66
C VAL C 252 -32.35 31.90 24.55
N ARG C 253 -31.95 30.96 23.68
CA ARG C 253 -32.69 29.71 23.50
C ARG C 253 -32.09 28.54 24.29
N LYS C 254 -30.77 28.41 24.34
CA LYS C 254 -30.18 27.21 24.94
C LYS C 254 -30.18 27.31 26.46
N PRO C 255 -30.19 26.17 27.15
CA PRO C 255 -30.00 26.17 28.60
C PRO C 255 -28.59 26.64 28.95
N MET C 256 -28.41 27.01 30.21
CA MET C 256 -27.20 27.70 30.63
C MET C 256 -26.34 26.80 31.53
N MET C 257 -25.04 27.08 31.51
CA MET C 257 -24.05 26.37 32.30
C MET C 257 -23.24 27.38 33.11
N PHE C 258 -23.94 28.16 33.94
CA PHE C 258 -23.26 29.22 34.68
C PHE C 258 -22.25 28.65 35.68
N ARG C 259 -22.62 27.60 36.40
CA ARG C 259 -21.72 27.02 37.39
C ARG C 259 -20.45 26.49 36.73
N GLU C 260 -20.60 25.86 35.57
CA GLU C 260 -19.43 25.39 34.82
C GLU C 260 -18.54 26.54 34.38
N ALA C 261 -19.15 27.69 34.07
CA ALA C 261 -18.36 28.87 33.69
C ALA C 261 -17.60 29.42 34.89
N ILE C 262 -18.21 29.42 36.06
CA ILE C 262 -17.52 29.89 37.26
C ILE C 262 -16.38 28.93 37.63
N ARG C 263 -16.61 27.62 37.47
CA ARG C 263 -15.58 26.63 37.79
C ARG C 263 -14.35 26.83 36.90
N TYR C 264 -14.58 27.00 35.60
CA TYR C 264 -13.50 27.33 34.67
C TYR C 264 -12.67 28.49 35.18
N LEU C 265 -13.35 29.53 35.67
CA LEU C 265 -12.63 30.72 36.10
C LEU C 265 -11.86 30.46 37.39
N GLU C 266 -12.48 29.80 38.37
CA GLU C 266 -11.83 29.55 39.65
C GLU C 266 -10.78 28.44 39.58
N SER C 267 -10.72 27.67 38.50
CA SER C 267 -9.76 26.59 38.39
C SER C 267 -8.40 27.06 37.89
N GLN C 268 -8.36 28.13 37.10
CA GLN C 268 -7.07 28.66 36.67
C GLN C 268 -6.48 29.64 37.67
N HIS C 269 -7.33 30.42 38.32
CA HIS C 269 -6.88 31.44 39.25
C HIS C 269 -8.05 31.99 40.04
N THR C 270 -7.71 32.62 41.16
CA THR C 270 -8.68 33.28 42.02
C THR C 270 -9.12 34.60 41.40
N CYS C 271 -10.40 34.72 41.05
CA CYS C 271 -10.90 35.92 40.39
C CYS C 271 -11.64 36.83 41.35
N LYS C 272 -11.73 38.11 40.95
CA LYS C 272 -12.69 39.06 41.52
C LYS C 272 -13.86 39.13 40.56
N PHE C 273 -15.06 38.92 41.06
CA PHE C 273 -16.26 38.91 40.24
C PHE C 273 -17.07 40.17 40.51
N ILE C 274 -17.26 40.97 39.47
CA ILE C 274 -18.03 42.20 39.58
C ILE C 274 -19.26 42.02 38.71
N ASP C 275 -20.43 42.14 39.33
CA ASP C 275 -21.70 41.97 38.65
C ASP C 275 -22.11 43.32 38.07
N LEU C 276 -22.12 43.41 36.74
CA LEU C 276 -22.52 44.64 36.06
C LEU C 276 -23.98 44.63 35.62
N GLY C 277 -24.73 43.56 35.91
CA GLY C 277 -26.13 43.53 35.59
C GLY C 277 -26.98 44.05 36.74
N PRO C 278 -28.22 44.40 36.46
CA PRO C 278 -29.11 44.86 37.53
C PRO C 278 -29.42 43.72 38.50
N SER C 279 -29.72 44.11 39.75
CA SER C 279 -30.14 43.23 40.85
C SER C 279 -28.98 42.50 41.53
N GLY C 280 -27.82 42.41 40.88
CA GLY C 280 -26.73 41.66 41.48
C GLY C 280 -26.99 40.17 41.51
N THR C 281 -27.77 39.68 40.56
CA THR C 281 -28.15 38.27 40.53
C THR C 281 -26.92 37.37 40.48
N LEU C 282 -26.01 37.63 39.54
CA LEU C 282 -24.87 36.74 39.37
C LEU C 282 -23.90 36.83 40.54
N ALA C 283 -23.81 38.00 41.18
CA ALA C 283 -22.95 38.11 42.36
C ALA C 283 -23.45 37.22 43.49
N ALA C 284 -24.78 37.07 43.60
CA ALA C 284 -25.33 36.20 44.63
C ALA C 284 -25.05 34.74 44.29
N PHE C 285 -25.15 34.38 43.01
CA PHE C 285 -24.86 33.01 42.60
C PHE C 285 -23.40 32.64 42.89
N VAL C 286 -22.45 33.50 42.47
CA VAL C 286 -21.03 33.16 42.62
C VAL C 286 -20.68 32.96 44.09
N LYS C 287 -21.24 33.79 44.97
CA LYS C 287 -20.99 33.63 46.40
C LYS C 287 -21.36 32.24 46.89
N GLN C 288 -22.43 31.67 46.36
CA GLN C 288 -22.81 30.31 46.74
C GLN C 288 -21.90 29.27 46.12
N LEU C 289 -21.16 29.61 45.07
CA LEU C 289 -20.31 28.65 44.38
C LEU C 289 -18.85 28.70 44.82
N ILE C 290 -18.45 29.68 45.60
CA ILE C 290 -17.07 29.82 46.05
C ILE C 290 -17.05 29.71 47.57
N PRO C 291 -15.89 29.42 48.17
CA PRO C 291 -15.82 29.27 49.63
C PRO C 291 -16.39 30.48 50.36
N GLY C 292 -16.98 30.21 51.53
CA GLY C 292 -17.69 31.26 52.27
C GLY C 292 -16.81 32.44 52.63
N ASP C 293 -15.54 32.18 52.95
CA ASP C 293 -14.63 33.27 53.30
C ASP C 293 -14.34 34.20 52.13
N SER C 294 -14.53 33.73 50.90
CA SER C 294 -14.24 34.49 49.70
C SER C 294 -15.40 35.38 49.26
N ALA C 295 -16.35 35.66 50.16
CA ALA C 295 -17.48 36.50 49.79
C ALA C 295 -17.03 37.87 49.29
N ASP C 296 -15.89 38.36 49.77
CA ASP C 296 -15.40 39.70 49.45
C ASP C 296 -14.92 39.81 48.00
N ARG C 297 -14.82 38.71 47.27
CA ARG C 297 -14.42 38.73 45.87
C ARG C 297 -15.58 38.94 44.91
N CYS C 298 -16.81 39.02 45.44
CA CYS C 298 -18.02 39.17 44.63
C CYS C 298 -18.65 40.49 45.03
N CYS C 299 -18.82 41.40 44.07
CA CYS C 299 -19.44 42.66 44.38
C CYS C 299 -20.52 42.95 43.33
N SER C 300 -21.55 43.65 43.74
CA SER C 300 -22.56 44.11 42.80
C SER C 300 -22.65 45.63 42.86
N ILE C 301 -23.20 46.23 41.80
CA ILE C 301 -23.27 47.68 41.68
C ILE C 301 -24.72 48.13 41.66
N ILE C 302 -25.48 47.67 40.67
CA ILE C 302 -26.86 48.10 40.50
C ILE C 302 -27.77 47.13 41.25
N THR C 303 -28.40 47.63 42.32
CA THR C 303 -29.32 46.87 43.15
C THR C 303 -30.46 47.80 43.55
N PRO C 304 -31.59 47.26 44.02
CA PRO C 304 -32.70 48.11 44.46
C PRO C 304 -32.38 49.02 45.64
N PHE C 305 -31.23 48.87 46.29
CA PHE C 305 -30.86 49.81 47.33
C PHE C 305 -30.36 51.14 46.79
N HIS C 306 -30.12 51.24 45.47
CA HIS C 306 -29.71 52.48 44.82
C HIS C 306 -28.44 53.04 45.47
N GLN C 307 -27.44 52.19 45.64
CA GLN C 307 -26.14 52.56 46.19
C GLN C 307 -25.03 52.41 45.16
N GLU C 308 -25.34 52.70 43.89
CA GLU C 308 -24.38 52.48 42.83
C GLU C 308 -23.11 53.31 43.04
N LEU C 309 -23.25 54.54 43.55
CA LEU C 309 -22.08 55.38 43.76
C LEU C 309 -21.19 54.79 44.85
N LYS C 310 -21.79 54.43 45.99
CA LYS C 310 -21.03 53.77 47.05
C LYS C 310 -20.43 52.45 46.59
N ASN C 311 -21.15 51.69 45.75
CA ASN C 311 -20.64 50.39 45.31
C ASN C 311 -19.50 50.56 44.31
N LEU C 312 -19.55 51.61 43.49
CA LEU C 312 -18.44 51.88 42.58
C LEU C 312 -17.16 52.20 43.35
N ASN C 313 -17.26 52.96 44.44
CA ASN C 313 -16.07 53.31 45.21
C ASN C 313 -15.41 52.06 45.80
N THR C 314 -16.22 51.08 46.20
CA THR C 314 -15.66 49.81 46.67
C THR C 314 -14.87 49.12 45.55
N VAL C 315 -15.32 49.24 44.32
CA VAL C 315 -14.66 48.59 43.20
C VAL C 315 -13.39 49.35 42.78
N GLU C 316 -13.36 50.67 43.02
CA GLU C 316 -12.26 51.53 42.60
C GLU C 316 -10.88 50.94 42.88
N TYR C 317 -10.75 50.35 44.07
N TYR C 317 -10.65 50.41 44.08
CA TYR C 317 -9.46 49.94 44.62
CA TYR C 317 -9.27 50.11 44.44
C TYR C 317 -8.75 48.94 43.73
C TYR C 317 -8.73 48.84 43.80
N PHE C 318 -9.52 48.14 42.98
CA PHE C 318 -8.98 47.04 42.19
C PHE C 318 -8.12 47.53 41.03
N ARG C 319 -8.04 48.85 40.84
CA ARG C 319 -7.21 49.46 39.82
C ARG C 319 -5.73 49.38 40.21
N THR C 320 -4.92 48.72 39.39
CA THR C 320 -3.50 48.56 39.67
C THR C 320 -2.72 49.85 39.39
N MET D 4 -17.29 -37.02 -9.56
CA MET D 4 -15.98 -36.50 -9.19
C MET D 4 -15.96 -35.83 -7.80
N ASN D 5 -14.75 -35.69 -7.22
CA ASN D 5 -14.58 -35.10 -5.89
C ASN D 5 -14.96 -33.63 -5.80
N GLU D 6 -15.21 -32.96 -6.94
CA GLU D 6 -15.51 -31.54 -6.84
C GLU D 6 -17.00 -31.32 -6.62
N PRO D 7 -17.36 -30.35 -5.78
CA PRO D 7 -18.75 -30.24 -5.32
C PRO D 7 -19.71 -29.68 -6.35
N LEU D 8 -20.99 -30.07 -6.20
CA LEU D 8 -22.10 -29.52 -6.97
C LEU D 8 -22.69 -28.32 -6.25
N VAL D 9 -22.73 -27.18 -6.92
CA VAL D 9 -23.35 -25.97 -6.39
C VAL D 9 -24.68 -25.78 -7.10
N PHE D 10 -25.78 -25.80 -6.34
CA PHE D 10 -27.10 -25.48 -6.87
C PHE D 10 -27.30 -23.98 -6.73
N MET D 11 -27.57 -23.31 -7.85
CA MET D 11 -27.75 -21.87 -7.87
C MET D 11 -29.22 -21.53 -8.12
N PHE D 12 -29.69 -20.45 -7.48
CA PHE D 12 -31.08 -20.02 -7.59
C PHE D 12 -31.10 -18.52 -7.85
N SER D 13 -31.75 -18.13 -8.95
CA SER D 13 -31.86 -16.73 -9.32
C SER D 13 -33.10 -16.11 -8.68
N GLY D 14 -33.17 -14.78 -8.73
CA GLY D 14 -34.24 -14.05 -8.08
C GLY D 14 -35.14 -13.29 -9.04
N GLN D 15 -35.68 -12.16 -8.57
CA GLN D 15 -36.60 -11.38 -9.38
C GLN D 15 -35.92 -10.90 -10.65
N GLY D 16 -36.64 -11.01 -11.77
CA GLY D 16 -36.15 -10.63 -13.07
C GLY D 16 -35.81 -11.79 -13.96
N SER D 17 -35.59 -12.98 -13.40
N SER D 17 -35.59 -12.98 -13.41
CA SER D 17 -35.24 -14.15 -14.18
CA SER D 17 -35.25 -14.15 -14.19
C SER D 17 -36.46 -14.97 -14.61
C SER D 17 -36.47 -14.95 -14.64
N GLN D 18 -37.65 -14.65 -14.11
CA GLN D 18 -38.85 -15.40 -14.43
C GLN D 18 -39.45 -14.95 -15.76
N TYR D 19 -40.21 -15.86 -16.40
CA TYR D 19 -40.91 -15.57 -17.64
C TYR D 19 -42.10 -16.51 -17.78
N TYR D 20 -43.11 -16.05 -18.53
CA TYR D 20 -44.28 -16.88 -18.78
C TYR D 20 -43.89 -18.18 -19.45
N HIS D 21 -44.50 -19.27 -18.98
CA HIS D 21 -44.34 -20.63 -19.49
C HIS D 21 -43.00 -21.26 -19.13
N MET D 22 -42.27 -20.68 -18.17
CA MET D 22 -40.99 -21.25 -17.77
C MET D 22 -41.19 -22.69 -17.29
N GLY D 23 -40.40 -23.60 -17.84
CA GLY D 23 -40.45 -24.98 -17.43
C GLY D 23 -41.74 -25.69 -17.77
N LYS D 24 -42.47 -25.21 -18.79
CA LYS D 24 -43.73 -25.87 -19.16
C LYS D 24 -43.52 -27.32 -19.54
N GLU D 25 -42.35 -27.66 -20.09
CA GLU D 25 -42.08 -29.05 -20.46
C GLU D 25 -41.96 -29.94 -19.24
N LEU D 26 -41.39 -29.44 -18.15
CA LEU D 26 -41.34 -30.25 -16.94
C LEU D 26 -42.70 -30.36 -16.26
N PHE D 27 -43.52 -29.30 -16.29
CA PHE D 27 -44.84 -29.41 -15.71
C PHE D 27 -45.68 -30.45 -16.44
N LYS D 28 -45.41 -30.68 -17.71
CA LYS D 28 -46.17 -31.62 -18.52
C LYS D 28 -45.63 -33.04 -18.47
N GLU D 29 -44.31 -33.22 -18.36
CA GLU D 29 -43.70 -34.53 -18.56
C GLU D 29 -42.95 -35.06 -17.35
N ASN D 30 -43.04 -34.40 -16.19
CA ASN D 30 -42.36 -34.87 -14.99
C ASN D 30 -43.33 -34.78 -13.83
N THR D 31 -43.67 -35.94 -13.24
CA THR D 31 -44.70 -35.99 -12.21
C THR D 31 -44.24 -35.32 -10.93
N VAL D 32 -42.98 -35.52 -10.54
CA VAL D 32 -42.44 -34.84 -9.36
C VAL D 32 -42.57 -33.33 -9.51
N PHE D 33 -42.15 -32.80 -10.67
CA PHE D 33 -42.28 -31.36 -10.89
C PHE D 33 -43.74 -30.94 -10.84
N ARG D 34 -44.59 -31.65 -11.59
CA ARG D 34 -46.00 -31.29 -11.70
C ARG D 34 -46.68 -31.30 -10.34
N GLN D 35 -46.49 -32.36 -9.56
CA GLN D 35 -47.18 -32.46 -8.27
C GLN D 35 -46.63 -31.46 -7.27
N SER D 36 -45.33 -31.21 -7.30
CA SER D 36 -44.73 -30.23 -6.40
C SER D 36 -45.25 -28.84 -6.69
N MET D 37 -45.38 -28.49 -7.98
CA MET D 37 -45.98 -27.22 -8.37
C MET D 37 -47.43 -27.13 -7.88
N LEU D 38 -48.22 -28.19 -8.14
CA LEU D 38 -49.64 -28.16 -7.77
C LEU D 38 -49.82 -28.12 -6.26
N GLU D 39 -49.00 -28.87 -5.52
CA GLU D 39 -49.05 -28.80 -4.06
C GLU D 39 -48.87 -27.37 -3.58
N MET D 40 -47.80 -26.70 -4.01
CA MET D 40 -47.55 -25.33 -3.59
C MET D 40 -48.59 -24.37 -4.13
N ASP D 41 -49.15 -24.65 -5.30
CA ASP D 41 -50.21 -23.80 -5.84
C ASP D 41 -51.40 -23.73 -4.90
N ALA D 42 -51.69 -24.83 -4.19
CA ALA D 42 -52.80 -24.83 -3.24
C ALA D 42 -52.58 -23.81 -2.12
N ILE D 43 -51.40 -23.85 -1.49
CA ILE D 43 -51.11 -22.88 -0.44
C ILE D 43 -51.19 -21.46 -0.98
N ALA D 44 -50.64 -21.23 -2.18
CA ALA D 44 -50.57 -19.87 -2.70
C ALA D 44 -51.95 -19.33 -3.04
N ALA D 45 -52.81 -20.18 -3.62
CA ALA D 45 -54.16 -19.73 -3.97
C ALA D 45 -54.95 -19.31 -2.74
N ARG D 46 -54.80 -20.04 -1.63
CA ARG D 46 -55.44 -19.65 -0.39
C ARG D 46 -55.09 -18.20 -0.01
N ARG D 47 -53.84 -17.80 -0.23
CA ARG D 47 -53.35 -16.51 0.26
C ARG D 47 -53.60 -15.35 -0.69
N ILE D 48 -53.65 -15.59 -2.00
CA ILE D 48 -53.94 -14.55 -3.00
C ILE D 48 -55.36 -14.66 -3.55
N GLY D 49 -55.90 -15.86 -3.69
CA GLY D 49 -57.26 -16.02 -4.16
C GLY D 49 -57.41 -16.61 -5.53
N THR D 50 -56.31 -16.74 -6.29
CA THR D 50 -56.34 -17.42 -7.57
C THR D 50 -55.07 -18.24 -7.71
N SER D 51 -54.96 -18.96 -8.83
CA SER D 51 -53.89 -19.91 -9.04
C SER D 51 -52.62 -19.24 -9.57
N ILE D 52 -51.48 -19.61 -8.99
CA ILE D 52 -50.20 -19.15 -9.53
C ILE D 52 -49.86 -19.91 -10.81
N VAL D 53 -50.01 -21.25 -10.77
CA VAL D 53 -49.68 -22.09 -11.91
C VAL D 53 -50.43 -21.63 -13.16
N GLU D 54 -51.70 -21.26 -13.00
CA GLU D 54 -52.50 -20.83 -14.15
C GLU D 54 -52.02 -19.50 -14.71
N GLU D 55 -51.48 -18.62 -13.88
CA GLU D 55 -50.92 -17.38 -14.40
C GLU D 55 -49.60 -17.63 -15.12
N ILE D 56 -48.79 -18.56 -14.59
CA ILE D 56 -47.49 -18.87 -15.20
C ILE D 56 -47.69 -19.35 -16.63
N TYR D 57 -48.60 -20.30 -16.82
CA TYR D 57 -48.81 -20.91 -18.13
C TYR D 57 -50.02 -20.32 -18.85
N HIS D 58 -50.37 -19.08 -18.53
CA HIS D 58 -51.40 -18.27 -19.16
C HIS D 58 -51.31 -18.40 -20.68
N PRO D 59 -52.30 -19.03 -21.32
CA PRO D 59 -52.22 -19.25 -22.76
C PRO D 59 -52.25 -17.97 -23.59
N GLY D 60 -52.57 -16.83 -23.00
CA GLY D 60 -52.59 -15.56 -23.69
C GLY D 60 -51.33 -14.75 -23.58
N LYS D 61 -50.28 -15.31 -23.00
CA LYS D 61 -49.00 -14.62 -22.79
C LYS D 61 -47.89 -15.35 -23.54
N ARG D 62 -46.97 -14.57 -24.11
CA ARG D 62 -45.75 -15.10 -24.70
C ARG D 62 -44.59 -14.94 -23.73
N VAL D 63 -43.49 -15.64 -24.03
CA VAL D 63 -42.28 -15.47 -23.24
C VAL D 63 -41.88 -13.99 -23.21
N SER D 64 -42.04 -13.29 -24.33
CA SER D 64 -41.63 -11.89 -24.41
C SER D 64 -42.56 -10.94 -23.64
N ASP D 65 -43.67 -11.40 -23.09
CA ASP D 65 -44.50 -10.51 -22.27
C ASP D 65 -43.94 -10.46 -20.86
N PRO D 66 -43.70 -9.28 -20.29
CA PRO D 66 -43.06 -9.18 -18.96
C PRO D 66 -43.93 -9.77 -17.86
N PHE D 67 -43.41 -10.79 -17.18
CA PHE D 67 -44.09 -11.43 -16.05
C PHE D 67 -43.77 -10.64 -14.79
N ASP D 68 -44.44 -9.48 -14.65
CA ASP D 68 -44.06 -8.50 -13.64
C ASP D 68 -45.12 -8.26 -12.56
N SER D 69 -46.12 -9.13 -12.45
CA SER D 69 -47.12 -9.02 -11.39
C SER D 69 -46.53 -9.64 -10.13
N ILE D 70 -46.30 -8.82 -9.10
CA ILE D 70 -45.48 -9.26 -7.97
C ILE D 70 -46.16 -10.37 -7.19
N LEU D 71 -47.47 -10.28 -7.00
CA LEU D 71 -48.20 -11.38 -6.38
C LEU D 71 -48.08 -12.68 -7.16
N PHE D 72 -47.87 -12.62 -8.47
CA PHE D 72 -47.69 -13.90 -9.13
C PHE D 72 -46.21 -14.25 -9.30
N SER D 73 -45.39 -13.30 -9.76
CA SER D 73 -44.01 -13.62 -10.08
C SER D 73 -43.22 -14.02 -8.84
N HIS D 74 -43.55 -13.41 -7.71
CA HIS D 74 -42.64 -13.44 -6.57
C HIS D 74 -42.70 -14.85 -5.97
N PRO D 75 -43.89 -15.48 -5.75
CA PRO D 75 -43.91 -16.91 -5.44
C PRO D 75 -43.63 -17.84 -6.61
N ALA D 76 -43.92 -17.40 -7.84
CA ALA D 76 -43.70 -18.29 -8.98
C ALA D 76 -42.23 -18.67 -9.12
N ILE D 77 -41.32 -17.77 -8.76
CA ILE D 77 -39.89 -18.07 -8.82
C ILE D 77 -39.54 -19.21 -7.86
N PHE D 78 -39.96 -19.07 -6.60
CA PHE D 78 -39.70 -20.11 -5.60
C PHE D 78 -40.32 -21.44 -6.01
N MET D 79 -41.55 -21.41 -6.53
CA MET D 79 -42.24 -22.65 -6.87
C MET D 79 -41.48 -23.41 -7.96
N ILE D 80 -41.11 -22.72 -9.04
CA ILE D 80 -40.30 -23.33 -10.09
C ILE D 80 -38.99 -23.86 -9.50
N GLU D 81 -38.33 -23.07 -8.65
CA GLU D 81 -37.00 -23.44 -8.19
C GLU D 81 -37.04 -24.65 -7.26
N TYR D 82 -37.95 -24.64 -6.28
CA TYR D 82 -38.04 -25.79 -5.38
C TYR D 82 -38.51 -27.04 -6.11
N SER D 83 -39.50 -26.89 -7.01
CA SER D 83 -39.96 -28.05 -7.78
C SER D 83 -38.84 -28.66 -8.59
N LEU D 84 -38.00 -27.83 -9.20
CA LEU D 84 -36.86 -28.35 -9.95
C LEU D 84 -35.85 -29.00 -9.02
N TYR D 85 -35.68 -28.47 -7.81
CA TYR D 85 -34.82 -29.14 -6.83
C TYR D 85 -35.33 -30.55 -6.54
N LYS D 86 -36.65 -30.72 -6.41
CA LYS D 86 -37.17 -32.06 -6.11
C LYS D 86 -36.91 -33.01 -7.27
N VAL D 87 -37.05 -32.52 -8.51
CA VAL D 87 -36.74 -33.36 -9.66
C VAL D 87 -35.30 -33.88 -9.59
N LEU D 88 -34.36 -33.01 -9.22
CA LEU D 88 -32.97 -33.45 -9.13
C LEU D 88 -32.78 -34.41 -7.95
N GLU D 89 -33.40 -34.10 -6.81
CA GLU D 89 -33.31 -34.99 -5.66
C GLU D 89 -33.87 -36.37 -5.99
N ASP D 90 -34.97 -36.41 -6.75
CA ASP D 90 -35.58 -37.67 -7.16
C ASP D 90 -34.67 -38.49 -8.08
N ARG D 91 -33.74 -37.85 -8.78
CA ARG D 91 -32.78 -38.55 -9.62
C ARG D 91 -31.44 -38.77 -8.93
N GLY D 92 -31.35 -38.49 -7.64
CA GLY D 92 -30.10 -38.68 -6.93
C GLY D 92 -29.02 -37.65 -7.19
N ILE D 93 -29.35 -36.53 -7.82
CA ILE D 93 -28.40 -35.41 -7.96
C ILE D 93 -28.62 -34.51 -6.74
N TYR D 94 -27.68 -34.55 -5.80
CA TYR D 94 -27.81 -33.83 -4.54
C TYR D 94 -26.80 -32.71 -4.45
N PRO D 95 -27.18 -31.57 -3.87
CA PRO D 95 -26.25 -30.44 -3.81
C PRO D 95 -25.21 -30.61 -2.71
N ASP D 96 -24.03 -30.05 -2.96
CA ASP D 96 -23.03 -29.86 -1.92
C ASP D 96 -23.02 -28.43 -1.40
N TYR D 97 -23.40 -27.47 -2.23
CA TYR D 97 -23.63 -26.10 -1.82
C TYR D 97 -24.94 -25.63 -2.42
N VAL D 98 -25.56 -24.64 -1.77
CA VAL D 98 -26.63 -23.87 -2.37
C VAL D 98 -26.16 -22.42 -2.44
N LEU D 99 -26.39 -21.77 -3.57
CA LEU D 99 -26.00 -20.39 -3.79
C LEU D 99 -27.24 -19.60 -4.21
N GLY D 100 -27.71 -18.73 -3.32
CA GLY D 100 -28.87 -17.93 -3.61
C GLY D 100 -28.54 -16.56 -4.15
N SER D 101 -29.40 -16.07 -5.03
CA SER D 101 -29.31 -14.72 -5.56
C SER D 101 -30.68 -14.07 -5.44
N SER D 102 -30.72 -12.92 -4.78
CA SER D 102 -31.94 -12.11 -4.66
C SER D 102 -33.02 -13.01 -4.06
N LEU D 103 -34.20 -13.11 -4.67
CA LEU D 103 -35.26 -13.98 -4.14
C LEU D 103 -34.81 -15.44 -4.06
N GLY D 104 -33.79 -15.82 -4.82
CA GLY D 104 -33.32 -17.18 -4.80
C GLY D 104 -32.72 -17.61 -3.47
N GLU D 105 -32.36 -16.66 -2.61
CA GLU D 105 -31.93 -17.01 -1.25
C GLU D 105 -33.00 -17.85 -0.55
N PHE D 106 -34.29 -17.51 -0.77
CA PHE D 106 -35.37 -18.26 -0.12
C PHE D 106 -35.33 -19.73 -0.51
N ALA D 107 -35.26 -20.02 -1.81
CA ALA D 107 -35.15 -21.41 -2.26
C ALA D 107 -33.85 -22.05 -1.77
N ALA D 108 -32.77 -21.28 -1.68
CA ALA D 108 -31.53 -21.84 -1.16
C ALA D 108 -31.67 -22.22 0.30
N ALA D 109 -32.36 -21.38 1.08
CA ALA D 109 -32.54 -21.66 2.50
C ALA D 109 -33.47 -22.86 2.71
N ALA D 110 -34.57 -22.91 1.98
CA ALA D 110 -35.48 -24.05 2.07
C ALA D 110 -34.76 -25.35 1.73
N VAL D 111 -34.06 -25.38 0.60
CA VAL D 111 -33.32 -26.59 0.24
C VAL D 111 -32.31 -26.93 1.34
N SER D 112 -31.67 -25.92 1.92
CA SER D 112 -30.67 -26.16 2.95
C SER D 112 -31.29 -26.69 4.24
N GLY D 113 -32.58 -26.50 4.45
CA GLY D 113 -33.23 -26.94 5.66
C GLY D 113 -33.49 -25.86 6.69
N VAL D 114 -33.10 -24.62 6.39
CA VAL D 114 -33.39 -23.48 7.26
C VAL D 114 -34.88 -23.28 7.46
N SER D 115 -35.68 -23.77 6.52
CA SER D 115 -37.13 -23.74 6.60
C SER D 115 -37.65 -24.77 5.62
N ASP D 116 -38.90 -25.15 5.77
CA ASP D 116 -39.49 -26.08 4.83
C ASP D 116 -40.11 -25.30 3.67
N ALA D 117 -40.36 -26.02 2.57
CA ALA D 117 -40.94 -25.40 1.39
C ALA D 117 -42.19 -24.61 1.70
N GLU D 118 -43.16 -25.19 2.44
CA GLU D 118 -44.43 -24.50 2.55
C GLU D 118 -44.29 -23.20 3.33
N ASP D 119 -43.25 -23.07 4.11
CA ASP D 119 -43.18 -22.04 5.13
C ASP D 119 -42.30 -20.88 4.65
N MET D 120 -41.28 -21.19 3.83
CA MET D 120 -40.72 -20.22 2.87
C MET D 120 -41.77 -19.67 1.92
N LEU D 121 -42.55 -20.54 1.27
CA LEU D 121 -43.57 -20.06 0.34
C LEU D 121 -44.46 -19.00 0.99
N ASP D 122 -44.77 -19.20 2.27
CA ASP D 122 -45.56 -18.23 3.02
C ASP D 122 -44.79 -16.93 3.21
N CYS D 123 -43.49 -17.03 3.51
CA CYS D 123 -42.67 -15.83 3.69
C CYS D 123 -42.60 -15.01 2.40
N ILE D 124 -42.61 -15.68 1.25
CA ILE D 124 -42.54 -14.98 -0.03
C ILE D 124 -43.88 -14.35 -0.38
N LEU D 125 -44.98 -15.10 -0.17
CA LEU D 125 -46.30 -14.56 -0.44
C LEU D 125 -46.54 -13.29 0.37
N GLU D 126 -46.20 -13.32 1.66
CA GLU D 126 -46.41 -12.15 2.50
C GLU D 126 -45.49 -11.00 2.10
N GLN D 127 -44.27 -11.30 1.67
CA GLN D 127 -43.38 -10.24 1.21
C GLN D 127 -43.96 -9.53 0.01
N ALA D 128 -44.46 -10.28 -0.97
CA ALA D 128 -45.05 -9.65 -2.15
C ALA D 128 -46.29 -8.87 -1.78
N ILE D 129 -47.15 -9.45 -0.93
CA ILE D 129 -48.36 -8.76 -0.49
C ILE D 129 -48.00 -7.46 0.21
N ILE D 130 -47.02 -7.50 1.11
CA ILE D 130 -46.63 -6.29 1.85
C ILE D 130 -46.07 -5.24 0.90
N ILE D 131 -45.18 -5.65 -0.01
CA ILE D 131 -44.57 -4.67 -0.92
C ILE D 131 -45.64 -3.99 -1.78
N GLN D 132 -46.56 -4.79 -2.34
CA GLN D 132 -47.59 -4.22 -3.19
C GLN D 132 -48.43 -3.19 -2.45
N ASN D 133 -48.82 -3.49 -1.21
CA ASN D 133 -49.65 -2.58 -0.44
C ASN D 133 -48.87 -1.43 0.17
N SER D 134 -47.54 -1.49 0.19
CA SER D 134 -46.73 -0.53 0.93
C SER D 134 -45.90 0.40 0.05
N CYS D 135 -45.43 -0.07 -1.11
CA CYS D 135 -44.41 0.64 -1.87
C CYS D 135 -44.96 1.16 -3.18
N ASP D 136 -44.33 2.23 -3.67
CA ASP D 136 -44.54 2.68 -5.03
C ASP D 136 -43.94 1.68 -6.01
N LYS D 137 -44.47 1.64 -7.23
CA LYS D 137 -43.87 0.82 -8.26
C LYS D 137 -42.52 1.41 -8.68
N GLY D 138 -41.72 0.60 -9.37
CA GLY D 138 -40.43 1.04 -9.85
C GLY D 138 -39.88 0.14 -10.93
N LYS D 139 -38.63 0.39 -11.30
CA LYS D 139 -38.04 -0.35 -12.41
C LYS D 139 -36.61 -0.76 -12.08
N MET D 140 -36.18 -1.86 -12.68
CA MET D 140 -34.79 -2.30 -12.65
C MET D 140 -34.29 -2.42 -14.08
N LEU D 141 -33.05 -1.98 -14.30
CA LEU D 141 -32.48 -1.87 -15.63
C LEU D 141 -31.09 -2.51 -15.65
N ALA D 142 -30.87 -3.42 -16.59
CA ALA D 142 -29.56 -4.01 -16.79
C ALA D 142 -28.78 -3.17 -17.81
N ILE D 143 -27.54 -2.85 -17.51
CA ILE D 143 -26.65 -2.08 -18.38
C ILE D 143 -25.64 -3.04 -18.97
N LEU D 144 -25.64 -3.18 -20.30
CA LEU D 144 -24.74 -4.13 -20.95
C LEU D 144 -23.48 -3.39 -21.37
N ASP D 145 -22.69 -3.03 -20.36
CA ASP D 145 -21.51 -2.19 -20.57
C ASP D 145 -20.68 -2.24 -19.28
N LYS D 146 -19.55 -1.52 -19.27
CA LYS D 146 -18.60 -1.59 -18.17
C LYS D 146 -19.12 -0.81 -16.96
N PRO D 147 -19.05 -1.39 -15.76
CA PRO D 147 -19.45 -0.62 -14.57
C PRO D 147 -18.60 0.61 -14.28
N GLN D 148 -17.42 0.74 -14.90
CA GLN D 148 -16.62 1.95 -14.75
C GLN D 148 -17.39 3.20 -15.15
N LEU D 149 -18.46 3.06 -15.96
CA LEU D 149 -19.27 4.21 -16.33
C LEU D 149 -19.86 4.89 -15.10
N LEU D 150 -20.18 4.12 -14.06
CA LEU D 150 -20.68 4.70 -12.82
C LEU D 150 -19.66 5.66 -12.21
N ASN D 151 -18.37 5.43 -12.43
CA ASN D 151 -17.32 6.31 -11.92
C ASN D 151 -17.02 7.48 -12.83
N ASP D 152 -17.01 7.25 -14.15
CA ASP D 152 -16.57 8.27 -15.09
C ASP D 152 -17.68 9.25 -15.43
N HIS D 153 -18.93 8.81 -15.41
CA HIS D 153 -20.07 9.67 -15.74
C HIS D 153 -21.18 9.44 -14.72
N PRO D 154 -20.97 9.86 -13.47
CA PRO D 154 -21.95 9.55 -12.42
C PRO D 154 -23.30 10.21 -12.63
N GLN D 155 -23.34 11.45 -13.15
CA GLN D 155 -24.63 12.12 -13.32
C GLN D 155 -25.51 11.41 -14.33
N LEU D 156 -24.94 10.55 -15.16
CA LEU D 156 -25.71 9.82 -16.17
C LEU D 156 -26.61 8.77 -15.55
N PHE D 157 -26.28 8.29 -14.35
CA PHE D 157 -27.10 7.32 -13.64
C PHE D 157 -27.74 7.93 -12.40
N GLY D 158 -27.92 9.25 -12.37
CA GLY D 158 -28.51 9.88 -11.22
C GLY D 158 -29.92 9.40 -10.95
N ASN D 159 -30.33 9.51 -9.67
CA ASN D 159 -31.64 9.04 -9.24
C ASN D 159 -31.79 7.54 -9.46
N SER D 160 -30.72 6.78 -9.22
CA SER D 160 -30.79 5.33 -9.26
C SER D 160 -29.67 4.77 -8.40
N GLU D 161 -29.92 3.59 -7.86
CA GLU D 161 -28.96 2.91 -7.00
C GLU D 161 -28.43 1.67 -7.72
N LEU D 162 -27.14 1.39 -7.53
CA LEU D 162 -26.52 0.21 -8.11
C LEU D 162 -26.78 -0.99 -7.20
N ILE D 163 -27.37 -2.05 -7.75
CA ILE D 163 -27.75 -3.20 -6.97
C ILE D 163 -26.82 -4.39 -7.17
N SER D 164 -26.16 -4.50 -8.32
CA SER D 164 -25.36 -5.69 -8.58
C SER D 164 -24.42 -5.45 -9.75
N ILE D 165 -23.20 -5.94 -9.63
CA ILE D 165 -22.28 -6.08 -10.76
C ILE D 165 -22.10 -7.58 -10.96
N ASN D 166 -22.51 -8.07 -12.13
CA ASN D 166 -22.56 -9.51 -12.34
C ASN D 166 -21.36 -10.04 -13.10
N TYR D 167 -20.82 -9.25 -14.02
CA TYR D 167 -19.49 -9.50 -14.51
C TYR D 167 -19.00 -8.21 -15.16
N ASP D 168 -17.95 -8.31 -15.93
CA ASP D 168 -17.16 -7.14 -16.32
C ASP D 168 -17.90 -6.25 -17.32
N SER D 169 -18.99 -6.77 -17.91
CA SER D 169 -19.80 -6.04 -18.88
C SER D 169 -21.29 -6.12 -18.58
N HIS D 170 -21.65 -6.23 -17.30
CA HIS D 170 -23.08 -6.35 -16.95
C HIS D 170 -23.30 -5.85 -15.53
N PHE D 171 -24.18 -4.86 -15.36
CA PHE D 171 -24.58 -4.44 -14.03
C PHE D 171 -26.01 -3.94 -14.07
N VAL D 172 -26.64 -3.87 -12.90
CA VAL D 172 -28.06 -3.60 -12.79
C VAL D 172 -28.28 -2.46 -11.81
N ILE D 173 -29.13 -1.51 -12.20
CA ILE D 173 -29.50 -0.39 -11.35
C ILE D 173 -31.00 -0.42 -11.12
N SER D 174 -31.45 0.36 -10.14
CA SER D 174 -32.84 0.31 -9.70
C SER D 174 -33.28 1.71 -9.30
N GLY D 175 -34.55 2.02 -9.56
CA GLY D 175 -35.02 3.38 -9.30
C GLY D 175 -36.48 3.56 -9.66
N GLU D 176 -36.95 4.78 -9.42
CA GLU D 176 -38.33 5.13 -9.72
C GLU D 176 -38.61 5.02 -11.22
N GLU D 177 -39.90 4.86 -11.54
CA GLU D 177 -40.29 4.57 -12.92
C GLU D 177 -39.83 5.67 -13.86
N ASP D 178 -40.08 6.92 -13.51
CA ASP D 178 -39.73 8.03 -14.39
C ASP D 178 -38.23 8.26 -14.45
N HIS D 179 -37.53 8.03 -13.33
CA HIS D 179 -36.07 8.20 -13.32
C HIS D 179 -35.39 7.19 -14.22
N ILE D 180 -35.83 5.94 -14.19
CA ILE D 180 -35.24 4.91 -15.03
C ILE D 180 -35.51 5.20 -16.51
N ARG D 181 -36.73 5.61 -16.85
CA ARG D 181 -37.05 5.93 -18.23
C ARG D 181 -36.18 7.07 -18.75
N LYS D 182 -35.95 8.08 -17.90
CA LYS D 182 -35.09 9.19 -18.31
C LYS D 182 -33.65 8.72 -18.49
N ILE D 183 -33.17 7.85 -17.60
CA ILE D 183 -31.85 7.26 -17.76
C ILE D 183 -31.76 6.49 -19.07
N MET D 184 -32.79 5.69 -19.37
CA MET D 184 -32.81 4.97 -20.64
C MET D 184 -32.71 5.91 -21.83
N GLU D 185 -33.40 7.05 -21.76
CA GLU D 185 -33.32 8.01 -22.87
C GLU D 185 -31.92 8.58 -23.01
N ASP D 186 -31.27 8.87 -21.88
CA ASP D 186 -29.90 9.38 -21.92
C ASP D 186 -28.93 8.30 -22.41
N LEU D 187 -29.12 7.05 -21.98
CA LEU D 187 -28.20 5.99 -22.39
C LEU D 187 -28.26 5.78 -23.89
N LYS D 188 -29.44 5.90 -24.48
CA LYS D 188 -29.57 5.71 -25.91
C LYS D 188 -28.86 6.82 -26.69
N GLU D 189 -28.80 8.04 -26.15
CA GLU D 189 -28.02 9.08 -26.80
C GLU D 189 -26.52 8.84 -26.65
N LYS D 190 -26.11 7.96 -25.74
CA LYS D 190 -24.70 7.63 -25.53
C LYS D 190 -24.31 6.30 -26.15
N GLN D 191 -25.21 5.65 -26.89
CA GLN D 191 -24.97 4.33 -27.47
C GLN D 191 -24.56 3.30 -26.41
N ILE D 192 -25.11 3.43 -25.22
CA ILE D 192 -24.93 2.46 -24.15
C ILE D 192 -26.17 1.58 -24.10
N LEU D 193 -25.99 0.28 -24.33
CA LEU D 193 -27.12 -0.64 -24.43
C LEU D 193 -27.62 -1.05 -23.06
N CYS D 194 -28.95 -1.18 -22.92
CA CYS D 194 -29.55 -1.59 -21.67
C CYS D 194 -30.80 -2.42 -21.92
N GLN D 195 -31.35 -2.96 -20.83
CA GLN D 195 -32.48 -3.89 -20.92
C GLN D 195 -33.25 -3.85 -19.62
N LEU D 196 -34.54 -3.53 -19.70
CA LEU D 196 -35.40 -3.50 -18.52
C LEU D 196 -35.64 -4.92 -18.01
N LEU D 197 -35.51 -5.09 -16.70
CA LEU D 197 -35.88 -6.35 -16.09
C LEU D 197 -37.39 -6.41 -15.93
N PRO D 198 -37.98 -7.59 -16.08
CA PRO D 198 -39.46 -7.71 -16.02
C PRO D 198 -39.97 -7.68 -14.59
N VAL D 199 -39.83 -6.52 -13.95
CA VAL D 199 -40.31 -6.31 -12.59
C VAL D 199 -41.00 -4.95 -12.53
N SER D 200 -41.87 -4.78 -11.54
CA SER D 200 -42.59 -3.52 -11.37
C SER D 200 -42.19 -2.78 -10.10
N TYR D 201 -41.16 -3.23 -9.39
CA TYR D 201 -40.74 -2.59 -8.16
C TYR D 201 -39.22 -2.44 -8.16
N ALA D 202 -38.74 -1.36 -7.53
CA ALA D 202 -37.31 -1.10 -7.45
C ALA D 202 -36.69 -1.95 -6.34
N PHE D 203 -36.73 -3.26 -6.56
CA PHE D 203 -36.13 -4.20 -5.63
C PHE D 203 -34.67 -3.85 -5.38
N HIS D 204 -34.17 -4.31 -4.23
CA HIS D 204 -32.78 -4.11 -3.82
C HIS D 204 -32.40 -2.65 -3.75
N SER D 205 -33.38 -1.79 -3.43
CA SER D 205 -33.15 -0.35 -3.30
C SER D 205 -33.97 0.17 -2.13
N SER D 206 -33.67 1.41 -1.73
CA SER D 206 -34.40 2.04 -0.64
C SER D 206 -35.86 2.33 -0.99
N LEU D 207 -36.21 2.29 -2.27
CA LEU D 207 -37.60 2.40 -2.73
C LEU D 207 -38.54 1.32 -2.19
N ILE D 208 -38.02 0.21 -1.64
CA ILE D 208 -38.89 -0.77 -0.99
C ILE D 208 -38.78 -0.69 0.53
N ASP D 209 -38.07 0.30 1.06
CA ASP D 209 -38.01 0.50 2.51
C ASP D 209 -39.37 0.63 3.19
N PRO D 210 -40.42 1.26 2.59
CA PRO D 210 -41.72 1.32 3.27
C PRO D 210 -42.28 -0.02 3.71
N ALA D 211 -41.74 -1.12 3.19
CA ALA D 211 -42.26 -2.45 3.51
C ALA D 211 -41.44 -3.16 4.59
N GLU D 212 -40.45 -2.48 5.17
CA GLU D 212 -39.56 -3.15 6.12
C GLU D 212 -40.28 -3.54 7.41
N SER D 213 -40.91 -2.56 8.08
CA SER D 213 -41.50 -2.81 9.39
C SER D 213 -42.55 -3.91 9.33
N ALA D 214 -43.45 -3.87 8.34
CA ALA D 214 -44.45 -4.90 8.24
C ALA D 214 -43.84 -6.28 8.03
N TYR D 215 -42.69 -6.35 7.34
CA TYR D 215 -42.08 -7.66 7.11
C TYR D 215 -41.26 -8.12 8.31
N ALA D 216 -40.46 -7.24 8.89
CA ALA D 216 -39.72 -7.60 10.11
C ALA D 216 -40.68 -8.06 11.20
N GLU D 217 -41.78 -7.34 11.37
CA GLU D 217 -42.85 -7.76 12.27
C GLU D 217 -43.35 -9.15 11.94
N PHE D 218 -43.49 -9.46 10.65
CA PHE D 218 -43.95 -10.78 10.24
C PHE D 218 -42.88 -11.85 10.48
N LEU D 219 -41.60 -11.50 10.33
CA LEU D 219 -40.54 -12.48 10.50
C LEU D 219 -40.40 -12.94 11.95
N ARG D 220 -40.71 -12.06 12.90
CA ARG D 220 -40.73 -12.47 14.31
C ARG D 220 -41.70 -13.61 14.54
N SER D 221 -42.73 -13.72 13.69
CA SER D 221 -43.71 -14.81 13.76
C SER D 221 -43.16 -16.16 13.32
N LYS D 222 -41.94 -16.21 12.78
CA LYS D 222 -41.41 -17.44 12.23
C LYS D 222 -40.13 -17.84 12.96
N SER D 223 -39.77 -19.11 12.81
CA SER D 223 -38.59 -19.67 13.45
C SER D 223 -37.85 -20.53 12.45
N PHE D 224 -36.53 -20.34 12.35
CA PHE D 224 -35.74 -20.96 11.32
C PHE D 224 -34.62 -21.81 11.92
N GLN D 225 -34.32 -22.91 11.24
CA GLN D 225 -33.34 -23.87 11.70
C GLN D 225 -31.93 -23.46 11.26
N LYS D 226 -30.95 -24.25 11.68
CA LYS D 226 -29.57 -24.05 11.24
C LYS D 226 -29.41 -24.61 9.82
N PRO D 227 -28.60 -23.96 9.00
CA PRO D 227 -28.34 -24.49 7.65
C PRO D 227 -27.73 -25.87 7.71
N SER D 228 -28.46 -26.86 7.20
CA SER D 228 -27.90 -28.19 7.05
C SER D 228 -26.93 -28.27 5.87
N ILE D 229 -27.41 -27.95 4.67
CA ILE D 229 -26.54 -27.98 3.49
C ILE D 229 -25.79 -26.64 3.41
N PRO D 230 -24.49 -26.65 3.17
CA PRO D 230 -23.73 -25.39 3.20
C PRO D 230 -24.25 -24.37 2.19
N ILE D 231 -24.37 -23.13 2.66
CA ILE D 231 -24.93 -22.03 1.88
C ILE D 231 -23.84 -21.02 1.55
N VAL D 232 -23.81 -20.59 0.28
CA VAL D 232 -23.12 -19.38 -0.13
C VAL D 232 -24.18 -18.38 -0.56
N SER D 233 -24.00 -17.12 -0.18
CA SER D 233 -25.04 -16.11 -0.32
C SER D 233 -24.51 -14.91 -1.09
N SER D 234 -25.33 -14.39 -2.01
CA SER D 234 -24.99 -13.16 -2.72
C SER D 234 -25.20 -11.92 -1.87
N LEU D 235 -26.01 -12.05 -0.82
CA LEU D 235 -26.12 -11.01 0.20
C LEU D 235 -24.79 -10.70 0.86
N THR D 236 -24.01 -11.74 1.19
CA THR D 236 -22.76 -11.56 1.90
C THR D 236 -21.53 -11.77 1.02
N GLY D 237 -21.70 -12.31 -0.18
CA GLY D 237 -20.55 -12.58 -1.04
C GLY D 237 -19.58 -13.57 -0.44
N SER D 238 -20.08 -14.56 0.30
CA SER D 238 -19.25 -15.56 0.95
C SER D 238 -20.17 -16.67 1.45
N CYS D 239 -19.56 -17.68 2.07
CA CYS D 239 -20.35 -18.71 2.72
C CYS D 239 -21.15 -18.09 3.87
N LEU D 240 -22.26 -18.76 4.21
CA LEU D 240 -23.18 -18.28 5.22
C LEU D 240 -23.39 -19.38 6.25
N HIS D 241 -22.90 -19.18 7.47
CA HIS D 241 -23.04 -20.17 8.51
C HIS D 241 -24.02 -19.78 9.61
N VAL D 242 -24.12 -18.49 9.95
CA VAL D 242 -25.17 -18.01 10.83
C VAL D 242 -26.00 -17.00 10.05
N MET D 243 -27.32 -17.05 10.25
CA MET D 243 -28.19 -16.00 9.73
C MET D 243 -28.63 -15.10 10.86
N ASP D 244 -28.68 -13.80 10.59
CA ASP D 244 -29.31 -12.89 11.52
C ASP D 244 -30.80 -12.83 11.20
N GLU D 245 -31.50 -11.86 11.78
CA GLU D 245 -32.95 -11.81 11.77
C GLU D 245 -33.49 -11.26 10.47
N ASN D 246 -32.73 -10.40 9.81
CA ASN D 246 -33.17 -9.65 8.65
C ASN D 246 -32.84 -10.35 7.34
N PHE D 247 -32.37 -11.59 7.39
CA PHE D 247 -31.84 -12.24 6.20
C PHE D 247 -32.87 -12.24 5.07
N PHE D 248 -34.08 -12.72 5.35
CA PHE D 248 -35.07 -12.84 4.28
C PHE D 248 -35.63 -11.48 3.85
N TRP D 249 -35.36 -10.42 4.61
CA TRP D 249 -35.62 -9.08 4.09
C TRP D 249 -34.45 -8.58 3.25
N ASN D 250 -33.22 -8.78 3.75
CA ASN D 250 -32.03 -8.38 3.01
C ASN D 250 -31.89 -9.12 1.69
N ALA D 251 -32.46 -10.33 1.60
CA ALA D 251 -32.46 -11.07 0.35
C ALA D 251 -33.15 -10.32 -0.80
N VAL D 252 -34.05 -9.38 -0.48
CA VAL D 252 -34.72 -8.59 -1.50
C VAL D 252 -34.35 -7.11 -1.43
N ARG D 253 -33.72 -6.65 -0.36
CA ARG D 253 -33.42 -5.24 -0.16
C ARG D 253 -31.95 -4.87 -0.36
N LYS D 254 -31.04 -5.75 0.00
CA LYS D 254 -29.65 -5.33 -0.01
C LYS D 254 -29.03 -5.55 -1.39
N PRO D 255 -27.98 -4.79 -1.73
CA PRO D 255 -27.24 -5.06 -2.97
C PRO D 255 -26.66 -6.48 -2.96
N MET D 256 -26.23 -6.93 -4.13
CA MET D 256 -25.72 -8.28 -4.25
C MET D 256 -24.24 -8.32 -4.59
N MET D 257 -23.58 -9.38 -4.14
CA MET D 257 -22.16 -9.59 -4.37
C MET D 257 -21.94 -10.99 -4.95
N PHE D 258 -22.57 -11.21 -6.11
CA PHE D 258 -22.51 -12.53 -6.74
C PHE D 258 -21.09 -12.89 -7.15
N ARG D 259 -20.33 -11.91 -7.66
CA ARG D 259 -18.95 -12.20 -8.06
C ARG D 259 -18.12 -12.66 -6.86
N GLU D 260 -18.25 -11.98 -5.72
CA GLU D 260 -17.47 -12.39 -4.55
C GLU D 260 -17.87 -13.78 -4.08
N ALA D 261 -19.15 -14.14 -4.24
CA ALA D 261 -19.58 -15.49 -3.90
C ALA D 261 -18.93 -16.52 -4.81
N ILE D 262 -18.97 -16.28 -6.12
CA ILE D 262 -18.27 -17.17 -7.05
C ILE D 262 -16.77 -17.19 -6.74
N ARG D 263 -16.20 -16.01 -6.49
CA ARG D 263 -14.76 -15.92 -6.20
C ARG D 263 -14.39 -16.79 -5.01
N TYR D 264 -15.17 -16.71 -3.93
CA TYR D 264 -14.88 -17.53 -2.75
C TYR D 264 -14.91 -19.02 -3.09
N LEU D 265 -15.96 -19.46 -3.80
CA LEU D 265 -16.07 -20.87 -4.12
C LEU D 265 -14.91 -21.33 -4.98
N GLU D 266 -14.42 -20.48 -5.88
CA GLU D 266 -13.32 -20.88 -6.75
C GLU D 266 -12.00 -20.94 -6.01
N SER D 267 -11.87 -20.24 -4.88
CA SER D 267 -10.67 -20.31 -4.06
C SER D 267 -10.60 -21.59 -3.24
N GLN D 268 -11.73 -22.26 -3.01
CA GLN D 268 -11.79 -23.51 -2.27
C GLN D 268 -11.80 -24.72 -3.20
N HIS D 269 -12.64 -24.73 -4.22
CA HIS D 269 -12.90 -25.90 -5.02
C HIS D 269 -12.83 -25.55 -6.50
N THR D 270 -12.94 -26.57 -7.33
CA THR D 270 -13.24 -26.42 -8.75
C THR D 270 -14.66 -26.94 -8.97
N CYS D 271 -15.63 -26.14 -8.53
CA CYS D 271 -17.01 -26.60 -8.44
C CYS D 271 -17.63 -26.81 -9.82
N LYS D 272 -18.70 -27.60 -9.82
CA LYS D 272 -19.63 -27.67 -10.93
C LYS D 272 -20.86 -26.87 -10.51
N PHE D 273 -21.24 -25.91 -11.34
CA PHE D 273 -22.35 -25.01 -11.05
C PHE D 273 -23.56 -25.40 -11.89
N ILE D 274 -24.70 -25.56 -11.24
CA ILE D 274 -25.94 -25.93 -11.90
C ILE D 274 -26.95 -24.84 -11.58
N ASP D 275 -27.46 -24.18 -12.61
CA ASP D 275 -28.43 -23.09 -12.45
C ASP D 275 -29.83 -23.69 -12.38
N LEU D 276 -30.46 -23.57 -11.21
CA LEU D 276 -31.83 -24.06 -11.05
C LEU D 276 -32.84 -22.94 -11.17
N GLY D 277 -32.41 -21.73 -11.52
CA GLY D 277 -33.33 -20.64 -11.73
C GLY D 277 -33.77 -20.57 -13.18
N PRO D 278 -34.97 -20.04 -13.41
CA PRO D 278 -35.40 -19.82 -14.80
C PRO D 278 -34.46 -18.86 -15.51
N SER D 279 -34.34 -19.07 -16.83
CA SER D 279 -33.56 -18.24 -17.77
C SER D 279 -32.09 -18.61 -17.79
N GLY D 280 -31.61 -19.26 -16.74
CA GLY D 280 -30.18 -19.56 -16.63
C GLY D 280 -29.29 -18.34 -16.57
N THR D 281 -29.72 -17.30 -15.86
CA THR D 281 -28.95 -16.06 -15.80
C THR D 281 -27.68 -16.26 -15.00
N LEU D 282 -27.76 -17.01 -13.89
CA LEU D 282 -26.59 -17.22 -13.05
C LEU D 282 -25.55 -18.06 -13.77
N ALA D 283 -25.98 -19.07 -14.52
CA ALA D 283 -25.00 -19.86 -15.27
C ALA D 283 -24.30 -19.01 -16.33
N ALA D 284 -24.99 -18.04 -16.91
CA ALA D 284 -24.33 -17.15 -17.86
C ALA D 284 -23.31 -16.27 -17.17
N PHE D 285 -23.68 -15.72 -16.00
CA PHE D 285 -22.73 -14.91 -15.23
C PHE D 285 -21.49 -15.72 -14.87
N VAL D 286 -21.69 -16.95 -14.38
CA VAL D 286 -20.56 -17.75 -13.91
C VAL D 286 -19.58 -18.04 -15.03
N LYS D 287 -20.09 -18.32 -16.23
CA LYS D 287 -19.20 -18.54 -17.37
C LYS D 287 -18.34 -17.32 -17.67
N GLN D 288 -18.86 -16.12 -17.42
CA GLN D 288 -18.07 -14.91 -17.61
C GLN D 288 -17.05 -14.69 -16.50
N LEU D 289 -17.21 -15.33 -15.34
CA LEU D 289 -16.34 -15.09 -14.21
C LEU D 289 -15.23 -16.12 -14.06
N ILE D 290 -15.43 -17.34 -14.54
CA ILE D 290 -14.43 -18.40 -14.41
C ILE D 290 -13.67 -18.51 -15.74
N PRO D 291 -12.47 -19.09 -15.76
CA PRO D 291 -11.70 -19.17 -17.02
C PRO D 291 -12.54 -19.73 -18.17
N GLY D 292 -12.20 -19.28 -19.38
CA GLY D 292 -13.01 -19.63 -20.54
C GLY D 292 -13.08 -21.12 -20.79
N ASP D 293 -11.98 -21.83 -20.57
CA ASP D 293 -11.96 -23.28 -20.78
C ASP D 293 -12.91 -24.02 -19.85
N SER D 294 -13.19 -23.45 -18.67
CA SER D 294 -14.04 -24.06 -17.66
C SER D 294 -15.53 -23.82 -17.92
N ALA D 295 -15.93 -23.66 -19.17
CA ALA D 295 -17.34 -23.44 -19.47
C ALA D 295 -18.20 -24.69 -19.27
N ASP D 296 -17.62 -25.88 -19.40
CA ASP D 296 -18.36 -27.13 -19.24
C ASP D 296 -18.53 -27.54 -17.78
N ARG D 297 -18.12 -26.69 -16.84
CA ARG D 297 -18.39 -26.87 -15.42
C ARG D 297 -19.69 -26.23 -14.99
N CYS D 298 -20.41 -25.60 -15.92
CA CYS D 298 -21.55 -24.75 -15.61
C CYS D 298 -22.71 -25.12 -16.53
N CYS D 299 -23.91 -25.20 -15.97
CA CYS D 299 -25.05 -25.76 -16.68
C CYS D 299 -26.33 -25.08 -16.24
N SER D 300 -27.22 -24.81 -17.18
CA SER D 300 -28.57 -24.35 -16.88
C SER D 300 -29.58 -25.41 -17.31
N ILE D 301 -30.83 -25.26 -16.86
CA ILE D 301 -31.87 -26.25 -17.15
C ILE D 301 -33.10 -25.58 -17.76
N ILE D 302 -33.70 -24.65 -17.03
CA ILE D 302 -34.93 -23.99 -17.46
C ILE D 302 -34.58 -22.75 -18.26
N THR D 303 -34.78 -22.80 -19.58
CA THR D 303 -34.51 -21.68 -20.48
C THR D 303 -35.69 -21.54 -21.43
N PRO D 304 -35.84 -20.36 -22.06
CA PRO D 304 -36.87 -20.21 -23.10
C PRO D 304 -36.73 -21.18 -24.26
N PHE D 305 -35.66 -21.99 -24.30
CA PHE D 305 -35.57 -23.02 -25.32
C PHE D 305 -36.38 -24.26 -24.96
N HIS D 306 -36.98 -24.30 -23.77
CA HIS D 306 -37.83 -25.41 -23.32
C HIS D 306 -37.18 -26.77 -23.57
N GLN D 307 -35.91 -26.87 -23.17
CA GLN D 307 -35.12 -28.09 -23.31
C GLN D 307 -34.76 -28.69 -21.96
N GLU D 308 -35.66 -28.54 -20.98
CA GLU D 308 -35.35 -28.96 -19.62
C GLU D 308 -35.01 -30.45 -19.55
N LEU D 309 -35.72 -31.29 -20.31
CA LEU D 309 -35.41 -32.72 -20.26
C LEU D 309 -34.05 -33.00 -20.87
N LYS D 310 -33.74 -32.38 -22.02
CA LYS D 310 -32.41 -32.56 -22.61
C LYS D 310 -31.32 -32.06 -21.67
N ASN D 311 -31.58 -30.95 -20.96
CA ASN D 311 -30.56 -30.40 -20.07
C ASN D 311 -30.40 -31.23 -18.81
N LEU D 312 -31.48 -31.85 -18.32
CA LEU D 312 -31.37 -32.73 -17.17
C LEU D 312 -30.49 -33.95 -17.47
N ASN D 313 -30.58 -34.47 -18.69
CA ASN D 313 -29.66 -35.52 -19.11
C ASN D 313 -28.22 -35.03 -19.05
N THR D 314 -27.98 -33.78 -19.46
CA THR D 314 -26.63 -33.23 -19.41
C THR D 314 -26.11 -33.18 -17.97
N VAL D 315 -26.97 -32.80 -17.03
CA VAL D 315 -26.57 -32.75 -15.63
C VAL D 315 -26.14 -34.12 -15.12
N GLU D 316 -26.81 -35.18 -15.59
CA GLU D 316 -26.51 -36.53 -15.09
C GLU D 316 -25.10 -36.99 -15.41
N TYR D 317 -24.34 -36.24 -16.21
CA TYR D 317 -22.92 -36.51 -16.40
C TYR D 317 -22.04 -35.87 -15.33
N PHE D 318 -22.58 -34.90 -14.57
CA PHE D 318 -21.86 -34.37 -13.42
C PHE D 318 -21.76 -35.40 -12.31
N ARG D 319 -22.84 -36.14 -12.07
CA ARG D 319 -22.92 -37.17 -11.03
C ARG D 319 -22.57 -36.60 -9.65
N MET E 4 52.19 -32.40 53.60
CA MET E 4 52.48 -33.84 53.54
C MET E 4 52.77 -34.19 52.07
N ASN E 5 53.39 -35.35 51.82
CA ASN E 5 53.71 -35.77 50.47
C ASN E 5 52.85 -36.95 49.99
N GLU E 6 51.79 -37.29 50.70
CA GLU E 6 50.89 -38.34 50.25
C GLU E 6 50.14 -37.91 48.99
N PRO E 7 50.01 -38.79 48.00
CA PRO E 7 49.38 -38.40 46.74
C PRO E 7 47.89 -38.13 46.91
N LEU E 8 47.36 -37.32 45.99
CA LEU E 8 45.95 -36.95 45.99
C LEU E 8 45.19 -37.74 44.94
N VAL E 9 44.15 -38.46 45.38
CA VAL E 9 43.25 -39.17 44.49
C VAL E 9 41.93 -38.42 44.47
N PHE E 10 41.50 -37.97 43.29
CA PHE E 10 40.19 -37.37 43.10
C PHE E 10 39.23 -38.49 42.68
N MET E 11 38.21 -38.72 43.47
CA MET E 11 37.25 -39.79 43.21
C MET E 11 35.94 -39.20 42.70
N PHE E 12 35.35 -39.84 41.69
CA PHE E 12 34.11 -39.38 41.06
C PHE E 12 33.10 -40.52 41.06
N SER E 13 31.96 -40.30 41.72
CA SER E 13 30.93 -41.32 41.79
C SER E 13 29.94 -41.18 40.63
N GLY E 14 29.02 -42.12 40.53
CA GLY E 14 28.10 -42.18 39.41
C GLY E 14 26.64 -42.15 39.78
N GLN E 15 25.83 -42.87 39.01
CA GLN E 15 24.39 -42.91 39.25
C GLN E 15 24.07 -43.44 40.63
N GLY E 16 23.19 -42.74 41.35
CA GLY E 16 22.76 -43.13 42.68
C GLY E 16 23.23 -42.20 43.77
N SER E 17 24.28 -41.43 43.53
CA SER E 17 24.82 -40.52 44.53
C SER E 17 24.29 -39.10 44.40
N GLN E 18 23.46 -38.82 43.40
CA GLN E 18 22.98 -37.46 43.15
C GLN E 18 21.74 -37.15 43.99
N TYR E 19 21.54 -35.86 44.27
CA TYR E 19 20.35 -35.43 45.00
C TYR E 19 20.06 -33.96 44.67
N TYR E 20 18.81 -33.58 44.88
CA TYR E 20 18.41 -32.21 44.58
C TYR E 20 19.15 -31.25 45.50
N HIS E 21 19.53 -30.10 44.94
CA HIS E 21 20.21 -29.02 45.63
C HIS E 21 21.64 -29.38 45.99
N MET E 22 22.18 -30.46 45.44
CA MET E 22 23.58 -30.77 45.68
C MET E 22 24.45 -29.59 45.25
N GLY E 23 25.34 -29.18 46.13
CA GLY E 23 26.25 -28.10 45.82
C GLY E 23 25.59 -26.74 45.73
N LYS E 24 24.48 -26.52 46.45
CA LYS E 24 23.83 -25.21 46.37
C LYS E 24 24.77 -24.10 46.82
N GLU E 25 25.52 -24.32 47.91
CA GLU E 25 26.38 -23.27 48.43
C GLU E 25 27.49 -22.91 47.45
N LEU E 26 28.02 -23.90 46.73
CA LEU E 26 29.05 -23.57 45.73
C LEU E 26 28.45 -22.83 44.55
N PHE E 27 27.21 -23.14 44.17
CA PHE E 27 26.57 -22.40 43.10
C PHE E 27 26.32 -20.95 43.53
N LYS E 28 25.97 -20.74 44.80
CA LYS E 28 25.68 -19.39 45.27
C LYS E 28 26.95 -18.59 45.54
N GLU E 29 27.98 -19.20 46.13
CA GLU E 29 29.09 -18.45 46.70
C GLU E 29 30.42 -18.61 45.98
N ASN E 30 30.47 -19.36 44.88
CA ASN E 30 31.74 -19.66 44.22
C ASN E 30 31.59 -19.44 42.73
N THR E 31 32.34 -18.46 42.20
CA THR E 31 32.10 -18.04 40.82
C THR E 31 32.64 -19.05 39.82
N VAL E 32 33.79 -19.66 40.11
CA VAL E 32 34.32 -20.71 39.24
C VAL E 32 33.29 -21.83 39.08
N PHE E 33 32.75 -22.31 40.19
CA PHE E 33 31.72 -23.35 40.14
C PHE E 33 30.51 -22.87 39.33
N ARG E 34 30.05 -21.64 39.55
N ARG E 34 30.06 -21.64 39.57
CA ARG E 34 28.83 -21.17 38.91
CA ARG E 34 28.85 -21.12 38.93
C ARG E 34 29.01 -21.05 37.40
C ARG E 34 29.01 -21.04 37.42
N GLN E 35 30.08 -20.37 36.96
CA GLN E 35 30.39 -20.31 35.52
C GLN E 35 30.30 -21.67 34.87
N SER E 36 31.21 -22.55 35.30
CA SER E 36 31.32 -23.90 34.79
C SER E 36 29.95 -24.55 34.66
N MET E 37 29.16 -24.47 35.73
CA MET E 37 27.82 -25.04 35.69
C MET E 37 26.99 -24.37 34.60
N LEU E 38 27.06 -23.03 34.51
CA LEU E 38 26.26 -22.31 33.52
C LEU E 38 26.74 -22.59 32.10
N GLU E 39 28.06 -22.64 31.89
CA GLU E 39 28.58 -22.96 30.56
C GLU E 39 28.11 -24.33 30.11
N MET E 40 28.18 -25.31 31.00
CA MET E 40 27.71 -26.65 30.65
C MET E 40 26.20 -26.69 30.54
N ASP E 41 25.49 -25.90 31.34
CA ASP E 41 24.03 -25.81 31.20
C ASP E 41 23.64 -25.44 29.77
N ALA E 42 24.37 -24.49 29.16
CA ALA E 42 23.99 -24.02 27.82
C ALA E 42 24.07 -25.14 26.80
N ILE E 43 25.16 -25.93 26.86
CA ILE E 43 25.28 -27.07 25.95
C ILE E 43 24.15 -28.06 26.18
N ALA E 44 23.82 -28.32 27.44
CA ALA E 44 22.81 -29.32 27.76
C ALA E 44 21.42 -28.84 27.35
N ALA E 45 21.10 -27.58 27.65
CA ALA E 45 19.82 -27.02 27.23
C ALA E 45 19.65 -27.08 25.72
N ARG E 46 20.74 -26.81 24.97
CA ARG E 46 20.69 -26.87 23.52
C ARG E 46 20.27 -28.24 23.00
N ARG E 47 20.43 -29.29 23.79
CA ARG E 47 20.14 -30.65 23.35
C ARG E 47 18.78 -31.14 23.80
N ILE E 48 18.44 -30.95 25.08
CA ILE E 48 17.19 -31.48 25.62
C ILE E 48 16.10 -30.42 25.72
N GLY E 49 16.43 -29.15 25.55
CA GLY E 49 15.44 -28.10 25.51
C GLY E 49 15.17 -27.40 26.82
N THR E 50 15.85 -27.76 27.91
CA THR E 50 15.61 -27.06 29.17
C THR E 50 16.84 -27.18 30.06
N SER E 51 16.82 -26.43 31.16
CA SER E 51 18.00 -26.26 32.00
C SER E 51 18.20 -27.46 32.94
N ILE E 52 19.46 -27.86 33.10
CA ILE E 52 19.79 -28.85 34.12
C ILE E 52 19.93 -28.18 35.47
N VAL E 53 20.58 -27.01 35.51
CA VAL E 53 20.76 -26.27 36.76
C VAL E 53 19.42 -26.03 37.45
N GLU E 54 18.42 -25.55 36.70
CA GLU E 54 17.13 -25.22 37.29
C GLU E 54 16.42 -26.46 37.81
N GLU E 55 16.68 -27.62 37.20
CA GLU E 55 16.14 -28.85 37.76
C GLU E 55 16.88 -29.25 39.04
N ILE E 56 18.21 -29.11 39.07
CA ILE E 56 18.96 -29.52 40.25
C ILE E 56 18.53 -28.71 41.47
N TYR E 57 18.34 -27.40 41.29
CA TYR E 57 17.98 -26.50 42.37
C TYR E 57 16.48 -26.17 42.35
N HIS E 58 15.67 -27.07 41.81
CA HIS E 58 14.22 -26.94 41.74
C HIS E 58 13.66 -26.58 43.11
N PRO E 59 13.12 -25.36 43.27
CA PRO E 59 12.68 -24.93 44.60
C PRO E 59 11.49 -25.70 45.15
N GLY E 60 10.82 -26.50 44.34
CA GLY E 60 9.77 -27.37 44.85
C GLY E 60 10.21 -28.77 45.21
N LYS E 61 11.50 -29.05 45.30
CA LYS E 61 11.98 -30.40 45.54
C LYS E 61 12.99 -30.41 46.68
N ARG E 62 12.95 -31.47 47.49
N ARG E 62 12.95 -31.47 47.50
CA ARG E 62 13.80 -31.64 48.66
CA ARG E 62 13.81 -31.62 48.66
C ARG E 62 14.89 -32.66 48.39
C ARG E 62 14.87 -32.67 48.40
N VAL E 63 15.86 -32.70 49.30
CA VAL E 63 16.94 -33.68 49.19
C VAL E 63 16.39 -35.10 49.25
N SER E 64 15.36 -35.31 50.08
CA SER E 64 14.77 -36.63 50.20
C SER E 64 13.96 -37.07 48.98
N ASP E 65 13.61 -36.15 48.08
CA ASP E 65 12.90 -36.56 46.86
C ASP E 65 13.89 -37.21 45.88
N PRO E 66 13.63 -38.44 45.43
CA PRO E 66 14.58 -39.11 44.54
C PRO E 66 14.79 -38.37 43.23
N PHE E 67 16.04 -37.99 42.97
CA PHE E 67 16.41 -37.30 41.74
C PHE E 67 16.73 -38.34 40.68
N ASP E 68 15.69 -38.93 40.08
CA ASP E 68 15.86 -40.17 39.32
C ASP E 68 15.50 -40.10 37.85
N SER E 69 15.04 -38.97 37.32
CA SER E 69 14.81 -38.92 35.87
C SER E 69 16.15 -38.87 35.15
N ILE E 70 16.43 -39.90 34.34
CA ILE E 70 17.76 -40.07 33.77
C ILE E 70 18.17 -38.82 33.00
N LEU E 71 17.22 -38.18 32.35
CA LEU E 71 17.54 -37.10 31.43
C LEU E 71 18.14 -35.90 32.16
N PHE E 72 17.84 -35.71 33.44
CA PHE E 72 18.44 -34.64 34.21
C PHE E 72 19.56 -35.13 35.13
N SER E 73 19.35 -36.25 35.81
CA SER E 73 20.35 -36.72 36.77
C SER E 73 21.64 -37.11 36.09
N HIS E 74 21.56 -37.47 34.82
CA HIS E 74 22.70 -38.17 34.20
C HIS E 74 23.75 -37.13 33.82
N PRO E 75 23.40 -35.98 33.21
CA PRO E 75 24.38 -34.88 33.10
C PRO E 75 24.58 -34.06 34.36
N ALA E 76 23.61 -34.03 35.27
CA ALA E 76 23.80 -33.30 36.53
C ALA E 76 25.00 -33.83 37.29
N ILE E 77 25.19 -35.15 37.33
CA ILE E 77 26.31 -35.73 38.07
C ILE E 77 27.64 -35.25 37.50
N PHE E 78 27.76 -35.30 36.17
CA PHE E 78 29.00 -34.84 35.53
C PHE E 78 29.21 -33.35 35.72
N MET E 79 28.16 -32.55 35.55
CA MET E 79 28.30 -31.10 35.68
C MET E 79 28.74 -30.72 37.08
N ILE E 80 28.13 -31.31 38.11
CA ILE E 80 28.54 -31.05 39.49
C ILE E 80 30.00 -31.46 39.69
N GLU E 81 30.35 -32.67 39.24
CA GLU E 81 31.67 -33.22 39.51
C GLU E 81 32.75 -32.43 38.79
N TYR E 82 32.56 -32.16 37.49
CA TYR E 82 33.56 -31.43 36.75
C TYR E 82 33.71 -30.00 37.27
N SER E 83 32.59 -29.36 37.63
CA SER E 83 32.66 -27.99 38.12
C SER E 83 33.41 -27.93 39.44
N LEU E 84 33.19 -28.91 40.32
CA LEU E 84 33.94 -28.95 41.57
C LEU E 84 35.43 -29.12 41.30
N TYR E 85 35.79 -29.84 40.23
CA TYR E 85 37.19 -29.97 39.88
C TYR E 85 37.79 -28.62 39.48
N LYS E 86 37.06 -27.83 38.69
CA LYS E 86 37.57 -26.51 38.30
C LYS E 86 37.80 -25.63 39.52
N VAL E 87 36.98 -25.79 40.56
CA VAL E 87 37.22 -25.07 41.80
C VAL E 87 38.55 -25.48 42.41
N LEU E 88 38.85 -26.77 42.39
CA LEU E 88 40.06 -27.27 43.04
C LEU E 88 41.31 -26.84 42.28
N GLU E 89 41.29 -26.91 40.95
CA GLU E 89 42.47 -26.49 40.21
C GLU E 89 42.65 -24.97 40.28
N ASP E 90 41.55 -24.23 40.41
CA ASP E 90 41.65 -22.78 40.58
C ASP E 90 42.34 -22.45 41.89
N ARG E 91 42.10 -23.23 42.94
CA ARG E 91 42.76 -23.06 44.22
C ARG E 91 44.12 -23.77 44.27
N GLY E 92 44.62 -24.26 43.14
CA GLY E 92 45.96 -24.82 43.08
C GLY E 92 46.08 -26.23 43.61
N ILE E 93 45.01 -27.01 43.58
CA ILE E 93 44.98 -28.32 44.22
C ILE E 93 44.82 -29.35 43.10
N TYR E 94 45.92 -29.96 42.70
CA TYR E 94 45.88 -30.82 41.54
C TYR E 94 45.93 -32.29 41.95
N PRO E 95 45.27 -33.16 41.20
CA PRO E 95 45.29 -34.59 41.55
C PRO E 95 46.50 -35.30 40.98
N ASP E 96 47.01 -36.26 41.74
CA ASP E 96 47.99 -37.21 41.22
C ASP E 96 47.32 -38.39 40.52
N TYR E 97 46.17 -38.82 41.03
CA TYR E 97 45.32 -39.82 40.39
C TYR E 97 43.88 -39.31 40.35
N VAL E 98 43.11 -39.75 39.37
CA VAL E 98 41.66 -39.64 39.40
C VAL E 98 41.09 -41.06 39.37
N LEU E 99 40.03 -41.28 40.14
CA LEU E 99 39.35 -42.57 40.22
C LEU E 99 37.92 -42.40 39.77
N GLY E 100 37.53 -43.16 38.75
CA GLY E 100 36.17 -43.12 38.24
C GLY E 100 35.36 -44.32 38.71
N SER E 101 34.10 -44.07 39.05
CA SER E 101 33.16 -45.12 39.43
C SER E 101 31.85 -44.91 38.70
N SER E 102 31.40 -45.95 38.00
CA SER E 102 30.13 -45.94 37.28
C SER E 102 30.12 -44.72 36.36
N LEU E 103 29.11 -43.85 36.44
CA LEU E 103 29.00 -42.76 35.48
C LEU E 103 30.10 -41.73 35.70
N GLY E 104 30.70 -41.73 36.88
CA GLY E 104 31.83 -40.90 37.25
C GLY E 104 33.10 -41.14 36.46
N GLU E 105 33.21 -42.26 35.73
CA GLU E 105 34.35 -42.44 34.83
C GLU E 105 34.43 -41.32 33.80
N PHE E 106 33.28 -40.77 33.39
CA PHE E 106 33.26 -39.68 32.43
C PHE E 106 33.98 -38.45 32.97
N ALA E 107 33.68 -38.07 34.21
CA ALA E 107 34.37 -36.93 34.80
C ALA E 107 35.85 -37.22 34.98
N ALA E 108 36.19 -38.44 35.40
CA ALA E 108 37.59 -38.81 35.53
C ALA E 108 38.30 -38.68 34.18
N ALA E 109 37.69 -39.22 33.12
CA ALA E 109 38.28 -39.09 31.79
C ALA E 109 38.45 -37.63 31.39
N ALA E 110 37.44 -36.79 31.65
CA ALA E 110 37.54 -35.38 31.27
C ALA E 110 38.67 -34.70 32.03
N VAL E 111 38.74 -34.92 33.34
CA VAL E 111 39.82 -34.33 34.13
C VAL E 111 41.18 -34.78 33.60
N SER E 112 41.26 -36.03 33.16
CA SER E 112 42.53 -36.62 32.75
C SER E 112 42.98 -36.20 31.36
N GLY E 113 42.08 -35.64 30.56
CA GLY E 113 42.40 -35.26 29.20
C GLY E 113 42.02 -36.26 28.14
N VAL E 114 41.34 -37.34 28.51
CA VAL E 114 40.85 -38.29 27.51
C VAL E 114 39.89 -37.59 26.55
N SER E 115 39.22 -36.54 27.02
CA SER E 115 38.28 -35.77 26.24
C SER E 115 37.98 -34.50 27.01
N ASP E 116 37.53 -33.48 26.30
CA ASP E 116 37.20 -32.24 27.02
C ASP E 116 35.81 -32.35 27.64
N ALA E 117 35.52 -31.42 28.55
CA ALA E 117 34.22 -31.44 29.24
C ALA E 117 33.05 -31.41 28.26
N GLU E 118 33.20 -30.69 27.15
CA GLU E 118 32.08 -30.54 26.22
C GLU E 118 31.74 -31.87 25.54
N ASP E 119 32.76 -32.62 25.10
CA ASP E 119 32.47 -33.90 24.45
C ASP E 119 32.00 -34.94 25.45
N MET E 120 32.50 -34.89 26.69
CA MET E 120 32.03 -35.81 27.71
C MET E 120 30.58 -35.51 28.07
N LEU E 121 30.25 -34.24 28.28
CA LEU E 121 28.87 -33.86 28.55
C LEU E 121 27.95 -34.32 27.42
N ASP E 122 28.41 -34.16 26.18
CA ASP E 122 27.62 -34.62 25.04
C ASP E 122 27.41 -36.13 25.08
N CYS E 123 28.46 -36.90 25.41
CA CYS E 123 28.34 -38.35 25.46
C CYS E 123 27.43 -38.81 26.59
N ILE E 124 27.38 -38.04 27.68
CA ILE E 124 26.47 -38.41 28.77
C ILE E 124 25.03 -38.14 28.39
N LEU E 125 24.75 -36.98 27.79
CA LEU E 125 23.37 -36.68 27.39
C LEU E 125 22.86 -37.71 26.41
N GLU E 126 23.66 -38.03 25.38
CA GLU E 126 23.22 -38.99 24.38
C GLU E 126 22.93 -40.35 25.00
N GLN E 127 23.73 -40.75 25.99
CA GLN E 127 23.49 -42.02 26.67
C GLN E 127 22.16 -42.00 27.42
N ALA E 128 21.91 -40.93 28.17
CA ALA E 128 20.62 -40.78 28.84
C ALA E 128 19.46 -40.89 27.85
N ILE E 129 19.57 -40.16 26.74
CA ILE E 129 18.49 -40.13 25.75
C ILE E 129 18.30 -41.51 25.12
N ILE E 130 19.41 -42.19 24.81
CA ILE E 130 19.31 -43.50 24.17
C ILE E 130 18.71 -44.53 25.13
N ILE E 131 19.17 -44.52 26.39
CA ILE E 131 18.65 -45.46 27.37
C ILE E 131 17.16 -45.21 27.60
N GLN E 132 16.74 -43.94 27.58
CA GLN E 132 15.33 -43.64 27.83
C GLN E 132 14.43 -44.15 26.71
N ASN E 133 14.90 -44.07 25.46
CA ASN E 133 14.08 -44.48 24.32
C ASN E 133 14.07 -45.98 24.10
N SER E 134 15.08 -46.71 24.59
CA SER E 134 15.26 -48.11 24.22
C SER E 134 15.10 -49.11 25.36
N CYS E 135 15.17 -48.69 26.62
CA CYS E 135 15.20 -49.62 27.74
C CYS E 135 13.95 -49.52 28.59
N ASP E 136 13.57 -50.66 29.16
CA ASP E 136 12.60 -50.66 30.25
C ASP E 136 13.20 -49.99 31.48
N LYS E 137 12.33 -49.46 32.32
CA LYS E 137 12.80 -48.92 33.58
C LYS E 137 13.25 -50.06 34.49
N GLY E 138 14.02 -49.70 35.52
CA GLY E 138 14.50 -50.69 36.47
C GLY E 138 14.85 -50.08 37.80
N LYS E 139 15.48 -50.85 38.69
CA LYS E 139 15.84 -50.34 40.00
C LYS E 139 17.20 -50.89 40.39
N MET E 140 17.87 -50.17 41.30
CA MET E 140 19.08 -50.64 41.94
C MET E 140 18.93 -50.56 43.45
N LEU E 141 19.42 -51.59 44.14
CA LEU E 141 19.24 -51.75 45.57
C LEU E 141 20.60 -51.96 46.23
N ALA E 142 20.85 -51.23 47.32
CA ALA E 142 22.02 -51.44 48.16
C ALA E 142 21.60 -52.31 49.35
N ILE E 143 22.30 -53.42 49.57
CA ILE E 143 22.07 -54.27 50.73
C ILE E 143 23.14 -53.95 51.77
N LEU E 144 22.71 -53.53 52.95
CA LEU E 144 23.62 -53.10 54.02
C LEU E 144 23.96 -54.29 54.92
N ASP E 145 24.53 -55.30 54.27
CA ASP E 145 24.80 -56.58 54.93
C ASP E 145 25.87 -57.27 54.11
N LYS E 146 26.11 -58.55 54.41
CA LYS E 146 27.31 -59.13 53.84
C LYS E 146 27.04 -59.79 52.49
N PRO E 147 27.98 -59.63 51.56
CA PRO E 147 27.81 -60.27 50.24
C PRO E 147 27.81 -61.79 50.28
N GLN E 148 28.32 -62.42 51.34
CA GLN E 148 28.22 -63.86 51.48
C GLN E 148 26.77 -64.34 51.43
N LEU E 149 25.82 -63.45 51.74
CA LEU E 149 24.40 -63.76 51.57
C LEU E 149 24.07 -64.24 50.17
N LEU E 150 24.79 -63.73 49.16
CA LEU E 150 24.55 -64.18 47.80
C LEU E 150 24.85 -65.66 47.63
N ASN E 151 25.95 -66.14 48.23
CA ASN E 151 26.28 -67.57 48.16
C ASN E 151 25.39 -68.40 49.07
N ASP E 152 25.23 -67.99 50.33
CA ASP E 152 24.48 -68.78 51.29
C ASP E 152 23.01 -68.85 50.93
N HIS E 153 22.39 -67.72 50.56
CA HIS E 153 20.96 -67.66 50.30
C HIS E 153 20.69 -67.06 48.92
N PRO E 154 21.06 -67.77 47.85
CA PRO E 154 20.77 -67.24 46.50
C PRO E 154 19.29 -67.08 46.22
N GLN E 155 18.43 -67.83 46.91
CA GLN E 155 16.98 -67.71 46.72
C GLN E 155 16.50 -66.29 46.97
N LEU E 156 17.12 -65.60 47.93
CA LEU E 156 16.70 -64.24 48.27
C LEU E 156 16.87 -63.27 47.10
N PHE E 157 17.86 -63.52 46.24
CA PHE E 157 18.29 -62.55 45.24
C PHE E 157 17.97 -63.00 43.81
N GLY E 158 16.98 -63.87 43.65
CA GLY E 158 16.63 -64.31 42.31
C GLY E 158 16.19 -63.16 41.43
N ASN E 159 16.51 -63.27 40.14
CA ASN E 159 16.12 -62.27 39.12
C ASN E 159 16.78 -60.92 39.39
N SER E 160 18.07 -60.95 39.74
CA SER E 160 18.84 -59.73 39.91
C SER E 160 20.30 -60.03 39.61
N GLU E 161 21.07 -58.97 39.38
CA GLU E 161 22.47 -59.07 39.04
C GLU E 161 23.29 -58.25 40.03
N LEU E 162 24.36 -58.85 40.55
CA LEU E 162 25.28 -58.11 41.40
C LEU E 162 26.15 -57.18 40.55
N ILE E 163 26.23 -55.90 40.93
CA ILE E 163 26.99 -54.93 40.16
C ILE E 163 28.22 -54.44 40.92
N SER E 164 28.24 -54.55 42.23
CA SER E 164 29.30 -53.94 43.00
C SER E 164 29.30 -54.44 44.43
N ILE E 165 30.48 -54.76 44.94
CA ILE E 165 30.73 -54.90 46.36
C ILE E 165 31.64 -53.76 46.75
N ASN E 166 31.26 -53.00 47.78
CA ASN E 166 31.97 -51.77 48.07
C ASN E 166 32.79 -51.82 49.34
N TYR E 167 32.33 -52.59 50.34
CA TYR E 167 33.14 -53.03 51.45
C TYR E 167 32.44 -54.26 52.03
N ASP E 168 32.93 -54.75 53.17
CA ASP E 168 32.46 -56.03 53.68
C ASP E 168 30.98 -56.03 54.07
N SER E 169 30.33 -54.87 54.14
CA SER E 169 28.92 -54.86 54.54
C SER E 169 28.07 -53.99 53.63
N HIS E 170 28.40 -53.93 52.33
CA HIS E 170 27.68 -53.07 51.41
C HIS E 170 27.88 -53.58 50.00
N PHE E 171 26.78 -54.01 49.35
CA PHE E 171 26.82 -54.38 47.94
C PHE E 171 25.50 -53.98 47.29
N VAL E 172 25.53 -53.87 45.97
CA VAL E 172 24.41 -53.30 45.22
C VAL E 172 24.00 -54.28 44.11
N ILE E 173 22.70 -54.51 43.99
CA ILE E 173 22.13 -55.32 42.93
C ILE E 173 21.20 -54.43 42.11
N SER E 174 20.94 -54.84 40.88
CA SER E 174 20.04 -54.10 40.01
C SER E 174 19.22 -55.08 39.19
N GLY E 175 18.00 -54.68 38.84
CA GLY E 175 17.11 -55.58 38.14
C GLY E 175 15.80 -54.91 37.81
N GLU E 176 14.87 -55.72 37.29
CA GLU E 176 13.56 -55.22 36.93
C GLU E 176 12.84 -54.67 38.16
N GLU E 177 11.86 -53.80 37.92
CA GLU E 177 11.20 -53.08 39.00
C GLU E 177 10.51 -54.05 39.96
N ASP E 178 9.70 -54.97 39.43
CA ASP E 178 8.92 -55.84 40.30
C ASP E 178 9.81 -56.87 40.99
N HIS E 179 10.84 -57.36 40.31
CA HIS E 179 11.75 -58.30 40.93
C HIS E 179 12.49 -57.66 42.10
N ILE E 180 12.97 -56.42 41.91
CA ILE E 180 13.67 -55.74 42.99
C ILE E 180 12.72 -55.51 44.16
N ARG E 181 11.50 -55.07 43.88
N ARG E 181 11.50 -55.05 43.88
CA ARG E 181 10.54 -54.84 44.97
CA ARG E 181 10.52 -54.85 44.93
C ARG E 181 10.22 -56.13 45.71
C ARG E 181 10.27 -56.14 45.71
N LYS E 182 10.24 -57.27 45.02
CA LYS E 182 10.00 -58.54 45.69
C LYS E 182 11.21 -58.98 46.50
N ILE E 183 12.43 -58.71 46.00
CA ILE E 183 13.62 -58.98 46.78
C ILE E 183 13.62 -58.14 48.06
N MET E 184 13.12 -56.90 47.95
CA MET E 184 13.03 -56.04 49.13
C MET E 184 12.09 -56.61 50.17
N GLU E 185 10.91 -57.07 49.74
CA GLU E 185 9.98 -57.67 50.67
C GLU E 185 10.57 -58.92 51.32
N ASP E 186 11.38 -59.68 50.58
CA ASP E 186 11.99 -60.88 51.14
C ASP E 186 13.08 -60.53 52.14
N LEU E 187 13.90 -59.52 51.83
CA LEU E 187 14.93 -59.09 52.77
C LEU E 187 14.31 -58.57 54.06
N LYS E 188 13.17 -57.88 53.95
CA LYS E 188 12.52 -57.34 55.15
C LYS E 188 12.07 -58.46 56.08
N GLU E 189 11.65 -59.60 55.52
CA GLU E 189 11.26 -60.74 56.35
C GLU E 189 12.46 -61.42 56.99
N LYS E 190 13.67 -61.16 56.48
CA LYS E 190 14.89 -61.65 57.11
C LYS E 190 15.58 -60.58 57.94
N GLN E 191 14.96 -59.42 58.11
CA GLN E 191 15.55 -58.31 58.88
C GLN E 191 16.93 -57.95 58.32
N ILE E 192 17.05 -57.99 56.98
CA ILE E 192 18.25 -57.55 56.28
C ILE E 192 17.99 -56.15 55.75
N LEU E 193 18.81 -55.19 56.17
CA LEU E 193 18.58 -53.79 55.81
C LEU E 193 19.01 -53.49 54.39
N CYS E 194 18.17 -52.73 53.67
CA CYS E 194 18.49 -52.34 52.31
C CYS E 194 17.93 -50.95 52.03
N GLN E 195 18.27 -50.41 50.86
CA GLN E 195 17.92 -49.04 50.53
C GLN E 195 17.98 -48.87 49.02
N LEU E 196 16.89 -48.41 48.42
CA LEU E 196 16.85 -48.17 46.98
C LEU E 196 17.75 -47.01 46.60
N LEU E 197 18.47 -47.17 45.47
CA LEU E 197 19.22 -46.06 44.89
C LEU E 197 18.26 -45.14 44.12
N PRO E 198 18.48 -43.83 44.16
CA PRO E 198 17.58 -42.91 43.45
C PRO E 198 17.76 -42.96 41.94
N VAL E 199 17.46 -44.11 41.34
CA VAL E 199 17.59 -44.30 39.90
C VAL E 199 16.34 -45.01 39.42
N SER E 200 16.00 -44.79 38.14
CA SER E 200 14.85 -45.45 37.56
C SER E 200 15.24 -46.42 36.43
N TYR E 201 16.53 -46.75 36.32
CA TYR E 201 16.99 -47.76 35.38
C TYR E 201 17.94 -48.72 36.07
N ALA E 202 17.95 -49.97 35.60
CA ALA E 202 18.81 -51.01 36.17
C ALA E 202 20.19 -50.94 35.52
N PHE E 203 20.93 -49.89 35.89
CA PHE E 203 22.28 -49.70 35.37
C PHE E 203 23.17 -50.88 35.74
N HIS E 204 24.27 -51.02 34.99
CA HIS E 204 25.28 -52.05 35.24
C HIS E 204 24.69 -53.45 35.19
N SER E 205 23.65 -53.64 34.40
CA SER E 205 23.00 -54.94 34.23
C SER E 205 22.65 -55.12 32.76
N SER E 206 22.30 -56.35 32.40
CA SER E 206 21.89 -56.65 31.04
C SER E 206 20.59 -55.95 30.63
N LEU E 207 19.89 -55.32 31.56
CA LEU E 207 18.60 -54.74 31.22
C LEU E 207 18.72 -53.41 30.49
N ILE E 208 19.91 -52.82 30.40
CA ILE E 208 20.12 -51.66 29.54
C ILE E 208 20.79 -52.06 28.23
N ASP E 209 20.91 -53.37 27.97
CA ASP E 209 21.49 -53.83 26.71
C ASP E 209 20.78 -53.27 25.47
N PRO E 210 19.44 -53.11 25.43
CA PRO E 210 18.81 -52.52 24.24
C PRO E 210 19.41 -51.20 23.80
N ALA E 211 20.10 -50.49 24.69
CA ALA E 211 20.71 -49.21 24.36
C ALA E 211 22.09 -49.34 23.75
N GLU E 212 22.70 -50.54 23.81
CA GLU E 212 24.11 -50.68 23.47
C GLU E 212 24.37 -50.38 21.99
N SER E 213 23.54 -50.94 21.10
CA SER E 213 23.75 -50.78 19.67
C SER E 213 23.80 -49.30 19.27
N ALA E 214 22.77 -48.53 19.64
CA ALA E 214 22.74 -47.13 19.26
C ALA E 214 23.88 -46.34 19.89
N TYR E 215 24.22 -46.65 21.14
CA TYR E 215 25.27 -45.88 21.80
C TYR E 215 26.63 -46.17 21.19
N ALA E 216 26.88 -47.42 20.80
CA ALA E 216 28.13 -47.77 20.15
C ALA E 216 28.31 -46.99 18.87
N GLU E 217 27.24 -46.88 18.07
CA GLU E 217 27.28 -46.11 16.84
C GLU E 217 27.55 -44.63 17.11
N PHE E 218 26.95 -44.09 18.18
CA PHE E 218 27.25 -42.71 18.54
C PHE E 218 28.71 -42.55 18.94
N LEU E 219 29.27 -43.55 19.64
CA LEU E 219 30.64 -43.44 20.11
C LEU E 219 31.63 -43.37 18.95
N ARG E 220 31.35 -44.11 17.86
CA ARG E 220 32.27 -44.15 16.74
C ARG E 220 32.49 -42.79 16.10
N SER E 221 31.57 -41.85 16.30
CA SER E 221 31.73 -40.50 15.77
C SER E 221 32.53 -39.60 16.70
N LYS E 222 33.22 -40.16 17.69
CA LYS E 222 33.96 -39.38 18.67
C LYS E 222 35.43 -39.76 18.62
N SER E 223 36.27 -38.83 19.05
CA SER E 223 37.72 -39.05 19.15
C SER E 223 38.16 -38.80 20.59
N PHE E 224 38.90 -39.77 21.14
CA PHE E 224 39.40 -39.66 22.50
C PHE E 224 40.91 -39.76 22.52
N GLN E 225 41.53 -38.97 23.38
CA GLN E 225 42.96 -39.06 23.61
C GLN E 225 43.25 -40.11 24.67
N LYS E 226 44.50 -40.27 24.98
CA LYS E 226 45.00 -41.14 26.03
C LYS E 226 45.25 -40.32 27.29
N PRO E 227 45.19 -40.94 28.47
CA PRO E 227 45.25 -40.16 29.71
C PRO E 227 46.55 -39.40 29.84
N SER E 228 46.46 -38.18 30.38
CA SER E 228 47.65 -37.47 30.82
C SER E 228 47.74 -37.36 32.34
N ILE E 229 46.65 -37.60 33.04
CA ILE E 229 46.65 -37.87 34.48
C ILE E 229 46.24 -39.32 34.66
N PRO E 230 46.93 -40.10 35.50
CA PRO E 230 46.59 -41.53 35.63
C PRO E 230 45.16 -41.74 36.10
N ILE E 231 44.44 -42.63 35.42
CA ILE E 231 43.06 -42.96 35.76
C ILE E 231 43.02 -44.36 36.34
N VAL E 232 42.55 -44.46 37.58
CA VAL E 232 42.19 -45.75 38.16
C VAL E 232 40.71 -45.94 37.93
N SER E 233 40.34 -47.04 37.26
CA SER E 233 38.97 -47.28 36.83
C SER E 233 38.35 -48.37 37.68
N SER E 234 37.10 -48.15 38.12
CA SER E 234 36.37 -49.22 38.79
C SER E 234 35.91 -50.29 37.81
N LEU E 235 35.92 -49.99 36.51
CA LEU E 235 35.59 -50.99 35.51
C LEU E 235 36.62 -52.12 35.49
N THR E 236 37.90 -51.77 35.47
CA THR E 236 38.99 -52.74 35.44
C THR E 236 39.59 -53.03 36.80
N GLY E 237 39.39 -52.16 37.78
CA GLY E 237 39.99 -52.35 39.08
C GLY E 237 41.42 -51.89 39.18
N SER E 238 41.95 -51.26 38.15
CA SER E 238 43.36 -50.89 38.17
C SER E 238 43.58 -49.65 37.30
N CYS E 239 44.83 -49.23 37.22
CA CYS E 239 45.21 -48.10 36.39
C CYS E 239 44.97 -48.42 34.93
N LEU E 240 44.35 -47.48 34.22
CA LEU E 240 43.95 -47.69 32.84
C LEU E 240 44.75 -46.75 31.95
N HIS E 241 45.49 -47.31 31.00
CA HIS E 241 46.33 -46.56 30.08
C HIS E 241 45.76 -46.50 28.68
N VAL E 242 44.99 -47.50 28.26
CA VAL E 242 44.36 -47.51 26.95
C VAL E 242 42.93 -48.02 27.13
N MET E 243 42.04 -47.54 26.28
CA MET E 243 40.61 -47.80 26.39
C MET E 243 40.10 -48.41 25.10
N ASP E 244 39.44 -49.55 25.21
CA ASP E 244 38.70 -50.07 24.07
C ASP E 244 37.58 -49.10 23.69
N GLU E 245 37.08 -49.24 22.46
CA GLU E 245 36.10 -48.30 21.96
C GLU E 245 34.74 -48.40 22.67
N ASN E 246 34.54 -49.43 23.50
CA ASN E 246 33.30 -49.60 24.25
C ASN E 246 33.40 -49.10 25.69
N PHE E 247 34.49 -48.42 26.04
CA PHE E 247 34.74 -48.06 27.44
C PHE E 247 33.59 -47.27 28.04
N PHE E 248 33.18 -46.19 27.39
CA PHE E 248 32.17 -45.33 28.00
C PHE E 248 30.80 -45.98 28.01
N TRP E 249 30.59 -47.03 27.21
CA TRP E 249 29.42 -47.87 27.43
C TRP E 249 29.64 -48.81 28.60
N ASN E 250 30.83 -49.43 28.69
CA ASN E 250 31.13 -50.31 29.81
C ASN E 250 31.07 -49.56 31.13
N ALA E 251 31.36 -48.26 31.11
CA ALA E 251 31.28 -47.44 32.31
C ALA E 251 29.92 -47.53 32.99
N VAL E 252 28.84 -47.82 32.25
CA VAL E 252 27.52 -47.97 32.86
C VAL E 252 26.96 -49.37 32.75
N ARG E 253 27.53 -50.24 31.92
CA ARG E 253 27.03 -51.59 31.72
C ARG E 253 27.74 -52.63 32.56
N LYS E 254 29.07 -52.57 32.68
CA LYS E 254 29.76 -53.68 33.33
C LYS E 254 29.73 -53.52 34.86
N PRO E 255 29.85 -54.63 35.60
CA PRO E 255 30.00 -54.54 37.05
C PRO E 255 31.30 -53.88 37.43
N MET E 256 31.42 -53.53 38.70
CA MET E 256 32.47 -52.66 39.17
C MET E 256 33.38 -53.38 40.17
N MET E 257 34.65 -52.95 40.20
CA MET E 257 35.67 -53.49 41.09
C MET E 257 36.31 -52.33 41.85
N PHE E 258 35.50 -51.67 42.68
CA PHE E 258 35.98 -50.50 43.39
C PHE E 258 37.00 -50.87 44.46
N ARG E 259 36.77 -51.97 45.17
CA ARG E 259 37.71 -52.41 46.21
C ARG E 259 39.07 -52.73 45.60
N GLU E 260 39.07 -53.31 44.41
CA GLU E 260 40.33 -53.57 43.71
C GLU E 260 41.01 -52.27 43.31
N ALA E 261 40.23 -51.23 42.95
CA ALA E 261 40.84 -49.96 42.58
C ALA E 261 41.52 -49.32 43.78
N ILE E 262 40.86 -49.31 44.93
CA ILE E 262 41.49 -48.80 46.15
C ILE E 262 42.71 -49.64 46.51
N ARG E 263 42.62 -50.96 46.32
CA ARG E 263 43.76 -51.85 46.56
C ARG E 263 44.98 -51.41 45.77
N TYR E 264 44.81 -51.17 44.46
CA TYR E 264 45.92 -50.75 43.61
C TYR E 264 46.60 -49.50 44.15
N LEU E 265 45.83 -48.58 44.75
CA LEU E 265 46.41 -47.33 45.25
C LEU E 265 47.07 -47.52 46.62
N GLU E 266 46.40 -48.20 47.54
CA GLU E 266 46.92 -48.32 48.90
C GLU E 266 48.13 -49.26 48.97
N SER E 267 48.20 -50.25 48.09
CA SER E 267 49.33 -51.17 48.08
C SER E 267 50.63 -50.45 47.73
N GLN E 268 50.55 -49.36 46.97
CA GLN E 268 51.73 -48.62 46.53
C GLN E 268 52.18 -47.55 47.52
N HIS E 269 51.23 -46.85 48.14
CA HIS E 269 51.52 -45.74 49.03
C HIS E 269 50.23 -45.31 49.71
N THR E 270 50.36 -44.69 50.88
CA THR E 270 49.21 -44.15 51.59
C THR E 270 48.69 -42.91 50.89
N CYS E 271 47.45 -42.97 50.41
CA CYS E 271 46.86 -41.89 49.64
C CYS E 271 45.95 -41.04 50.51
N LYS E 272 45.76 -39.79 50.08
CA LYS E 272 44.64 -38.98 50.54
C LYS E 272 43.56 -39.05 49.46
N PHE E 273 42.36 -39.42 49.87
CA PHE E 273 41.24 -39.62 48.97
C PHE E 273 40.28 -38.45 49.09
N ILE E 274 40.02 -37.78 47.97
CA ILE E 274 39.12 -36.64 47.90
C ILE E 274 37.91 -37.08 47.10
N ASP E 275 36.75 -37.15 47.75
CA ASP E 275 35.50 -37.46 47.07
C ASP E 275 34.98 -36.18 46.43
N LEU E 276 34.94 -36.15 45.10
CA LEU E 276 34.40 -35.02 44.35
C LEU E 276 32.98 -35.26 43.88
N GLY E 277 32.39 -36.40 44.25
CA GLY E 277 31.05 -36.72 43.86
C GLY E 277 30.07 -36.34 44.95
N PRO E 278 28.82 -36.12 44.57
CA PRO E 278 27.81 -35.78 45.58
C PRO E 278 27.60 -36.92 46.57
N SER E 279 27.21 -36.54 47.79
CA SER E 279 26.88 -37.41 48.92
C SER E 279 28.11 -37.94 49.64
N GLY E 280 29.30 -37.84 49.06
CA GLY E 280 30.46 -38.43 49.70
C GLY E 280 30.42 -39.94 49.76
N THR E 281 29.77 -40.57 48.77
CA THR E 281 29.57 -42.01 48.80
C THR E 281 30.92 -42.74 48.79
N LEU E 282 31.82 -42.33 47.91
CA LEU E 282 33.09 -43.04 47.78
C LEU E 282 33.98 -42.80 48.99
N ALA E 283 33.93 -41.60 49.59
CA ALA E 283 34.70 -41.35 50.79
C ALA E 283 34.27 -42.29 51.92
N ALA E 284 32.97 -42.59 52.00
CA ALA E 284 32.50 -43.49 53.04
C ALA E 284 32.95 -44.92 52.76
N PHE E 285 33.02 -45.30 51.48
CA PHE E 285 33.50 -46.65 51.15
C PHE E 285 34.99 -46.78 51.48
N VAL E 286 35.79 -45.76 51.13
CA VAL E 286 37.23 -45.87 51.34
C VAL E 286 37.56 -45.93 52.83
N LYS E 287 36.78 -45.24 53.67
CA LYS E 287 37.01 -45.33 55.11
C LYS E 287 36.89 -46.77 55.60
N GLN E 288 35.97 -47.55 55.03
CA GLN E 288 35.79 -48.94 55.44
C GLN E 288 36.88 -49.86 54.91
N LEU E 289 37.56 -49.50 53.84
CA LEU E 289 38.56 -50.36 53.23
C LEU E 289 39.98 -50.07 53.72
N ILE E 290 40.16 -49.06 54.56
CA ILE E 290 41.47 -48.70 55.09
C ILE E 290 41.41 -48.80 56.60
N PRO E 291 42.56 -48.87 57.28
CA PRO E 291 42.56 -48.94 58.75
C PRO E 291 41.82 -47.75 59.36
N GLY E 292 41.19 -48.00 60.50
CA GLY E 292 40.39 -46.97 61.13
C GLY E 292 41.19 -45.73 61.49
N ASP E 293 42.47 -45.91 61.86
CA ASP E 293 43.25 -44.77 62.33
C ASP E 293 43.54 -43.81 61.21
N SER E 294 43.73 -44.34 59.99
CA SER E 294 43.93 -43.65 58.74
C SER E 294 42.65 -43.02 58.21
N ALA E 295 41.55 -43.08 58.96
CA ALA E 295 40.27 -42.60 58.45
C ALA E 295 40.29 -41.13 58.08
N ASP E 296 41.35 -40.39 58.38
CA ASP E 296 41.24 -38.96 58.20
C ASP E 296 41.90 -38.54 56.89
N ARG E 297 42.36 -39.52 56.11
CA ARG E 297 42.84 -39.36 54.76
C ARG E 297 41.72 -39.35 53.72
N CYS E 298 40.47 -39.48 54.16
CA CYS E 298 39.29 -39.49 53.28
C CYS E 298 38.44 -38.27 53.60
N CYS E 299 38.23 -37.44 52.58
CA CYS E 299 37.45 -36.23 52.74
C CYS E 299 36.37 -36.19 51.65
N SER E 300 35.18 -35.74 52.03
CA SER E 300 34.12 -35.45 51.07
C SER E 300 33.83 -33.96 51.10
N ILE E 301 33.24 -33.46 50.01
CA ILE E 301 33.01 -32.02 49.88
C ILE E 301 31.52 -31.72 49.77
N ILE E 302 30.85 -32.32 48.79
CA ILE E 302 29.43 -32.07 48.53
C ILE E 302 28.61 -33.09 49.30
N THR E 303 27.88 -32.65 50.32
CA THR E 303 27.04 -33.53 51.11
C THR E 303 25.73 -32.80 51.46
N PRO E 304 24.68 -33.55 51.78
CA PRO E 304 23.42 -32.90 52.19
C PRO E 304 23.54 -31.96 53.38
N PHE E 305 24.71 -31.90 54.04
CA PHE E 305 24.93 -30.93 55.09
C PHE E 305 25.32 -29.56 54.55
N HIS E 306 25.59 -29.44 53.25
CA HIS E 306 25.81 -28.14 52.59
C HIS E 306 26.97 -27.37 53.22
N GLN E 307 28.04 -28.07 53.57
CA GLN E 307 29.25 -27.47 54.12
C GLN E 307 30.40 -27.51 53.13
N GLU E 308 30.09 -27.38 51.83
CA GLU E 308 31.12 -27.43 50.80
C GLU E 308 32.25 -26.45 51.09
N LEU E 309 31.91 -25.22 51.50
CA LEU E 309 32.94 -24.21 51.69
C LEU E 309 33.82 -24.56 52.88
N LYS E 310 33.24 -25.02 53.98
CA LYS E 310 34.02 -25.49 55.11
C LYS E 310 34.87 -26.69 54.73
N ASN E 311 34.30 -27.63 53.97
CA ASN E 311 35.05 -28.82 53.57
C ASN E 311 36.19 -28.47 52.61
N LEU E 312 36.03 -27.43 51.78
CA LEU E 312 37.10 -27.04 50.89
C LEU E 312 38.30 -26.49 51.65
N ASN E 313 38.07 -25.80 52.77
CA ASN E 313 39.19 -25.24 53.54
C ASN E 313 40.05 -26.35 54.13
N THR E 314 39.41 -27.39 54.68
CA THR E 314 40.15 -28.50 55.25
C THR E 314 41.00 -29.20 54.19
N VAL E 315 40.59 -29.11 52.92
CA VAL E 315 41.29 -29.83 51.89
C VAL E 315 42.59 -29.12 51.49
N GLU E 316 42.67 -27.80 51.62
CA GLU E 316 43.93 -27.13 51.33
C GLU E 316 45.01 -27.46 52.35
N TYR E 317 44.63 -27.76 53.59
CA TYR E 317 45.60 -28.24 54.57
C TYR E 317 46.19 -29.59 54.22
N PHE E 318 45.67 -30.27 53.19
CA PHE E 318 46.28 -31.52 52.74
C PHE E 318 47.63 -31.25 52.07
N ARG E 319 47.62 -30.54 50.94
CA ARG E 319 48.87 -30.24 50.26
C ARG E 319 49.76 -29.31 51.07
N THR E 320 49.20 -28.52 51.97
CA THR E 320 50.00 -27.76 52.92
C THR E 320 50.57 -28.66 54.02
N MET F 4 2.48 -15.53 -64.15
CA MET F 4 3.70 -14.84 -63.75
C MET F 4 3.39 -13.68 -62.80
N ASN F 5 2.58 -13.96 -61.78
CA ASN F 5 2.11 -12.94 -60.85
C ASN F 5 2.20 -13.42 -59.39
N GLU F 6 2.78 -14.58 -59.18
CA GLU F 6 2.96 -15.19 -57.85
C GLU F 6 4.23 -14.65 -57.23
N PRO F 7 4.23 -14.23 -55.98
CA PRO F 7 5.31 -13.39 -55.49
C PRO F 7 6.67 -14.09 -55.42
N LEU F 8 7.75 -13.31 -55.60
CA LEU F 8 9.12 -13.83 -55.42
C LEU F 8 9.59 -13.70 -53.98
N VAL F 9 10.05 -14.82 -53.42
CA VAL F 9 10.66 -14.85 -52.10
C VAL F 9 12.16 -15.11 -52.27
N PHE F 10 12.99 -14.21 -51.73
CA PHE F 10 14.42 -14.39 -51.68
C PHE F 10 14.77 -14.95 -50.31
N MET F 11 15.46 -16.09 -50.29
CA MET F 11 15.73 -16.84 -49.07
C MET F 11 17.24 -16.80 -48.79
N PHE F 12 17.60 -16.69 -47.50
CA PHE F 12 18.98 -16.52 -47.06
C PHE F 12 19.29 -17.47 -45.91
N SER F 13 20.20 -18.41 -46.13
CA SER F 13 20.59 -19.37 -45.09
C SER F 13 21.73 -18.81 -44.22
N GLY F 14 22.00 -19.52 -43.13
CA GLY F 14 22.97 -19.06 -42.16
C GLY F 14 24.12 -20.02 -41.92
N GLN F 15 24.58 -20.12 -40.67
CA GLN F 15 25.73 -20.96 -40.35
C GLN F 15 25.41 -22.43 -40.60
N GLY F 16 26.31 -23.10 -41.32
CA GLY F 16 26.14 -24.49 -41.68
C GLY F 16 26.01 -24.72 -43.17
N SER F 17 25.67 -23.69 -43.92
N SER F 17 25.67 -23.69 -43.92
CA SER F 17 25.49 -23.80 -45.37
CA SER F 17 25.49 -23.80 -45.37
C SER F 17 26.70 -23.34 -46.17
C SER F 17 26.71 -23.36 -46.17
N GLN F 18 27.67 -22.69 -45.54
CA GLN F 18 28.86 -22.24 -46.24
C GLN F 18 29.77 -23.42 -46.56
N TYR F 19 30.61 -23.23 -47.58
CA TYR F 19 31.64 -24.19 -47.93
C TYR F 19 32.73 -23.49 -48.71
N TYR F 20 33.94 -24.04 -48.65
CA TYR F 20 35.06 -23.45 -49.38
C TYR F 20 34.75 -23.43 -50.87
N HIS F 21 35.06 -22.31 -51.51
CA HIS F 21 34.88 -22.04 -52.93
C HIS F 21 33.43 -21.79 -53.33
N MET F 22 32.56 -21.41 -52.37
CA MET F 22 31.23 -20.89 -52.67
C MET F 22 31.27 -19.94 -53.85
N GLY F 23 30.53 -20.26 -54.90
CA GLY F 23 30.26 -19.29 -55.96
C GLY F 23 31.50 -18.78 -56.65
N LYS F 24 32.52 -19.63 -56.77
CA LYS F 24 33.77 -19.21 -57.40
C LYS F 24 33.56 -18.83 -58.85
N GLU F 25 32.62 -19.48 -59.55
N GLU F 25 32.61 -19.48 -59.54
CA GLU F 25 32.34 -19.09 -60.93
CA GLU F 25 32.30 -19.12 -60.93
C GLU F 25 31.73 -17.71 -61.01
C GLU F 25 31.71 -17.72 -61.02
N LEU F 26 30.94 -17.30 -60.01
CA LEU F 26 30.42 -15.95 -60.00
C LEU F 26 31.51 -14.94 -59.64
N PHE F 27 32.38 -15.30 -58.69
CA PHE F 27 33.47 -14.43 -58.28
C PHE F 27 34.44 -14.17 -59.43
N LYS F 28 34.56 -15.11 -60.36
CA LYS F 28 35.47 -14.97 -61.48
C LYS F 28 34.82 -14.29 -62.68
N GLU F 29 33.56 -14.61 -63.01
CA GLU F 29 32.97 -14.21 -64.28
C GLU F 29 31.93 -13.12 -64.19
N ASN F 30 31.38 -12.82 -63.03
CA ASN F 30 30.33 -11.81 -62.92
C ASN F 30 30.89 -10.53 -62.34
N THR F 31 30.91 -9.47 -63.14
CA THR F 31 31.46 -8.20 -62.69
C THR F 31 30.75 -7.67 -61.45
N VAL F 32 29.42 -7.77 -61.41
CA VAL F 32 28.68 -7.23 -60.27
C VAL F 32 28.99 -8.02 -59.01
N PHE F 33 28.95 -9.35 -59.12
CA PHE F 33 29.26 -10.20 -57.98
C PHE F 33 30.68 -9.96 -57.49
N ARG F 34 31.65 -9.99 -58.40
CA ARG F 34 33.04 -9.81 -58.01
C ARG F 34 33.24 -8.44 -57.37
N GLN F 35 32.73 -7.39 -58.03
CA GLN F 35 32.85 -6.04 -57.49
C GLN F 35 32.33 -5.99 -56.06
N SER F 36 31.13 -6.53 -55.83
CA SER F 36 30.54 -6.51 -54.50
C SER F 36 31.40 -7.27 -53.48
N MET F 37 31.92 -8.44 -53.88
CA MET F 37 32.73 -9.21 -52.95
C MET F 37 34.00 -8.43 -52.55
N LEU F 38 34.67 -7.81 -53.51
CA LEU F 38 35.94 -7.15 -53.20
C LEU F 38 35.74 -5.88 -52.38
N GLU F 39 34.63 -5.15 -52.59
CA GLU F 39 34.35 -3.98 -51.76
C GLU F 39 34.13 -4.38 -50.30
N MET F 40 33.34 -5.43 -50.06
CA MET F 40 33.15 -5.90 -48.70
C MET F 40 34.42 -6.53 -48.13
N ASP F 41 35.23 -7.17 -48.98
CA ASP F 41 36.49 -7.72 -48.49
C ASP F 41 37.40 -6.63 -47.94
N ALA F 42 37.48 -5.50 -48.64
CA ALA F 42 38.25 -4.36 -48.13
C ALA F 42 37.77 -3.98 -46.73
N ILE F 43 36.45 -3.83 -46.56
CA ILE F 43 35.90 -3.42 -45.28
C ILE F 43 36.25 -4.43 -44.20
N ALA F 44 35.99 -5.71 -44.47
CA ALA F 44 36.22 -6.74 -43.46
C ALA F 44 37.72 -6.92 -43.17
N ALA F 45 38.57 -6.59 -44.15
CA ALA F 45 40.02 -6.71 -43.94
C ALA F 45 40.51 -5.74 -42.88
N ARG F 46 39.96 -4.53 -42.86
CA ARG F 46 40.36 -3.54 -41.86
C ARG F 46 40.03 -4.00 -40.45
N ARG F 47 39.08 -4.92 -40.28
CA ARG F 47 38.67 -5.38 -38.96
C ARG F 47 39.28 -6.73 -38.57
N ILE F 48 39.41 -7.64 -39.52
CA ILE F 48 39.95 -8.97 -39.22
C ILE F 48 41.48 -9.00 -39.35
N GLY F 49 42.05 -8.23 -40.26
CA GLY F 49 43.48 -8.22 -40.45
C GLY F 49 43.89 -8.81 -41.78
N THR F 50 43.21 -9.87 -42.20
CA THR F 50 43.49 -10.56 -43.46
C THR F 50 42.25 -10.54 -44.35
N SER F 51 42.38 -11.15 -45.53
CA SER F 51 41.34 -11.11 -46.55
C SER F 51 40.36 -12.26 -46.34
N ILE F 52 39.06 -11.95 -46.28
CA ILE F 52 38.05 -12.99 -46.21
C ILE F 52 38.01 -13.79 -47.51
N VAL F 53 38.07 -13.08 -48.62
CA VAL F 53 37.93 -13.69 -49.94
C VAL F 53 39.03 -14.72 -50.19
N GLU F 54 40.27 -14.38 -49.84
CA GLU F 54 41.36 -15.33 -50.04
C GLU F 54 41.18 -16.58 -49.18
N GLU F 55 40.47 -16.46 -48.06
CA GLU F 55 40.15 -17.65 -47.29
C GLU F 55 39.03 -18.45 -47.96
N ILE F 56 38.01 -17.76 -48.49
CA ILE F 56 36.88 -18.44 -49.13
C ILE F 56 37.37 -19.30 -50.29
N TYR F 57 38.30 -18.78 -51.09
CA TYR F 57 38.83 -19.47 -52.26
C TYR F 57 40.25 -19.95 -52.03
N HIS F 58 40.54 -20.36 -50.80
CA HIS F 58 41.81 -20.94 -50.40
C HIS F 58 42.15 -22.14 -51.30
N PRO F 59 43.21 -22.04 -52.11
CA PRO F 59 43.52 -23.14 -53.05
C PRO F 59 43.90 -24.44 -52.38
N GLY F 60 44.33 -24.42 -51.12
CA GLY F 60 44.60 -25.63 -50.39
C GLY F 60 43.40 -26.23 -49.68
N LYS F 61 42.20 -25.74 -49.94
CA LYS F 61 40.99 -26.21 -49.28
C LYS F 61 40.04 -26.78 -50.32
N ARG F 62 39.34 -27.84 -49.95
CA ARG F 62 38.34 -28.46 -50.80
C ARG F 62 36.95 -28.20 -50.24
N VAL F 63 35.95 -28.40 -51.10
CA VAL F 63 34.56 -28.22 -50.67
C VAL F 63 34.28 -29.03 -49.41
N SER F 64 34.81 -30.25 -49.34
CA SER F 64 34.54 -31.15 -48.24
C SER F 64 35.30 -30.81 -46.96
N ASP F 65 36.22 -29.85 -46.99
CA ASP F 65 36.89 -29.41 -45.76
C ASP F 65 35.98 -28.45 -45.02
N PRO F 66 35.65 -28.70 -43.76
CA PRO F 66 34.66 -27.85 -43.06
C PRO F 66 35.14 -26.41 -42.95
N PHE F 67 34.32 -25.49 -43.45
CA PHE F 67 34.62 -24.06 -43.37
C PHE F 67 34.08 -23.50 -42.07
N ASP F 68 34.74 -23.90 -40.97
CA ASP F 68 34.21 -23.69 -39.64
C ASP F 68 34.90 -22.59 -38.85
N SER F 69 35.93 -21.97 -39.40
CA SER F 69 36.53 -20.77 -38.81
C SER F 69 35.53 -19.62 -38.73
N ILE F 70 35.06 -19.29 -37.51
CA ILE F 70 33.96 -18.35 -37.34
C ILE F 70 34.33 -16.97 -37.88
N LEU F 71 35.57 -16.52 -37.67
CA LEU F 71 35.97 -15.19 -38.11
C LEU F 71 35.88 -15.02 -39.62
N PHE F 72 35.95 -16.11 -40.36
CA PHE F 72 35.80 -16.06 -41.81
C PHE F 72 34.45 -16.52 -42.29
N SER F 73 33.86 -17.55 -41.66
CA SER F 73 32.58 -18.08 -42.10
C SER F 73 31.44 -17.07 -41.89
N HIS F 74 31.36 -16.44 -40.68
CA HIS F 74 30.37 -15.36 -40.49
C HIS F 74 30.35 -14.33 -41.59
N PRO F 75 31.42 -13.56 -41.83
CA PRO F 75 31.33 -12.55 -42.89
C PRO F 75 31.15 -13.15 -44.27
N ALA F 76 31.70 -14.35 -44.51
CA ALA F 76 31.64 -14.95 -45.83
C ALA F 76 30.20 -15.22 -46.26
N ILE F 77 29.37 -15.73 -45.35
CA ILE F 77 27.98 -16.03 -45.69
C ILE F 77 27.26 -14.76 -46.14
N PHE F 78 27.38 -13.69 -45.36
CA PHE F 78 26.74 -12.44 -45.71
C PHE F 78 27.28 -11.88 -47.02
N MET F 79 28.60 -11.91 -47.20
CA MET F 79 29.19 -11.34 -48.40
C MET F 79 28.69 -12.07 -49.64
N ILE F 80 28.68 -13.40 -49.59
CA ILE F 80 28.20 -14.20 -50.71
C ILE F 80 26.73 -13.88 -50.98
N GLU F 81 25.93 -13.77 -49.93
CA GLU F 81 24.49 -13.63 -50.12
C GLU F 81 24.12 -12.25 -50.63
N TYR F 82 24.72 -11.21 -50.05
CA TYR F 82 24.42 -9.86 -50.52
C TYR F 82 24.95 -9.64 -51.94
N SER F 83 26.13 -10.19 -52.24
CA SER F 83 26.67 -10.04 -53.59
C SER F 83 25.77 -10.68 -54.62
N LEU F 84 25.24 -11.86 -54.34
CA LEU F 84 24.33 -12.52 -55.27
C LEU F 84 23.04 -11.72 -55.41
N TYR F 85 22.56 -11.16 -54.31
CA TYR F 85 21.40 -10.28 -54.40
C TYR F 85 21.66 -9.13 -55.36
N LYS F 86 22.86 -8.54 -55.30
CA LYS F 86 23.20 -7.45 -56.23
C LYS F 86 23.16 -7.94 -57.67
N VAL F 87 23.55 -9.20 -57.91
CA VAL F 87 23.45 -9.73 -59.27
C VAL F 87 22.00 -9.78 -59.73
N LEU F 88 21.09 -10.18 -58.84
CA LEU F 88 19.69 -10.27 -59.23
C LEU F 88 19.09 -8.89 -59.42
N GLU F 89 19.36 -7.96 -58.49
CA GLU F 89 18.89 -6.59 -58.66
C GLU F 89 19.37 -6.00 -59.98
N ASP F 90 20.65 -6.24 -60.32
CA ASP F 90 21.18 -5.70 -61.57
C ASP F 90 20.46 -6.28 -62.78
N ARG F 91 20.00 -7.53 -62.70
CA ARG F 91 19.24 -8.14 -63.78
C ARG F 91 17.76 -7.79 -63.72
N GLY F 92 17.35 -6.84 -62.89
CA GLY F 92 15.95 -6.50 -62.77
C GLY F 92 15.08 -7.59 -62.19
N ILE F 93 15.61 -8.45 -61.33
CA ILE F 93 14.82 -9.49 -60.65
C ILE F 93 14.76 -9.09 -59.18
N TYR F 94 13.61 -8.59 -58.76
CA TYR F 94 13.48 -8.00 -57.45
C TYR F 94 12.61 -8.86 -56.54
N PRO F 95 12.86 -8.83 -55.23
CA PRO F 95 12.06 -9.64 -54.31
C PRO F 95 10.78 -8.95 -53.85
N ASP F 96 9.71 -9.74 -53.75
CA ASP F 96 8.52 -9.29 -53.03
C ASP F 96 8.64 -9.57 -51.54
N TYR F 97 9.44 -10.56 -51.16
CA TYR F 97 9.71 -10.94 -49.79
C TYR F 97 11.17 -11.34 -49.68
N VAL F 98 11.76 -11.07 -48.52
CA VAL F 98 13.02 -11.70 -48.15
C VAL F 98 12.74 -12.55 -46.92
N LEU F 99 13.34 -13.73 -46.89
CA LEU F 99 13.20 -14.67 -45.78
C LEU F 99 14.58 -14.94 -45.19
N GLY F 100 14.73 -14.66 -43.91
CA GLY F 100 15.99 -14.84 -43.21
C GLY F 100 15.99 -16.09 -42.34
N SER F 101 17.10 -16.81 -42.40
CA SER F 101 17.31 -18.02 -41.60
C SER F 101 18.68 -17.92 -40.95
N SER F 102 18.70 -17.88 -39.63
CA SER F 102 19.93 -17.88 -38.83
C SER F 102 20.73 -16.65 -39.24
N LEU F 103 22.01 -16.79 -39.60
CA LEU F 103 22.78 -15.61 -40.02
C LEU F 103 22.20 -14.95 -41.26
N GLY F 104 21.41 -15.67 -42.06
CA GLY F 104 20.77 -15.07 -43.21
C GLY F 104 19.81 -13.93 -42.88
N GLU F 105 19.40 -13.78 -41.62
CA GLU F 105 18.56 -12.64 -41.25
C GLU F 105 19.30 -11.33 -41.45
N PHE F 106 20.63 -11.33 -41.31
CA PHE F 106 21.42 -10.13 -41.56
C PHE F 106 21.32 -9.72 -43.03
N ALA F 107 21.46 -10.68 -43.95
CA ALA F 107 21.33 -10.38 -45.36
C ALA F 107 19.91 -9.91 -45.70
N ALA F 108 18.90 -10.62 -45.20
CA ALA F 108 17.52 -10.23 -45.46
C ALA F 108 17.24 -8.83 -44.92
N ALA F 109 17.73 -8.54 -43.72
CA ALA F 109 17.60 -7.19 -43.18
C ALA F 109 18.29 -6.16 -44.07
N ALA F 110 19.46 -6.51 -44.62
CA ALA F 110 20.17 -5.55 -45.46
C ALA F 110 19.44 -5.35 -46.78
N VAL F 111 18.93 -6.43 -47.38
CA VAL F 111 18.22 -6.29 -48.65
C VAL F 111 16.98 -5.43 -48.47
N SER F 112 16.24 -5.64 -47.38
CA SER F 112 14.97 -4.95 -47.17
C SER F 112 15.14 -3.50 -46.77
N GLY F 113 16.33 -3.08 -46.37
CA GLY F 113 16.60 -1.70 -46.00
C GLY F 113 16.70 -1.44 -44.52
N VAL F 114 16.64 -2.47 -43.69
CA VAL F 114 16.80 -2.30 -42.24
C VAL F 114 18.15 -1.66 -41.93
N SER F 115 19.16 -1.93 -42.76
CA SER F 115 20.48 -1.35 -42.59
C SER F 115 21.21 -1.50 -43.92
N ASP F 116 22.27 -0.71 -44.10
CA ASP F 116 23.02 -0.85 -45.33
C ASP F 116 24.07 -1.97 -45.18
N ALA F 117 24.57 -2.45 -46.32
CA ALA F 117 25.38 -3.65 -46.32
C ALA F 117 26.62 -3.49 -45.45
N GLU F 118 27.26 -2.33 -45.52
CA GLU F 118 28.49 -2.13 -44.75
C GLU F 118 28.23 -2.23 -43.24
N ASP F 119 27.12 -1.67 -42.78
CA ASP F 119 26.81 -1.74 -41.36
C ASP F 119 26.43 -3.15 -40.93
N MET F 120 25.69 -3.87 -41.77
CA MET F 120 25.36 -5.26 -41.45
C MET F 120 26.63 -6.10 -41.37
N LEU F 121 27.54 -5.93 -42.33
CA LEU F 121 28.82 -6.64 -42.29
C LEU F 121 29.55 -6.34 -40.99
N ASP F 122 29.52 -5.09 -40.54
CA ASP F 122 30.19 -4.73 -39.30
C ASP F 122 29.56 -5.43 -38.11
N CYS F 123 28.22 -5.52 -38.08
CA CYS F 123 27.56 -6.22 -36.97
C CYS F 123 27.88 -7.70 -36.99
N ILE F 124 28.15 -8.27 -38.16
CA ILE F 124 28.46 -9.69 -38.23
C ILE F 124 29.88 -9.96 -37.75
N LEU F 125 30.83 -9.15 -38.21
CA LEU F 125 32.22 -9.28 -37.78
C LEU F 125 32.31 -9.16 -36.27
N GLU F 126 31.68 -8.14 -35.71
CA GLU F 126 31.71 -7.99 -34.26
C GLU F 126 31.13 -9.20 -33.56
N GLN F 127 30.10 -9.82 -34.14
CA GLN F 127 29.53 -11.01 -33.53
C GLN F 127 30.50 -12.18 -33.55
N ALA F 128 31.21 -12.39 -34.67
CA ALA F 128 32.15 -13.50 -34.73
C ALA F 128 33.29 -13.29 -33.75
N ILE F 129 33.79 -12.05 -33.67
CA ILE F 129 34.89 -11.74 -32.75
C ILE F 129 34.47 -11.92 -31.30
N ILE F 130 33.29 -11.41 -30.95
CA ILE F 130 32.82 -11.51 -29.56
C ILE F 130 32.58 -12.98 -29.20
N ILE F 131 31.96 -13.74 -30.11
CA ILE F 131 31.71 -15.15 -29.84
C ILE F 131 33.03 -15.91 -29.72
N GLN F 132 33.98 -15.62 -30.60
CA GLN F 132 35.28 -16.31 -30.51
C GLN F 132 35.98 -15.98 -29.20
N ASN F 133 35.94 -14.72 -28.77
CA ASN F 133 36.67 -14.29 -27.59
C ASN F 133 36.04 -14.77 -26.29
N SER F 134 34.74 -15.07 -26.29
CA SER F 134 34.05 -15.31 -25.04
C SER F 134 33.49 -16.71 -24.88
N CYS F 135 33.19 -17.43 -25.95
CA CYS F 135 32.43 -18.66 -25.86
C CYS F 135 33.32 -19.88 -26.07
N ASP F 136 32.92 -20.99 -25.46
CA ASP F 136 33.53 -22.27 -25.72
C ASP F 136 33.07 -22.82 -27.06
N LYS F 137 33.91 -23.65 -27.67
CA LYS F 137 33.55 -24.28 -28.92
C LYS F 137 32.41 -25.28 -28.71
N GLY F 138 31.71 -25.61 -29.79
CA GLY F 138 30.62 -26.56 -29.72
C GLY F 138 30.37 -27.15 -31.09
N LYS F 139 29.28 -27.91 -31.19
CA LYS F 139 28.95 -28.58 -32.44
C LYS F 139 27.45 -28.53 -32.71
N MET F 140 27.10 -28.62 -33.99
CA MET F 140 25.72 -28.70 -34.44
C MET F 140 25.56 -29.95 -35.30
N LEU F 141 24.48 -30.69 -35.08
CA LEU F 141 24.28 -31.99 -35.71
C LEU F 141 22.92 -32.03 -36.39
N ALA F 142 22.91 -32.29 -37.69
CA ALA F 142 21.67 -32.55 -38.41
C ALA F 142 21.34 -34.02 -38.27
N ILE F 143 20.08 -34.31 -37.95
CA ILE F 143 19.62 -35.69 -37.83
C ILE F 143 18.62 -35.94 -38.95
N LEU F 144 18.91 -36.94 -39.77
CA LEU F 144 18.11 -37.22 -40.97
C LEU F 144 17.09 -38.31 -40.64
N ASP F 145 16.15 -37.93 -39.79
CA ASP F 145 15.15 -38.86 -39.30
C ASP F 145 14.02 -38.04 -38.70
N LYS F 146 13.00 -38.73 -38.20
CA LYS F 146 11.76 -38.06 -37.79
C LYS F 146 11.96 -37.34 -36.46
N PRO F 147 11.52 -36.09 -36.33
CA PRO F 147 11.67 -35.38 -35.04
C PRO F 147 10.92 -36.05 -33.90
N GLN F 148 9.99 -36.96 -34.18
CA GLN F 148 9.33 -37.74 -33.14
C GLN F 148 10.32 -38.49 -32.25
N LEU F 149 11.52 -38.76 -32.77
CA LEU F 149 12.55 -39.42 -31.96
C LEU F 149 12.81 -38.67 -30.67
N LEU F 150 12.77 -37.34 -30.73
CA LEU F 150 13.05 -36.54 -29.54
C LEU F 150 12.03 -36.80 -28.44
N ASN F 151 10.81 -37.19 -28.81
CA ASN F 151 9.76 -37.47 -27.83
C ASN F 151 9.78 -38.92 -27.37
N ASP F 152 9.84 -39.87 -28.31
CA ASP F 152 9.83 -41.28 -27.93
C ASP F 152 11.10 -41.69 -27.21
N HIS F 153 12.24 -41.15 -27.63
CA HIS F 153 13.54 -41.55 -27.08
C HIS F 153 14.34 -40.31 -26.71
N PRO F 154 13.89 -39.55 -25.71
CA PRO F 154 14.60 -38.32 -25.34
C PRO F 154 15.98 -38.59 -24.76
N GLN F 155 16.24 -39.79 -24.26
CA GLN F 155 17.56 -40.12 -23.71
C GLN F 155 18.66 -40.12 -24.76
N LEU F 156 18.30 -40.26 -26.05
CA LEU F 156 19.30 -40.26 -27.10
C LEU F 156 19.91 -38.89 -27.33
N PHE F 157 19.24 -37.82 -26.89
CA PHE F 157 19.68 -36.47 -27.21
C PHE F 157 19.99 -35.63 -25.98
N GLY F 158 20.14 -36.24 -24.81
CA GLY F 158 20.44 -35.48 -23.61
C GLY F 158 21.72 -34.69 -23.76
N ASN F 159 21.78 -33.56 -23.05
CA ASN F 159 22.87 -32.59 -23.11
C ASN F 159 22.92 -31.85 -24.44
N SER F 160 21.78 -31.76 -25.14
CA SER F 160 21.71 -31.02 -26.39
C SER F 160 20.41 -30.21 -26.41
N GLU F 161 20.35 -29.25 -27.33
CA GLU F 161 19.19 -28.39 -27.48
C GLU F 161 18.69 -28.48 -28.91
N LEU F 162 17.40 -28.70 -29.09
CA LEU F 162 16.81 -28.63 -30.41
C LEU F 162 16.78 -27.18 -30.88
N ILE F 163 17.34 -26.92 -32.05
CA ILE F 163 17.39 -25.57 -32.60
C ILE F 163 16.50 -25.38 -33.80
N SER F 164 16.10 -26.44 -34.49
CA SER F 164 15.37 -26.29 -35.74
C SER F 164 14.82 -27.61 -36.24
N ILE F 165 13.55 -27.61 -36.63
CA ILE F 165 12.96 -28.71 -37.39
C ILE F 165 12.66 -28.16 -38.77
N ASN F 166 13.25 -28.78 -39.80
CA ASN F 166 13.20 -28.22 -41.14
C ASN F 166 12.15 -28.89 -42.02
N TYR F 167 11.96 -30.20 -41.88
CA TYR F 167 10.80 -30.89 -42.43
C TYR F 167 10.65 -32.22 -41.69
N ASP F 168 9.89 -33.15 -42.26
CA ASP F 168 9.51 -34.35 -41.52
C ASP F 168 10.67 -35.30 -41.26
N SER F 169 11.81 -35.13 -41.93
CA SER F 169 12.94 -36.05 -41.79
C SER F 169 14.25 -35.29 -41.68
N HIS F 170 14.24 -34.15 -40.97
CA HIS F 170 15.43 -33.34 -40.82
C HIS F 170 15.24 -32.38 -39.66
N PHE F 171 16.06 -32.52 -38.61
CA PHE F 171 16.12 -31.53 -37.55
C PHE F 171 17.56 -31.40 -37.08
N VAL F 172 17.84 -30.29 -36.40
CA VAL F 172 19.21 -29.97 -36.00
C VAL F 172 19.25 -29.72 -34.51
N ILE F 173 20.22 -30.32 -33.83
CA ILE F 173 20.48 -30.11 -32.42
C ILE F 173 21.84 -29.46 -32.24
N SER F 174 22.06 -28.89 -31.07
CA SER F 174 23.24 -28.08 -30.80
C SER F 174 23.71 -28.38 -29.37
N GLY F 175 25.02 -28.43 -29.17
CA GLY F 175 25.52 -28.81 -27.85
C GLY F 175 27.04 -28.83 -27.80
N GLU F 176 27.56 -29.27 -26.65
CA GLU F 176 29.00 -29.33 -26.44
C GLU F 176 29.65 -30.39 -27.32
N GLU F 177 30.94 -30.21 -27.57
CA GLU F 177 31.66 -31.06 -28.52
C GLU F 177 31.53 -32.53 -28.15
N ASP F 178 31.95 -32.88 -26.94
CA ASP F 178 31.91 -34.28 -26.54
C ASP F 178 30.47 -34.77 -26.39
N HIS F 179 29.57 -33.91 -25.90
CA HIS F 179 28.17 -34.31 -25.79
C HIS F 179 27.61 -34.68 -27.16
N ILE F 180 27.90 -33.86 -28.19
CA ILE F 180 27.43 -34.15 -29.53
C ILE F 180 28.07 -35.43 -30.06
N ARG F 181 29.37 -35.62 -29.81
CA ARG F 181 30.04 -36.83 -30.25
C ARG F 181 29.41 -38.08 -29.63
N LYS F 182 29.00 -37.98 -28.37
CA LYS F 182 28.33 -39.12 -27.73
C LYS F 182 26.97 -39.40 -28.37
N ILE F 183 26.21 -38.34 -28.66
CA ILE F 183 24.93 -38.52 -29.34
C ILE F 183 25.14 -39.24 -30.67
N MET F 184 26.19 -38.86 -31.40
CA MET F 184 26.47 -39.48 -32.69
C MET F 184 26.71 -40.97 -32.52
N GLU F 185 27.55 -41.34 -31.55
CA GLU F 185 27.84 -42.74 -31.29
C GLU F 185 26.56 -43.50 -30.98
N ASP F 186 25.70 -42.93 -30.13
CA ASP F 186 24.47 -43.63 -29.78
C ASP F 186 23.52 -43.70 -30.98
N LEU F 187 23.48 -42.64 -31.79
CA LEU F 187 22.62 -42.68 -32.98
C LEU F 187 23.08 -43.76 -33.94
N LYS F 188 24.39 -44.00 -34.02
CA LYS F 188 24.83 -45.04 -34.94
C LYS F 188 24.50 -46.45 -34.45
N GLU F 189 24.47 -46.68 -33.13
CA GLU F 189 23.97 -47.97 -32.65
C GLU F 189 22.48 -48.16 -32.95
N LYS F 190 21.75 -47.07 -33.20
CA LYS F 190 20.35 -47.15 -33.61
C LYS F 190 20.15 -47.07 -35.11
N GLN F 191 21.24 -47.02 -35.89
CA GLN F 191 21.16 -46.90 -37.35
C GLN F 191 20.38 -45.66 -37.78
N ILE F 192 20.52 -44.59 -37.00
CA ILE F 192 19.92 -43.30 -37.33
C ILE F 192 21.01 -42.42 -37.94
N LEU F 193 20.80 -41.98 -39.17
CA LEU F 193 21.81 -41.22 -39.90
C LEU F 193 21.83 -39.77 -39.45
N CYS F 194 23.02 -39.20 -39.38
CA CYS F 194 23.19 -37.82 -38.96
C CYS F 194 24.38 -37.24 -39.68
N GLN F 195 24.57 -35.92 -39.53
CA GLN F 195 25.65 -35.22 -40.21
C GLN F 195 26.00 -33.97 -39.43
N LEU F 196 27.27 -33.83 -39.06
CA LEU F 196 27.73 -32.61 -38.41
C LEU F 196 27.68 -31.43 -39.38
N LEU F 197 27.25 -30.27 -38.88
CA LEU F 197 27.36 -29.05 -39.66
C LEU F 197 28.79 -28.50 -39.56
N PRO F 198 29.26 -27.79 -40.59
CA PRO F 198 30.62 -27.22 -40.59
C PRO F 198 30.75 -25.97 -39.72
N VAL F 199 30.46 -26.12 -38.42
CA VAL F 199 30.56 -25.02 -37.47
C VAL F 199 31.40 -25.48 -36.28
N SER F 200 32.08 -24.54 -35.64
CA SER F 200 32.86 -24.82 -34.43
C SER F 200 32.21 -24.28 -33.17
N TYR F 201 30.96 -23.80 -33.25
CA TYR F 201 30.27 -23.28 -32.08
C TYR F 201 28.86 -23.81 -32.04
N ALA F 202 28.33 -23.99 -30.83
CA ALA F 202 26.95 -24.45 -30.62
C ALA F 202 25.99 -23.27 -30.80
N PHE F 203 25.88 -22.84 -32.06
CA PHE F 203 24.97 -21.73 -32.39
C PHE F 203 23.53 -22.09 -32.02
N HIS F 204 22.72 -21.05 -31.81
CA HIS F 204 21.29 -21.20 -31.54
C HIS F 204 21.01 -22.01 -30.28
N SER F 205 21.91 -21.90 -29.31
CA SER F 205 21.80 -22.62 -28.06
C SER F 205 22.32 -21.73 -26.93
N SER F 206 22.05 -22.14 -25.70
CA SER F 206 22.55 -21.38 -24.55
C SER F 206 24.07 -21.35 -24.45
N LEU F 207 24.78 -22.18 -25.21
CA LEU F 207 26.24 -22.24 -25.06
C LEU F 207 26.96 -21.00 -25.59
N ILE F 208 26.32 -20.18 -26.42
CA ILE F 208 26.92 -18.92 -26.83
C ILE F 208 26.45 -17.74 -25.98
N ASP F 209 25.73 -18.03 -24.88
CA ASP F 209 25.27 -16.95 -24.00
C ASP F 209 26.40 -16.06 -23.45
N PRO F 210 27.63 -16.56 -23.19
CA PRO F 210 28.70 -15.66 -22.74
C PRO F 210 28.96 -14.46 -23.64
N ALA F 211 28.44 -14.49 -24.87
CA ALA F 211 28.67 -13.41 -25.81
C ALA F 211 27.54 -12.40 -25.84
N GLU F 212 26.48 -12.60 -25.04
CA GLU F 212 25.27 -11.79 -25.20
C GLU F 212 25.49 -10.36 -24.71
N SER F 213 25.99 -10.20 -23.49
CA SER F 213 26.11 -8.86 -22.91
C SER F 213 27.02 -7.96 -23.74
N ALA F 214 28.13 -8.49 -24.24
CA ALA F 214 29.02 -7.67 -25.05
C ALA F 214 28.38 -7.31 -26.38
N TYR F 215 27.69 -8.27 -27.01
CA TYR F 215 27.07 -7.98 -28.29
C TYR F 215 25.88 -7.03 -28.13
N ALA F 216 25.12 -7.17 -27.05
CA ALA F 216 24.02 -6.25 -26.79
C ALA F 216 24.55 -4.83 -26.59
N GLU F 217 25.63 -4.70 -25.82
CA GLU F 217 26.28 -3.42 -25.66
C GLU F 217 26.72 -2.84 -26.99
N PHE F 218 27.28 -3.68 -27.86
CA PHE F 218 27.70 -3.20 -29.17
C PHE F 218 26.50 -2.76 -30.00
N LEU F 219 25.39 -3.47 -29.88
CA LEU F 219 24.22 -3.15 -30.71
C LEU F 219 23.64 -1.80 -30.34
N ARG F 220 23.78 -1.38 -29.09
CA ARG F 220 23.12 -0.16 -28.64
C ARG F 220 23.80 1.07 -29.21
N SER F 221 24.95 0.91 -29.88
CA SER F 221 25.64 1.97 -30.62
C SER F 221 25.25 1.99 -32.09
N LYS F 222 24.16 1.35 -32.44
CA LYS F 222 23.68 1.26 -33.81
C LYS F 222 22.24 1.71 -33.87
N SER F 223 21.83 2.15 -35.05
CA SER F 223 20.46 2.58 -35.29
C SER F 223 20.00 1.97 -36.61
N PHE F 224 18.93 1.18 -36.57
CA PHE F 224 18.43 0.48 -37.73
C PHE F 224 17.11 1.09 -38.18
N GLN F 225 16.84 0.99 -39.47
CA GLN F 225 15.65 1.55 -40.07
C GLN F 225 14.49 0.56 -40.04
N LYS F 226 13.29 1.09 -40.27
CA LYS F 226 12.15 0.22 -40.51
C LYS F 226 12.36 -0.58 -41.80
N PRO F 227 11.87 -1.82 -41.87
CA PRO F 227 11.89 -2.56 -43.13
C PRO F 227 11.06 -1.85 -44.19
N SER F 228 11.55 -1.86 -45.43
CA SER F 228 10.72 -1.44 -46.56
C SER F 228 10.21 -2.63 -47.37
N ILE F 229 11.09 -3.56 -47.75
CA ILE F 229 10.68 -4.82 -48.37
C ILE F 229 10.21 -5.75 -47.27
N PRO F 230 9.11 -6.49 -47.46
CA PRO F 230 8.61 -7.37 -46.38
C PRO F 230 9.61 -8.45 -46.02
N ILE F 231 9.82 -8.63 -44.71
CA ILE F 231 10.73 -9.64 -44.17
C ILE F 231 9.90 -10.70 -43.47
N VAL F 232 10.06 -11.96 -43.89
CA VAL F 232 9.57 -13.10 -43.12
C VAL F 232 10.77 -13.70 -42.41
N SER F 233 10.68 -13.83 -41.08
CA SER F 233 11.79 -14.22 -40.23
C SER F 233 11.58 -15.63 -39.68
N SER F 234 12.61 -16.48 -39.82
CA SER F 234 12.59 -17.80 -39.18
C SER F 234 12.64 -17.68 -37.66
N LEU F 235 13.14 -16.56 -37.15
CA LEU F 235 13.11 -16.31 -35.71
C LEU F 235 11.68 -16.33 -35.16
N THR F 236 10.76 -15.69 -35.87
CA THR F 236 9.37 -15.58 -35.45
C THR F 236 8.40 -16.45 -36.25
N GLY F 237 8.84 -17.03 -37.35
CA GLY F 237 7.93 -17.80 -38.18
C GLY F 237 6.89 -16.99 -38.92
N SER F 238 6.96 -15.67 -38.85
CA SER F 238 5.93 -14.84 -39.46
C SER F 238 6.57 -13.61 -40.09
N CYS F 239 5.73 -12.78 -40.69
CA CYS F 239 6.18 -11.50 -41.21
C CYS F 239 6.66 -10.62 -40.06
N LEU F 240 7.60 -9.74 -40.36
CA LEU F 240 8.27 -8.96 -39.33
C LEU F 240 8.30 -7.48 -39.71
N HIS F 241 7.92 -6.62 -38.76
CA HIS F 241 7.85 -5.18 -39.06
C HIS F 241 8.49 -4.31 -38.00
N VAL F 242 8.41 -4.69 -36.73
CA VAL F 242 8.99 -3.90 -35.64
C VAL F 242 9.93 -4.80 -34.86
N MET F 243 11.22 -4.53 -34.95
CA MET F 243 12.23 -5.36 -34.32
C MET F 243 12.59 -4.84 -32.93
N ASP F 244 12.74 -5.76 -31.99
CA ASP F 244 13.27 -5.37 -30.68
C ASP F 244 14.76 -5.09 -30.80
N GLU F 245 15.34 -4.60 -29.69
CA GLU F 245 16.77 -4.28 -29.68
C GLU F 245 17.62 -5.54 -29.89
N ASN F 246 17.15 -6.69 -29.44
CA ASN F 246 17.93 -7.92 -29.41
C ASN F 246 17.75 -8.78 -30.67
N PHE F 247 17.17 -8.22 -31.74
CA PHE F 247 16.84 -9.06 -32.90
C PHE F 247 18.08 -9.70 -33.49
N PHE F 248 19.12 -8.92 -33.74
CA PHE F 248 20.30 -9.48 -34.40
C PHE F 248 21.12 -10.38 -33.47
N TRP F 249 20.86 -10.36 -32.17
CA TRP F 249 21.40 -11.41 -31.33
C TRP F 249 20.54 -12.65 -31.39
N ASN F 250 19.22 -12.49 -31.40
CA ASN F 250 18.35 -13.65 -31.49
C ASN F 250 18.49 -14.34 -32.83
N ALA F 251 18.89 -13.61 -33.87
CA ALA F 251 19.13 -14.21 -35.18
C ALA F 251 20.11 -15.37 -35.08
N VAL F 252 21.04 -15.32 -34.13
CA VAL F 252 22.00 -16.39 -33.92
C VAL F 252 21.74 -17.18 -32.64
N ARG F 253 20.89 -16.68 -31.73
CA ARG F 253 20.71 -17.33 -30.43
C ARG F 253 19.45 -18.19 -30.34
N LYS F 254 18.32 -17.76 -30.90
CA LYS F 254 17.09 -18.50 -30.65
C LYS F 254 16.89 -19.67 -31.61
N PRO F 255 16.11 -20.67 -31.20
CA PRO F 255 15.65 -21.68 -32.15
C PRO F 255 14.93 -21.04 -33.31
N MET F 256 14.73 -21.83 -34.35
CA MET F 256 14.16 -21.32 -35.58
C MET F 256 12.84 -21.99 -35.88
N MET F 257 11.99 -21.28 -36.61
CA MET F 257 10.67 -21.76 -37.01
C MET F 257 10.51 -21.62 -38.51
N PHE F 258 11.42 -22.29 -39.24
CA PHE F 258 11.40 -22.18 -40.68
C PHE F 258 10.11 -22.72 -41.26
N ARG F 259 9.61 -23.84 -40.73
CA ARG F 259 8.39 -24.43 -41.26
C ARG F 259 7.19 -23.50 -41.09
N GLU F 260 7.11 -22.82 -39.95
CA GLU F 260 6.04 -21.86 -39.72
C GLU F 260 6.13 -20.70 -40.69
N ALA F 261 7.34 -20.27 -41.03
CA ALA F 261 7.51 -19.16 -41.97
C ALA F 261 7.05 -19.57 -43.36
N ILE F 262 7.45 -20.75 -43.82
CA ILE F 262 6.99 -21.21 -45.13
C ILE F 262 5.48 -21.40 -45.12
N ARG F 263 4.93 -21.92 -44.00
CA ARG F 263 3.49 -22.07 -43.89
C ARG F 263 2.78 -20.72 -43.98
N TYR F 264 3.31 -19.71 -43.28
CA TYR F 264 2.74 -18.38 -43.36
C TYR F 264 2.75 -17.85 -44.78
N LEU F 265 3.84 -18.11 -45.53
CA LEU F 265 3.94 -17.58 -46.88
C LEU F 265 2.95 -18.25 -47.81
N GLU F 266 2.75 -19.56 -47.66
CA GLU F 266 1.77 -20.25 -48.50
C GLU F 266 0.33 -19.96 -48.08
N SER F 267 0.10 -19.45 -46.86
CA SER F 267 -1.26 -19.18 -46.41
C SER F 267 -1.84 -17.93 -47.06
N GLN F 268 -0.98 -17.03 -47.55
CA GLN F 268 -1.42 -15.80 -48.20
C GLN F 268 -1.55 -15.97 -49.70
N HIS F 269 -0.61 -16.67 -50.32
CA HIS F 269 -0.55 -16.81 -51.77
C HIS F 269 0.47 -17.89 -52.10
N THR F 270 0.55 -18.21 -53.38
CA THR F 270 1.43 -19.26 -53.89
C THR F 270 2.73 -18.61 -54.34
N CYS F 271 3.81 -18.79 -53.58
CA CYS F 271 5.04 -18.06 -53.83
C CYS F 271 5.97 -18.83 -54.75
N LYS F 272 6.95 -18.13 -55.31
CA LYS F 272 8.12 -18.75 -55.91
C LYS F 272 9.29 -18.46 -54.98
N PHE F 273 10.12 -19.46 -54.71
CA PHE F 273 11.19 -19.35 -53.72
C PHE F 273 12.53 -19.45 -54.43
N ILE F 274 13.39 -18.44 -54.22
CA ILE F 274 14.75 -18.45 -54.73
C ILE F 274 15.71 -18.53 -53.55
N ASP F 275 16.50 -19.59 -53.49
CA ASP F 275 17.53 -19.74 -52.46
C ASP F 275 18.76 -18.93 -52.86
N LEU F 276 19.04 -17.85 -52.13
CA LEU F 276 20.25 -17.07 -52.37
C LEU F 276 21.40 -17.45 -51.46
N GLY F 277 21.18 -18.39 -50.53
CA GLY F 277 22.25 -18.84 -49.67
C GLY F 277 23.03 -19.97 -50.31
N PRO F 278 24.26 -20.21 -49.84
CA PRO F 278 25.07 -21.29 -50.43
C PRO F 278 24.50 -22.65 -50.05
N SER F 279 24.70 -23.61 -50.95
CA SER F 279 24.35 -25.02 -50.86
C SER F 279 22.91 -25.30 -51.29
N GLY F 280 22.06 -24.30 -51.44
CA GLY F 280 20.66 -24.56 -51.74
C GLY F 280 19.93 -25.26 -50.62
N THR F 281 20.34 -25.02 -49.38
CA THR F 281 19.78 -25.75 -48.25
C THR F 281 18.30 -25.41 -48.06
N LEU F 282 17.96 -24.11 -48.07
CA LEU F 282 16.58 -23.71 -47.88
C LEU F 282 15.69 -24.16 -49.03
N ALA F 283 16.22 -24.19 -50.25
CA ALA F 283 15.41 -24.64 -51.36
C ALA F 283 15.02 -26.11 -51.19
N ALA F 284 15.95 -26.93 -50.71
CA ALA F 284 15.64 -28.34 -50.48
C ALA F 284 14.57 -28.50 -49.42
N PHE F 285 14.64 -27.70 -48.34
CA PHE F 285 13.62 -27.76 -47.29
C PHE F 285 12.24 -27.43 -47.83
N VAL F 286 12.15 -26.37 -48.65
CA VAL F 286 10.83 -25.92 -49.11
C VAL F 286 10.20 -26.97 -50.02
N LYS F 287 11.02 -27.64 -50.84
CA LYS F 287 10.49 -28.72 -51.68
C LYS F 287 9.80 -29.79 -50.83
N GLN F 288 10.32 -30.08 -49.64
CA GLN F 288 9.69 -31.05 -48.76
C GLN F 288 8.44 -30.53 -48.09
N LEU F 289 8.30 -29.21 -47.96
CA LEU F 289 7.21 -28.61 -47.21
C LEU F 289 6.01 -28.22 -48.06
N ILE F 290 6.15 -28.20 -49.38
CA ILE F 290 5.06 -27.86 -50.30
C ILE F 290 4.77 -29.08 -51.15
N PRO F 291 3.59 -29.16 -51.79
CA PRO F 291 3.24 -30.34 -52.58
C PRO F 291 4.32 -30.71 -53.58
N GLY F 292 4.43 -32.01 -53.86
CA GLY F 292 5.46 -32.50 -54.75
C GLY F 292 5.37 -31.93 -56.16
N ASP F 293 4.15 -31.60 -56.61
CA ASP F 293 3.97 -31.01 -57.93
C ASP F 293 4.69 -29.66 -58.02
N SER F 294 4.80 -28.95 -56.91
CA SER F 294 5.30 -27.58 -56.88
C SER F 294 6.82 -27.50 -56.74
N ALA F 295 7.55 -28.54 -57.17
CA ALA F 295 9.00 -28.51 -57.03
C ALA F 295 9.65 -27.44 -57.89
N ASP F 296 9.04 -27.12 -59.04
CA ASP F 296 9.59 -26.11 -59.94
C ASP F 296 9.36 -24.68 -59.46
N ARG F 297 8.70 -24.50 -58.31
CA ARG F 297 8.61 -23.18 -57.67
C ARG F 297 9.84 -22.85 -56.82
N CYS F 298 10.76 -23.80 -56.65
CA CYS F 298 11.95 -23.63 -55.83
C CYS F 298 13.19 -23.74 -56.69
N CYS F 299 14.04 -22.73 -56.61
CA CYS F 299 15.29 -22.70 -57.34
C CYS F 299 16.40 -22.40 -56.37
N SER F 300 17.55 -23.05 -56.55
CA SER F 300 18.78 -22.66 -55.87
C SER F 300 19.78 -22.17 -56.91
N ILE F 301 20.82 -21.48 -56.45
CA ILE F 301 21.79 -20.89 -57.36
C ILE F 301 23.21 -21.35 -57.04
N ILE F 302 23.67 -21.06 -55.83
CA ILE F 302 25.05 -21.38 -55.44
C ILE F 302 25.06 -22.78 -54.83
N THR F 303 25.62 -23.73 -55.56
CA THR F 303 25.73 -25.12 -55.12
C THR F 303 27.12 -25.65 -55.48
N PRO F 304 27.58 -26.70 -54.80
CA PRO F 304 28.92 -27.23 -55.09
C PRO F 304 29.09 -27.76 -56.51
N PHE F 305 28.02 -27.84 -57.30
CA PHE F 305 28.17 -28.13 -58.71
C PHE F 305 28.75 -26.96 -59.50
N HIS F 306 28.83 -25.77 -58.88
CA HIS F 306 29.37 -24.58 -59.53
C HIS F 306 28.67 -24.29 -60.84
N GLN F 307 27.34 -24.31 -60.80
CA GLN F 307 26.48 -24.07 -61.96
C GLN F 307 25.75 -22.73 -61.83
N GLU F 308 26.37 -21.76 -61.17
CA GLU F 308 25.67 -20.52 -60.85
C GLU F 308 25.19 -19.78 -62.10
N LEU F 309 25.94 -19.83 -63.20
CA LEU F 309 25.50 -19.12 -64.40
C LEU F 309 24.31 -19.80 -65.04
N LYS F 310 24.33 -21.13 -65.13
CA LYS F 310 23.19 -21.88 -65.65
C LYS F 310 21.96 -21.69 -64.77
N ASN F 311 22.15 -21.66 -63.45
CA ASN F 311 21.02 -21.46 -62.55
C ASN F 311 20.47 -20.04 -62.65
N LEU F 312 21.34 -19.06 -62.94
CA LEU F 312 20.88 -17.69 -63.09
C LEU F 312 20.06 -17.51 -64.36
N ASN F 313 20.29 -18.34 -65.39
CA ASN F 313 19.42 -18.32 -66.54
C ASN F 313 18.05 -18.91 -66.21
N THR F 314 18.04 -20.01 -65.44
CA THR F 314 16.78 -20.63 -65.03
C THR F 314 15.90 -19.65 -64.27
N VAL F 315 16.48 -18.94 -63.30
CA VAL F 315 15.67 -18.10 -62.42
C VAL F 315 15.09 -16.91 -63.16
N GLU F 316 15.70 -16.51 -64.28
CA GLU F 316 15.23 -15.32 -64.97
C GLU F 316 13.84 -15.53 -65.58
N TYR F 317 13.40 -16.78 -65.73
CA TYR F 317 12.04 -17.11 -66.12
C TYR F 317 11.04 -17.04 -64.97
N PHE F 318 11.44 -16.53 -63.81
CA PHE F 318 10.56 -16.48 -62.65
C PHE F 318 9.73 -15.20 -62.63
N ARG F 319 10.39 -14.05 -62.75
CA ARG F 319 9.72 -12.74 -62.77
C ARG F 319 8.62 -12.64 -63.83
N ASN G 5 38.19 15.84 -26.07
CA ASN G 5 38.65 16.14 -24.72
C ASN G 5 38.46 17.62 -24.38
N GLU G 6 38.18 18.44 -25.43
CA GLU G 6 37.97 19.85 -25.15
C GLU G 6 36.50 20.11 -24.79
N PRO G 7 36.24 21.08 -23.92
CA PRO G 7 34.90 21.17 -23.31
C PRO G 7 33.83 21.66 -24.26
N LEU G 8 32.61 21.17 -24.04
CA LEU G 8 31.43 21.63 -24.76
C LEU G 8 30.80 22.81 -24.03
N VAL G 9 30.57 23.90 -24.77
CA VAL G 9 29.88 25.08 -24.25
C VAL G 9 28.48 25.10 -24.85
N PHE G 10 27.46 25.14 -23.98
CA PHE G 10 26.08 25.38 -24.40
C PHE G 10 25.81 26.88 -24.28
N MET G 11 25.34 27.50 -25.36
CA MET G 11 25.11 28.93 -25.41
C MET G 11 23.61 29.21 -25.51
N PHE G 12 23.14 30.26 -24.83
CA PHE G 12 21.72 30.62 -24.78
C PHE G 12 21.56 32.10 -25.12
N SER G 13 20.80 32.40 -26.17
CA SER G 13 20.58 33.77 -26.61
C SER G 13 19.33 34.36 -25.95
N GLY G 14 19.15 35.67 -26.11
CA GLY G 14 18.10 36.37 -25.41
C GLY G 14 17.08 37.05 -26.30
N GLN G 15 16.53 38.18 -25.84
CA GLN G 15 15.51 38.86 -26.59
C GLN G 15 16.05 39.34 -27.94
N GLY G 16 15.30 39.05 -29.01
CA GLY G 16 15.68 39.43 -30.35
C GLY G 16 15.99 38.27 -31.26
N SER G 17 16.35 37.11 -30.70
CA SER G 17 16.65 35.94 -31.51
C SER G 17 15.45 35.03 -31.75
N GLN G 18 14.33 35.29 -31.09
CA GLN G 18 13.15 34.43 -31.22
C GLN G 18 12.37 34.78 -32.48
N TYR G 19 11.56 33.82 -32.93
CA TYR G 19 10.70 34.04 -34.10
C TYR G 19 9.54 33.05 -34.06
N TYR G 20 8.53 33.33 -34.86
CA TYR G 20 7.38 32.43 -34.93
C TYR G 20 7.78 31.11 -35.58
N HIS G 21 7.27 30.02 -35.01
CA HIS G 21 7.50 28.65 -35.44
C HIS G 21 8.92 28.13 -35.14
N MET G 22 9.68 28.81 -34.27
CA MET G 22 10.98 28.28 -33.87
C MET G 22 10.82 26.88 -33.29
N GLY G 23 11.63 25.95 -33.80
CA GLY G 23 11.65 24.61 -33.23
C GLY G 23 10.43 23.77 -33.51
N LYS G 24 9.64 24.15 -34.53
CA LYS G 24 8.42 23.40 -34.85
C LYS G 24 8.70 21.95 -35.19
N GLU G 25 9.85 21.66 -35.83
N GLU G 25 9.85 21.66 -35.82
CA GLU G 25 10.18 20.27 -36.12
CA GLU G 25 10.19 20.27 -36.12
C GLU G 25 10.45 19.48 -34.84
C GLU G 25 10.47 19.48 -34.86
N LEU G 26 10.98 20.13 -33.81
CA LEU G 26 11.19 19.43 -32.55
C LEU G 26 9.89 19.25 -31.78
N PHE G 27 9.00 20.25 -31.86
CA PHE G 27 7.73 20.16 -31.14
C PHE G 27 6.84 19.06 -31.70
N LYS G 28 7.02 18.71 -32.96
CA LYS G 28 6.25 17.67 -33.62
C LYS G 28 6.92 16.30 -33.56
N GLU G 29 8.24 16.23 -33.77
CA GLU G 29 8.92 14.96 -33.96
C GLU G 29 9.71 14.46 -32.76
N ASN G 30 9.84 15.22 -31.68
CA ASN G 30 10.67 14.81 -30.54
C ASN G 30 9.86 14.84 -29.26
N THR G 31 9.67 13.67 -28.66
CA THR G 31 8.79 13.54 -27.50
C THR G 31 9.32 14.35 -26.32
N VAL G 32 10.61 14.23 -26.01
CA VAL G 32 11.21 14.98 -24.91
C VAL G 32 10.95 16.47 -25.08
N PHE G 33 11.21 17.00 -26.28
CA PHE G 33 11.03 18.42 -26.53
C PHE G 33 9.57 18.83 -26.35
N ARG G 34 8.65 18.07 -26.96
CA ARG G 34 7.24 18.44 -26.91
C ARG G 34 6.69 18.36 -25.50
N GLN G 35 7.04 17.31 -24.76
CA GLN G 35 6.56 17.18 -23.39
C GLN G 35 7.04 18.33 -22.52
N SER G 36 8.34 18.63 -22.59
CA SER G 36 8.88 19.73 -21.81
C SER G 36 8.20 21.05 -22.15
N MET G 37 7.96 21.30 -23.45
CA MET G 37 7.25 22.50 -23.86
C MET G 37 5.84 22.55 -23.26
N LEU G 38 5.10 21.45 -23.36
CA LEU G 38 3.72 21.43 -22.86
C LEU G 38 3.68 21.56 -21.33
N GLU G 39 4.63 20.92 -20.64
CA GLU G 39 4.73 21.06 -19.19
C GLU G 39 4.89 22.51 -18.79
N MET G 40 5.91 23.18 -19.34
CA MET G 40 6.12 24.58 -19.00
C MET G 40 4.97 25.44 -19.49
N ASP G 41 4.33 25.05 -20.61
CA ASP G 41 3.21 25.82 -21.12
C ASP G 41 2.07 25.86 -20.10
N ALA G 42 1.84 24.75 -19.39
CA ALA G 42 0.79 24.73 -18.37
C ALA G 42 1.10 25.70 -17.25
N ILE G 43 2.35 25.73 -16.79
CA ILE G 43 2.75 26.66 -15.72
C ILE G 43 2.61 28.10 -16.21
N ALA G 44 2.99 28.35 -17.46
CA ALA G 44 2.90 29.72 -17.99
C ALA G 44 1.45 30.11 -18.23
N ALA G 45 0.62 29.17 -18.69
CA ALA G 45 -0.77 29.49 -18.99
C ALA G 45 -1.48 30.03 -17.75
N ARG G 46 -1.22 29.42 -16.59
CA ARG G 46 -1.84 29.90 -15.34
C ARG G 46 -1.49 31.35 -15.08
N ARG G 47 -0.26 31.75 -15.42
CA ARG G 47 0.27 33.03 -14.99
C ARG G 47 -0.20 34.19 -15.86
N ILE G 48 -0.55 33.91 -17.11
CA ILE G 48 -0.93 34.93 -18.09
C ILE G 48 -2.38 34.79 -18.54
N GLY G 49 -2.85 33.56 -18.74
CA GLY G 49 -4.21 33.36 -19.20
C GLY G 49 -4.34 32.46 -20.42
N THR G 50 -3.40 32.55 -21.36
CA THR G 50 -3.47 31.73 -22.56
C THR G 50 -2.20 30.90 -22.74
N SER G 51 -2.11 30.18 -23.86
CA SER G 51 -1.00 29.27 -24.14
C SER G 51 0.15 30.02 -24.82
N ILE G 52 1.35 29.88 -24.27
CA ILE G 52 2.55 30.32 -24.98
C ILE G 52 2.73 29.52 -26.27
N VAL G 53 2.58 28.20 -26.16
CA VAL G 53 2.85 27.31 -27.29
C VAL G 53 1.99 27.67 -28.49
N GLU G 54 0.71 27.98 -28.25
CA GLU G 54 -0.18 28.30 -29.36
C GLU G 54 0.16 29.62 -30.02
N GLU G 55 0.77 30.55 -29.28
CA GLU G 55 1.27 31.76 -29.93
C GLU G 55 2.58 31.52 -30.66
N ILE G 56 3.45 30.65 -30.15
CA ILE G 56 4.70 30.35 -30.85
C ILE G 56 4.41 29.78 -32.23
N TYR G 57 3.48 28.83 -32.30
CA TYR G 57 3.15 28.15 -33.55
C TYR G 57 1.83 28.64 -34.14
N HIS G 58 1.49 29.90 -33.91
CA HIS G 58 0.35 30.62 -34.47
C HIS G 58 0.28 30.40 -35.98
N PRO G 59 -0.76 29.72 -36.48
CA PRO G 59 -0.81 29.42 -37.92
C PRO G 59 -0.94 30.65 -38.78
N GLY G 60 -1.38 31.78 -38.23
CA GLY G 60 -1.49 33.01 -38.97
C GLY G 60 -0.27 33.88 -38.95
N LYS G 61 0.80 33.44 -38.31
CA LYS G 61 2.03 34.19 -38.24
C LYS G 61 3.10 33.51 -39.07
N ARG G 62 3.98 34.32 -39.65
N ARG G 62 3.98 34.32 -39.64
CA ARG G 62 5.11 33.85 -40.44
CA ARG G 62 5.11 33.82 -40.42
C ARG G 62 6.40 34.11 -39.67
C ARG G 62 6.41 34.12 -39.69
N VAL G 63 7.48 33.48 -40.13
CA VAL G 63 8.79 33.70 -39.51
C VAL G 63 9.17 35.16 -39.57
N SER G 64 8.84 35.84 -40.67
CA SER G 64 9.22 37.23 -40.83
C SER G 64 8.35 38.19 -40.02
N ASP G 65 7.23 37.73 -39.44
CA ASP G 65 6.45 38.63 -38.59
C ASP G 65 7.12 38.80 -37.24
N PRO G 66 7.36 40.02 -36.78
CA PRO G 66 8.11 40.23 -35.54
C PRO G 66 7.36 39.67 -34.34
N PHE G 67 7.99 38.74 -33.64
CA PHE G 67 7.39 38.20 -32.42
C PHE G 67 7.94 38.95 -31.21
N ASP G 68 7.38 40.16 -31.09
CA ASP G 68 7.80 41.23 -30.20
C ASP G 68 6.90 41.42 -29.00
N SER G 69 5.75 40.76 -28.98
CA SER G 69 4.83 40.88 -27.85
C SER G 69 5.42 40.14 -26.65
N ILE G 70 5.71 40.90 -25.58
CA ILE G 70 6.67 40.47 -24.58
C ILE G 70 6.11 39.37 -23.67
N LEU G 71 4.81 39.42 -23.36
CA LEU G 71 4.25 38.39 -22.48
C LEU G 71 4.38 37.00 -23.08
N PHE G 72 4.58 36.89 -24.39
CA PHE G 72 4.78 35.60 -25.03
C PHE G 72 6.25 35.34 -25.36
N SER G 73 6.94 36.30 -25.97
CA SER G 73 8.32 36.07 -26.41
C SER G 73 9.27 35.89 -25.23
N HIS G 74 9.00 36.58 -24.12
CA HIS G 74 9.89 36.49 -22.96
C HIS G 74 9.92 35.07 -22.40
N PRO G 75 8.78 34.42 -22.11
CA PRO G 75 8.86 33.03 -21.65
C PRO G 75 9.16 32.05 -22.78
N ALA G 76 8.75 32.37 -24.02
CA ALA G 76 8.97 31.45 -25.13
C ALA G 76 10.46 31.18 -25.38
N ILE G 77 11.32 32.16 -25.11
CA ILE G 77 12.75 31.96 -25.31
C ILE G 77 13.27 30.90 -24.33
N PHE G 78 12.90 31.04 -23.05
CA PHE G 78 13.34 30.08 -22.05
C PHE G 78 12.80 28.68 -22.34
N MET G 79 11.50 28.58 -22.64
CA MET G 79 10.90 27.27 -22.88
C MET G 79 11.58 26.55 -24.03
N ILE G 80 11.81 27.24 -25.14
CA ILE G 80 12.50 26.63 -26.28
C ILE G 80 13.90 26.19 -25.86
N GLU G 81 14.65 27.09 -25.21
CA GLU G 81 16.04 26.79 -24.87
C GLU G 81 16.14 25.65 -23.85
N TYR G 82 15.33 25.71 -22.80
CA TYR G 82 15.43 24.65 -21.79
C TYR G 82 14.95 23.32 -22.35
N SER G 83 13.91 23.33 -23.18
CA SER G 83 13.43 22.08 -23.78
C SER G 83 14.49 21.46 -24.66
N LEU G 84 15.23 22.29 -25.41
CA LEU G 84 16.30 21.77 -26.25
C LEU G 84 17.42 21.18 -25.40
N TYR G 85 17.71 21.79 -24.25
CA TYR G 85 18.66 21.19 -23.34
C TYR G 85 18.22 19.78 -22.95
N LYS G 86 16.94 19.61 -22.59
CA LYS G 86 16.45 18.29 -22.20
C LYS G 86 16.65 17.29 -23.33
N VAL G 87 16.48 17.72 -24.58
CA VAL G 87 16.74 16.84 -25.71
C VAL G 87 18.19 16.38 -25.72
N LEU G 88 19.12 17.34 -25.60
CA LEU G 88 20.54 17.00 -25.62
C LEU G 88 20.90 16.13 -24.43
N GLU G 89 20.37 16.46 -23.25
CA GLU G 89 20.62 15.65 -22.07
C GLU G 89 20.12 14.22 -22.29
N ASP G 90 18.92 14.08 -22.87
CA ASP G 90 18.37 12.75 -23.12
C ASP G 90 19.25 11.95 -24.06
N ARG G 91 19.96 12.61 -24.98
CA ARG G 91 20.88 11.93 -25.88
C ARG G 91 22.27 11.75 -25.27
N GLY G 92 22.47 12.11 -24.01
CA GLY G 92 23.76 11.96 -23.38
C GLY G 92 24.79 13.00 -23.76
N ILE G 93 24.38 14.09 -24.40
CA ILE G 93 25.29 15.18 -24.73
C ILE G 93 25.18 16.22 -23.62
N TYR G 94 26.23 16.31 -22.79
CA TYR G 94 26.19 17.12 -21.58
C TYR G 94 27.13 18.32 -21.70
N PRO G 95 26.76 19.45 -21.10
CA PRO G 95 27.60 20.65 -21.18
C PRO G 95 28.69 20.68 -20.13
N ASP G 96 29.90 21.03 -20.56
CA ASP G 96 30.95 21.37 -19.60
C ASP G 96 30.85 22.82 -19.14
N TYR G 97 30.29 23.69 -19.98
CA TYR G 97 30.00 25.08 -19.63
C TYR G 97 28.61 25.44 -20.16
N VAL G 98 27.99 26.43 -19.53
CA VAL G 98 26.83 27.10 -20.10
C VAL G 98 27.15 28.59 -20.18
N LEU G 99 26.80 29.21 -21.32
CA LEU G 99 27.08 30.61 -21.60
C LEU G 99 25.75 31.33 -21.84
N GLY G 100 25.36 32.19 -20.90
CA GLY G 100 24.12 32.94 -21.05
C GLY G 100 24.35 34.28 -21.73
N SER G 101 23.38 34.68 -22.54
CA SER G 101 23.39 35.97 -23.21
C SER G 101 22.01 36.60 -23.07
N SER G 102 21.96 37.77 -22.45
CA SER G 102 20.70 38.52 -22.24
C SER G 102 19.73 37.58 -21.52
N LEU G 103 18.51 37.40 -22.03
CA LEU G 103 17.56 36.53 -21.35
C LEU G 103 18.04 35.09 -21.29
N GLY G 104 19.00 34.72 -22.14
CA GLY G 104 19.57 33.39 -22.09
C GLY G 104 20.33 33.09 -20.81
N GLU G 105 20.68 34.13 -20.04
CA GLU G 105 21.29 33.88 -18.74
C GLU G 105 20.35 33.09 -17.83
N PHE G 106 19.05 33.25 -18.02
CA PHE G 106 18.08 32.48 -17.24
C PHE G 106 18.15 31.00 -17.56
N ALA G 107 18.18 30.66 -18.86
CA ALA G 107 18.32 29.25 -19.23
C ALA G 107 19.64 28.68 -18.73
N ALA G 108 20.73 29.45 -18.85
CA ALA G 108 22.02 28.98 -18.37
C ALA G 108 21.98 28.71 -16.87
N ALA G 109 21.35 29.61 -16.10
CA ALA G 109 21.27 29.44 -14.66
C ALA G 109 20.48 28.18 -14.30
N ALA G 110 19.38 27.92 -15.01
CA ALA G 110 18.57 26.73 -14.74
C ALA G 110 19.32 25.46 -15.10
N VAL G 111 20.03 25.46 -16.23
CA VAL G 111 20.82 24.29 -16.58
C VAL G 111 21.92 24.07 -15.56
N SER G 112 22.49 25.16 -15.04
CA SER G 112 23.57 25.03 -14.05
C SER G 112 23.05 24.58 -12.69
N GLY G 113 21.75 24.70 -12.45
CA GLY G 113 21.17 24.32 -11.17
C GLY G 113 20.98 25.45 -10.19
N VAL G 114 21.27 26.69 -10.58
CA VAL G 114 21.00 27.85 -9.73
C VAL G 114 19.54 27.92 -9.36
N SER G 115 18.68 27.38 -10.22
CA SER G 115 17.25 27.30 -9.99
C SER G 115 16.71 26.17 -10.85
N ASP G 116 15.53 25.67 -10.49
CA ASP G 116 14.89 24.68 -11.35
C ASP G 116 14.17 25.40 -12.49
N ALA G 117 13.87 24.64 -13.54
CA ALA G 117 13.25 25.22 -14.71
C ALA G 117 11.94 25.92 -14.36
N GLU G 118 11.09 25.26 -13.56
CA GLU G 118 9.77 25.81 -13.26
C GLU G 118 9.89 27.17 -12.58
N ASP G 119 10.84 27.33 -11.69
CA ASP G 119 10.94 28.56 -10.93
C ASP G 119 11.69 29.66 -11.68
N MET G 120 12.61 29.27 -12.58
CA MET G 120 13.20 30.24 -13.50
C MET G 120 12.14 30.79 -14.44
N LEU G 121 11.28 29.93 -14.96
CA LEU G 121 10.18 30.36 -15.82
C LEU G 121 9.30 31.37 -15.10
N ASP G 122 9.07 31.16 -13.80
CA ASP G 122 8.32 32.13 -13.01
C ASP G 122 9.04 33.47 -12.95
N CYS G 123 10.37 33.46 -12.85
CA CYS G 123 11.11 34.71 -12.80
C CYS G 123 11.06 35.45 -14.12
N ILE G 124 10.95 34.72 -15.23
CA ILE G 124 10.86 35.35 -16.53
C ILE G 124 9.47 35.93 -16.76
N LEU G 125 8.43 35.14 -16.47
CA LEU G 125 7.06 35.62 -16.58
C LEU G 125 6.86 36.89 -15.76
N GLU G 126 7.40 36.91 -14.54
CA GLU G 126 7.25 38.08 -13.69
C GLU G 126 7.95 39.31 -14.29
N GLN G 127 9.14 39.10 -14.85
CA GLN G 127 9.85 40.22 -15.48
C GLN G 127 9.07 40.78 -16.65
N ALA G 128 8.48 39.90 -17.48
CA ALA G 128 7.71 40.36 -18.62
C ALA G 128 6.49 41.17 -18.19
N ILE G 129 5.78 40.70 -17.17
CA ILE G 129 4.61 41.42 -16.69
C ILE G 129 5.02 42.77 -16.12
N ILE G 130 6.02 42.79 -15.23
CA ILE G 130 6.42 44.03 -14.57
C ILE G 130 6.88 45.05 -15.61
N ILE G 131 7.65 44.60 -16.60
CA ILE G 131 8.13 45.53 -17.64
C ILE G 131 6.96 46.09 -18.43
N GLN G 132 5.98 45.25 -18.75
CA GLN G 132 4.83 45.73 -19.52
C GLN G 132 3.99 46.71 -18.72
N ASN G 133 3.94 46.56 -17.39
CA ASN G 133 3.10 47.43 -16.58
C ASN G 133 3.77 48.76 -16.26
N SER G 134 5.11 48.79 -16.16
CA SER G 134 5.80 49.98 -15.68
C SER G 134 6.59 50.72 -16.74
N CYS G 135 6.89 50.10 -17.87
CA CYS G 135 7.83 50.69 -18.83
C CYS G 135 7.16 51.12 -20.12
N ASP G 136 7.67 52.21 -20.68
CA ASP G 136 7.32 52.61 -22.03
C ASP G 136 7.87 51.61 -23.03
N LYS G 137 7.20 51.49 -24.17
CA LYS G 137 7.74 50.69 -25.26
C LYS G 137 9.01 51.33 -25.83
N GLY G 138 9.79 50.53 -26.55
CA GLY G 138 11.03 51.02 -27.14
C GLY G 138 11.50 50.13 -28.27
N LYS G 139 12.71 50.42 -28.75
CA LYS G 139 13.25 49.70 -29.91
C LYS G 139 14.71 49.33 -29.69
N MET G 140 15.12 48.23 -30.31
CA MET G 140 16.50 47.80 -30.37
C MET G 140 16.92 47.64 -31.82
N LEU G 141 18.07 48.19 -32.18
CA LEU G 141 18.53 48.22 -33.56
C LEU G 141 19.91 47.59 -33.66
N ALA G 142 20.06 46.65 -34.58
CA ALA G 142 21.36 46.10 -34.93
C ALA G 142 21.94 46.90 -36.10
N ILE G 143 23.16 47.39 -35.93
CA ILE G 143 23.85 48.11 -36.99
C ILE G 143 24.92 47.19 -37.58
N LEU G 144 24.80 46.92 -38.88
CA LEU G 144 25.65 45.95 -39.59
C LEU G 144 26.86 46.67 -40.20
N ASP G 145 27.63 47.31 -39.31
CA ASP G 145 28.77 48.12 -39.70
C ASP G 145 29.71 48.18 -38.49
N LYS G 146 30.91 48.76 -38.66
CA LYS G 146 31.91 48.80 -37.58
C LYS G 146 31.47 49.72 -36.45
N PRO G 147 31.73 49.36 -35.20
CA PRO G 147 31.38 50.22 -34.07
C PRO G 147 32.27 51.45 -33.91
N GLN G 148 33.37 51.57 -34.67
CA GLN G 148 34.09 52.85 -34.72
C GLN G 148 33.17 54.01 -35.09
N LEU G 149 32.06 53.74 -35.79
CA LEU G 149 31.09 54.78 -36.13
C LEU G 149 30.59 55.51 -34.89
N LEU G 150 30.47 54.81 -33.76
CA LEU G 150 29.99 55.45 -32.54
C LEU G 150 30.89 56.60 -32.12
N ASN G 151 32.20 56.44 -32.29
CA ASN G 151 33.16 57.48 -31.94
C ASN G 151 33.33 58.52 -33.04
N ASP G 152 33.36 58.09 -34.30
CA ASP G 152 33.58 59.03 -35.39
C ASP G 152 32.36 59.91 -35.65
N HIS G 153 31.15 59.42 -35.38
CA HIS G 153 29.93 60.17 -35.71
C HIS G 153 28.92 60.05 -34.58
N PRO G 154 29.27 60.49 -33.37
CA PRO G 154 28.35 60.29 -32.23
C PRO G 154 26.99 60.95 -32.41
N GLN G 155 26.94 62.08 -33.11
CA GLN G 155 25.66 62.73 -33.35
C GLN G 155 24.71 61.85 -34.13
N LEU G 156 25.25 60.93 -34.94
CA LEU G 156 24.45 60.03 -35.74
C LEU G 156 23.75 58.97 -34.89
N PHE G 157 24.19 58.77 -33.65
CA PHE G 157 23.60 57.76 -32.76
C PHE G 157 23.02 58.38 -31.49
N GLY G 158 22.76 59.69 -31.49
CA GLY G 158 22.29 60.34 -30.29
C GLY G 158 20.95 59.81 -29.83
N ASN G 159 20.70 59.92 -28.53
CA ASN G 159 19.47 59.43 -27.90
C ASN G 159 19.34 57.92 -28.02
N SER G 160 20.47 57.22 -27.98
CA SER G 160 20.47 55.77 -27.98
C SER G 160 21.65 55.29 -27.14
N GLU G 161 21.50 54.11 -26.54
CA GLU G 161 22.55 53.52 -25.71
C GLU G 161 23.12 52.29 -26.39
N LEU G 162 24.44 52.17 -26.38
CA LEU G 162 25.10 50.98 -26.89
C LEU G 162 24.97 49.87 -25.87
N ILE G 163 24.45 48.72 -26.31
CA ILE G 163 24.18 47.61 -25.41
C ILE G 163 25.04 46.39 -25.70
N SER G 164 25.62 46.29 -26.89
CA SER G 164 26.43 45.12 -27.22
C SER G 164 27.22 45.35 -28.51
N ILE G 165 28.50 44.99 -28.49
CA ILE G 165 29.28 44.82 -29.70
C ILE G 165 29.53 43.33 -29.84
N ASN G 166 29.08 42.75 -30.95
CA ASN G 166 29.10 41.29 -31.06
C ASN G 166 30.25 40.78 -31.91
N TYR G 167 30.70 41.56 -32.88
CA TYR G 167 31.98 41.35 -33.53
C TYR G 167 32.31 42.63 -34.29
N ASP G 168 33.32 42.58 -35.15
CA ASP G 168 33.89 43.79 -35.72
C ASP G 168 32.91 44.54 -36.62
N SER G 169 31.85 43.89 -37.10
CA SER G 169 30.90 44.51 -38.02
C SER G 169 29.47 44.29 -37.56
N HIS G 170 29.23 44.36 -36.25
CA HIS G 170 27.89 44.14 -35.72
C HIS G 170 27.83 44.65 -34.30
N PHE G 171 26.92 45.59 -34.04
CA PHE G 171 26.65 46.06 -32.69
C PHE G 171 25.19 46.50 -32.62
N VAL G 172 24.68 46.60 -31.39
CA VAL G 172 23.26 46.83 -31.16
C VAL G 172 23.08 48.04 -30.24
N ILE G 173 22.13 48.91 -30.59
CA ILE G 173 21.76 50.06 -29.79
C ILE G 173 20.31 49.93 -29.37
N SER G 174 19.91 50.75 -28.40
CA SER G 174 18.62 50.62 -27.76
C SER G 174 18.12 52.00 -27.35
N GLY G 175 16.84 52.27 -27.57
CA GLY G 175 16.30 53.59 -27.26
C GLY G 175 14.83 53.69 -27.55
N GLU G 176 14.30 54.89 -27.35
CA GLU G 176 12.89 55.17 -27.59
C GLU G 176 12.52 54.91 -29.05
N GLU G 177 11.22 54.69 -29.27
CA GLU G 177 10.74 54.33 -30.60
C GLU G 177 11.09 55.39 -31.65
N ASP G 178 10.64 56.63 -31.44
CA ASP G 178 10.90 57.66 -32.44
C ASP G 178 12.39 57.96 -32.58
N HIS G 179 13.12 57.92 -31.46
CA HIS G 179 14.56 58.15 -31.51
C HIS G 179 15.26 57.12 -32.37
N ILE G 180 14.91 55.84 -32.21
CA ILE G 180 15.52 54.79 -33.03
C ILE G 180 15.10 54.94 -34.48
N ARG G 181 13.84 55.28 -34.72
CA ARG G 181 13.35 55.50 -36.09
C ARG G 181 14.14 56.62 -36.77
N LYS G 182 14.42 57.71 -36.05
CA LYS G 182 15.22 58.80 -36.61
C LYS G 182 16.65 58.35 -36.91
N ILE G 183 17.23 57.50 -36.06
CA ILE G 183 18.57 57.00 -36.33
C ILE G 183 18.57 56.14 -37.60
N MET G 184 17.56 55.27 -37.75
CA MET G 184 17.41 54.50 -38.98
C MET G 184 17.36 55.42 -40.20
N GLU G 185 16.59 56.52 -40.11
CA GLU G 185 16.50 57.45 -41.23
C GLU G 185 17.86 58.05 -41.57
N ASP G 186 18.62 58.46 -40.55
CA ASP G 186 19.92 59.07 -40.82
C ASP G 186 20.94 58.04 -41.28
N LEU G 187 20.86 56.83 -40.73
CA LEU G 187 21.76 55.77 -41.19
C LEU G 187 21.51 55.44 -42.65
N LYS G 188 20.28 55.53 -43.10
CA LYS G 188 20.09 55.27 -44.52
C LYS G 188 20.62 56.38 -45.43
N GLU G 189 20.52 57.66 -45.04
CA GLU G 189 21.23 58.70 -45.81
C GLU G 189 22.75 58.48 -45.88
N LYS G 190 23.29 57.61 -45.03
CA LYS G 190 24.71 57.30 -45.00
C LYS G 190 25.04 55.94 -45.59
N GLN G 191 24.05 55.22 -46.13
CA GLN G 191 24.24 53.88 -46.67
C GLN G 191 24.87 52.95 -45.64
N ILE G 192 24.43 53.08 -44.40
CA ILE G 192 24.80 52.20 -43.30
C ILE G 192 23.64 51.25 -43.04
N LEU G 193 23.88 49.95 -43.21
CA LEU G 193 22.82 48.95 -43.09
C LEU G 193 22.54 48.62 -41.64
N CYS G 194 21.27 48.53 -41.30
CA CYS G 194 20.84 48.20 -39.96
C CYS G 194 19.60 47.31 -40.02
N GLN G 195 19.22 46.77 -38.87
CA GLN G 195 18.14 45.79 -38.81
C GLN G 195 17.48 45.89 -37.45
N LEU G 196 16.18 46.19 -37.43
CA LEU G 196 15.44 46.22 -36.18
C LEU G 196 15.32 44.83 -35.57
N LEU G 197 15.51 44.75 -34.25
CA LEU G 197 15.25 43.51 -33.53
C LEU G 197 13.76 43.35 -33.28
N PRO G 198 13.25 42.11 -33.31
CA PRO G 198 11.81 41.91 -33.04
C PRO G 198 11.47 42.07 -31.56
N VAL G 199 11.68 43.27 -31.02
CA VAL G 199 11.35 43.57 -29.64
C VAL G 199 10.54 44.86 -29.58
N SER G 200 9.81 45.03 -28.47
CA SER G 200 8.99 46.20 -28.26
C SER G 200 9.46 47.07 -27.09
N TYR G 201 10.56 46.70 -26.45
CA TYR G 201 11.08 47.44 -25.31
C TYR G 201 12.56 47.68 -25.51
N ALA G 202 13.03 48.84 -25.05
CA ALA G 202 14.45 49.19 -25.14
C ALA G 202 15.23 48.43 -24.06
N PHE G 203 15.31 47.11 -24.25
CA PHE G 203 16.03 46.26 -23.32
C PHE G 203 17.50 46.68 -23.22
N HIS G 204 18.11 46.31 -22.09
CA HIS G 204 19.54 46.57 -21.81
C HIS G 204 19.85 48.06 -21.86
N SER G 205 18.88 48.89 -21.54
CA SER G 205 19.06 50.34 -21.54
C SER G 205 18.41 50.92 -20.29
N SER G 206 18.61 52.21 -20.08
CA SER G 206 18.03 52.90 -18.94
C SER G 206 16.51 53.02 -19.04
N LEU G 207 15.92 52.68 -20.18
CA LEU G 207 14.49 52.87 -20.39
C LEU G 207 13.63 51.80 -19.74
N ILE G 208 14.23 50.74 -19.19
CA ILE G 208 13.47 49.76 -18.42
C ILE G 208 13.70 49.93 -16.92
N ASP G 209 14.39 50.99 -16.50
CA ASP G 209 14.57 51.25 -15.08
C ASP G 209 13.28 51.30 -14.27
N PRO G 210 12.15 51.82 -14.77
CA PRO G 210 10.90 51.76 -13.99
C PRO G 210 10.55 50.39 -13.44
N ALA G 211 11.02 49.32 -14.07
CA ALA G 211 10.66 47.97 -13.64
C ALA G 211 11.60 47.41 -12.58
N GLU G 212 12.65 48.14 -12.22
CA GLU G 212 13.73 47.56 -11.42
C GLU G 212 13.30 47.31 -9.98
N SER G 213 12.69 48.32 -9.34
CA SER G 213 12.33 48.19 -7.93
C SER G 213 11.30 47.08 -7.73
N ALA G 214 10.28 47.05 -8.58
CA ALA G 214 9.27 46.00 -8.49
C ALA G 214 9.89 44.63 -8.71
N TYR G 215 10.89 44.53 -9.60
CA TYR G 215 11.50 43.24 -9.85
C TYR G 215 12.51 42.88 -8.78
N ALA G 216 13.25 43.87 -8.26
CA ALA G 216 14.20 43.60 -7.18
C ALA G 216 13.49 43.03 -5.97
N GLU G 217 12.33 43.59 -5.62
CA GLU G 217 11.58 43.10 -4.47
C GLU G 217 10.97 41.73 -4.73
N PHE G 218 10.57 41.45 -5.97
CA PHE G 218 10.15 40.09 -6.30
C PHE G 218 11.32 39.12 -6.24
N LEU G 219 12.53 39.59 -6.55
CA LEU G 219 13.68 38.68 -6.62
C LEU G 219 14.03 38.15 -5.24
N ARG G 220 14.02 39.01 -4.21
CA ARG G 220 14.31 38.55 -2.86
C ARG G 220 13.23 37.66 -2.28
N SER G 221 12.19 37.34 -3.05
CA SER G 221 11.22 36.32 -2.69
C SER G 221 11.59 34.94 -3.21
N LYS G 222 12.86 34.73 -3.58
CA LYS G 222 13.29 33.49 -4.20
C LYS G 222 14.62 33.06 -3.61
N SER G 223 14.85 31.75 -3.64
CA SER G 223 16.08 31.15 -3.17
C SER G 223 16.83 30.55 -4.35
N PHE G 224 18.10 30.92 -4.49
CA PHE G 224 18.93 30.47 -5.61
C PHE G 224 20.15 29.74 -5.07
N GLN G 225 20.43 28.58 -5.65
CA GLN G 225 21.58 27.77 -5.28
C GLN G 225 22.83 28.23 -6.01
N LYS G 226 23.98 27.69 -5.60
CA LYS G 226 25.23 28.01 -6.28
C LYS G 226 25.36 27.20 -7.56
N PRO G 227 26.13 27.69 -8.53
CA PRO G 227 26.26 26.97 -9.80
C PRO G 227 26.87 25.60 -9.62
N SER G 228 26.30 24.61 -10.32
CA SER G 228 26.89 23.28 -10.43
C SER G 228 27.67 23.11 -11.74
N ILE G 229 27.00 23.32 -12.87
CA ILE G 229 27.72 23.41 -14.15
C ILE G 229 28.40 24.77 -14.23
N PRO G 230 29.67 24.84 -14.65
CA PRO G 230 30.36 26.14 -14.73
C PRO G 230 29.64 27.11 -15.67
N ILE G 231 29.50 28.35 -15.21
CA ILE G 231 28.80 29.40 -15.95
C ILE G 231 29.82 30.40 -16.47
N VAL G 232 29.68 30.77 -17.74
CA VAL G 232 30.30 31.96 -18.32
C VAL G 232 29.16 32.90 -18.69
N SER G 233 29.32 34.19 -18.38
CA SER G 233 28.23 35.15 -18.44
C SER G 233 28.60 36.33 -19.35
N SER G 234 27.72 36.65 -20.29
CA SER G 234 27.90 37.85 -21.10
C SER G 234 27.73 39.11 -20.26
N LEU G 235 26.99 39.02 -19.17
CA LEU G 235 26.82 40.13 -18.25
C LEU G 235 28.14 40.52 -17.58
N THR G 236 29.03 39.56 -17.35
CA THR G 236 30.32 39.84 -16.72
C THR G 236 31.49 39.69 -17.67
N GLY G 237 31.30 39.07 -18.84
CA GLY G 237 32.41 38.84 -19.75
C GLY G 237 33.42 37.82 -19.29
N SER G 238 33.06 36.98 -18.31
CA SER G 238 33.99 36.00 -17.76
C SER G 238 33.17 34.85 -17.17
N CYS G 239 33.85 33.98 -16.44
CA CYS G 239 33.15 32.93 -15.69
C CYS G 239 32.41 33.55 -14.51
N LEU G 240 31.45 32.79 -13.98
CA LEU G 240 30.58 33.26 -12.91
C LEU G 240 30.50 32.18 -11.84
N HIS G 241 30.95 32.49 -10.62
CA HIS G 241 30.96 31.51 -9.54
C HIS G 241 30.05 31.86 -8.39
N VAL G 242 29.92 33.13 -8.05
CA VAL G 242 28.88 33.60 -7.13
C VAL G 242 28.10 34.67 -7.86
N MET G 243 26.81 34.77 -7.58
CA MET G 243 25.99 35.80 -8.21
C MET G 243 25.56 36.78 -7.14
N ASP G 244 25.50 38.06 -7.45
CA ASP G 244 24.94 38.90 -6.42
C ASP G 244 23.43 38.95 -6.60
N GLU G 245 22.77 39.76 -5.77
CA GLU G 245 21.32 39.63 -5.63
C GLU G 245 20.59 40.09 -6.89
N ASN G 246 21.05 41.14 -7.54
CA ASN G 246 20.39 41.60 -8.76
C ASN G 246 21.05 41.07 -10.03
N PHE G 247 21.38 39.78 -10.05
CA PHE G 247 21.91 39.20 -11.29
C PHE G 247 20.82 39.08 -12.34
N PHE G 248 19.67 38.53 -11.96
CA PHE G 248 18.63 38.25 -12.96
C PHE G 248 17.93 39.51 -13.45
N TRP G 249 18.14 40.66 -12.81
CA TRP G 249 17.71 41.93 -13.38
C TRP G 249 18.77 42.48 -14.32
N ASN G 250 20.03 42.49 -13.88
CA ASN G 250 21.14 42.91 -14.73
C ASN G 250 21.25 42.07 -15.99
N ALA G 251 20.72 40.84 -15.98
CA ALA G 251 20.73 40.02 -17.18
C ALA G 251 19.93 40.64 -18.32
N VAL G 252 18.99 41.54 -18.04
CA VAL G 252 18.26 42.24 -19.10
C VAL G 252 18.46 43.74 -19.06
N ARG G 253 19.12 44.28 -18.03
CA ARG G 253 19.30 45.72 -17.91
C ARG G 253 20.69 46.18 -18.31
N LYS G 254 21.73 45.46 -17.90
CA LYS G 254 23.10 45.87 -18.17
C LYS G 254 23.51 45.54 -19.61
N PRO G 255 24.50 46.25 -20.15
CA PRO G 255 25.05 45.87 -21.45
C PRO G 255 25.73 44.51 -21.39
N MET G 256 26.08 43.99 -22.56
CA MET G 256 26.63 42.65 -22.67
C MET G 256 28.05 42.68 -23.19
N MET G 257 28.82 41.70 -22.73
CA MET G 257 30.22 41.57 -23.10
C MET G 257 30.45 40.17 -23.67
N PHE G 258 29.69 39.83 -24.71
CA PHE G 258 29.79 38.49 -25.26
C PHE G 258 31.18 38.21 -25.81
N ARG G 259 31.81 39.19 -26.43
CA ARG G 259 33.15 38.99 -26.98
C ARG G 259 34.15 38.69 -25.85
N GLU G 260 33.99 39.35 -24.71
CA GLU G 260 34.88 39.09 -23.58
C GLU G 260 34.67 37.70 -23.02
N ALA G 261 33.44 37.19 -23.06
CA ALA G 261 33.17 35.84 -22.62
C ALA G 261 33.81 34.81 -23.54
N ILE G 262 33.70 35.02 -24.85
CA ILE G 262 34.32 34.08 -25.80
C ILE G 262 35.84 34.12 -25.67
N ARG G 263 36.42 35.31 -25.52
CA ARG G 263 37.87 35.39 -25.35
C ARG G 263 38.32 34.66 -24.10
N TYR G 264 37.60 34.85 -22.98
CA TYR G 264 37.99 34.18 -21.75
C TYR G 264 38.01 32.66 -21.92
N LEU G 265 36.99 32.12 -22.60
CA LEU G 265 36.95 30.67 -22.80
C LEU G 265 38.05 30.23 -23.76
N GLU G 266 38.33 31.04 -24.80
CA GLU G 266 39.35 30.66 -25.76
C GLU G 266 40.75 30.76 -25.17
N SER G 267 40.93 31.59 -24.16
CA SER G 267 42.22 31.66 -23.46
C SER G 267 42.48 30.43 -22.61
N GLN G 268 41.42 29.74 -22.17
CA GLN G 268 41.53 28.53 -21.34
C GLN G 268 41.51 27.25 -22.16
N HIS G 269 40.74 27.21 -23.24
CA HIS G 269 40.40 25.96 -23.92
C HIS G 269 40.37 26.18 -25.42
N THR G 270 40.29 25.08 -26.17
CA THR G 270 39.85 25.07 -27.56
C THR G 270 38.44 24.47 -27.54
N CYS G 271 37.46 25.30 -27.19
CA CYS G 271 36.12 24.81 -26.93
C CYS G 271 35.40 24.41 -28.22
N LYS G 272 34.42 23.53 -28.06
CA LYS G 272 33.36 23.33 -29.04
C LYS G 272 32.11 24.04 -28.54
N PHE G 273 31.50 24.84 -29.42
CA PHE G 273 30.39 25.71 -29.07
C PHE G 273 29.11 25.22 -29.73
N ILE G 274 28.06 25.04 -28.94
CA ILE G 274 26.76 24.65 -29.46
C ILE G 274 25.76 25.73 -29.07
N ASP G 275 25.10 26.32 -30.08
CA ASP G 275 24.09 27.35 -29.86
C ASP G 275 22.74 26.67 -29.65
N LEU G 276 22.18 26.81 -28.44
CA LEU G 276 20.86 26.28 -28.11
C LEU G 276 19.77 27.34 -28.19
N GLY G 277 20.10 28.56 -28.61
CA GLY G 277 19.11 29.60 -28.77
C GLY G 277 18.53 29.61 -30.17
N PRO G 278 17.29 30.08 -30.30
CA PRO G 278 16.69 30.21 -31.64
C PRO G 278 17.48 31.20 -32.50
N SER G 279 17.51 30.91 -33.79
CA SER G 279 18.14 31.66 -34.87
C SER G 279 19.63 31.35 -35.00
N GLY G 280 20.25 30.71 -34.02
CA GLY G 280 21.69 30.45 -34.08
C GLY G 280 22.50 31.73 -34.08
N THR G 281 22.03 32.74 -33.35
CA THR G 281 22.67 34.05 -33.36
C THR G 281 24.08 33.96 -32.78
N LEU G 282 24.22 33.31 -31.62
CA LEU G 282 25.50 33.27 -30.93
C LEU G 282 26.52 32.42 -31.67
N ALA G 283 26.09 31.35 -32.34
CA ALA G 283 27.03 30.57 -33.15
C ALA G 283 27.59 31.41 -34.29
N ALA G 284 26.75 32.28 -34.87
CA ALA G 284 27.24 33.17 -35.93
C ALA G 284 28.27 34.15 -35.39
N PHE G 285 28.01 34.70 -34.19
CA PHE G 285 28.97 35.60 -33.58
C PHE G 285 30.31 34.90 -33.34
N VAL G 286 30.27 33.70 -32.77
CA VAL G 286 31.51 32.99 -32.42
C VAL G 286 32.35 32.73 -33.66
N LYS G 287 31.71 32.29 -34.74
CA LYS G 287 32.45 32.08 -35.99
C LYS G 287 33.17 33.34 -36.44
N GLN G 288 32.59 34.52 -36.18
CA GLN G 288 33.28 35.77 -36.53
C GLN G 288 34.45 36.04 -35.59
N LEU G 289 34.37 35.58 -34.35
CA LEU G 289 35.37 35.88 -33.32
C LEU G 289 36.51 34.87 -33.25
N ILE G 290 36.49 33.83 -34.09
CA ILE G 290 37.43 32.72 -33.98
C ILE G 290 38.09 32.52 -35.35
N PRO G 291 39.38 32.17 -35.41
CA PRO G 291 40.03 31.92 -36.70
C PRO G 291 39.23 30.95 -37.57
N GLY G 292 39.16 31.27 -38.87
CA GLY G 292 38.22 30.60 -39.76
C GLY G 292 38.40 29.10 -39.82
N ASP G 293 39.62 28.61 -39.62
CA ASP G 293 39.85 27.16 -39.60
C ASP G 293 38.96 26.48 -38.56
N SER G 294 38.68 27.16 -37.45
CA SER G 294 37.85 26.61 -36.38
C SER G 294 36.37 26.93 -36.56
N ALA G 295 35.89 27.07 -37.79
CA ALA G 295 34.45 27.26 -37.98
C ALA G 295 33.68 26.01 -37.55
N ASP G 296 34.26 24.82 -37.73
CA ASP G 296 33.60 23.55 -37.43
C ASP G 296 33.55 23.22 -35.94
N ARG G 297 34.12 24.06 -35.07
CA ARG G 297 33.94 23.92 -33.64
C ARG G 297 32.66 24.56 -33.14
N CYS G 298 31.84 25.06 -34.05
CA CYS G 298 30.71 25.90 -33.67
C CYS G 298 29.53 25.56 -34.57
N CYS G 299 28.39 25.25 -33.97
CA CYS G 299 27.20 24.97 -34.75
C CYS G 299 25.94 25.36 -33.98
N SER G 300 24.85 25.54 -34.73
CA SER G 300 23.56 25.90 -34.18
C SER G 300 22.58 24.75 -34.40
N ILE G 301 21.37 24.88 -33.85
CA ILE G 301 20.36 23.83 -33.95
C ILE G 301 19.03 24.37 -34.45
N ILE G 302 18.48 25.38 -33.77
CA ILE G 302 17.18 25.96 -34.10
C ILE G 302 17.40 27.17 -35.00
N THR G 303 17.03 27.03 -36.29
CA THR G 303 17.13 28.11 -37.27
C THR G 303 15.86 28.13 -38.11
N PRO G 304 15.60 29.20 -38.87
CA PRO G 304 14.43 29.21 -39.77
C PRO G 304 14.48 28.16 -40.86
N PHE G 305 15.61 27.50 -41.09
CA PHE G 305 15.62 26.42 -42.07
C PHE G 305 14.93 25.17 -41.56
N HIS G 306 14.52 25.13 -40.28
CA HIS G 306 13.79 24.00 -39.72
C HIS G 306 14.51 22.68 -39.98
N GLN G 307 15.79 22.65 -39.67
CA GLN G 307 16.62 21.46 -39.85
C GLN G 307 17.15 20.94 -38.51
N GLU G 308 16.36 21.08 -37.44
CA GLU G 308 16.84 20.78 -36.10
C GLU G 308 17.31 19.34 -35.97
N LEU G 309 16.61 18.41 -36.63
CA LEU G 309 17.01 17.01 -36.55
C LEU G 309 18.33 16.76 -37.26
N LYS G 310 18.50 17.33 -38.46
CA LYS G 310 19.79 17.24 -39.12
C LYS G 310 20.89 17.86 -38.29
N ASN G 311 20.62 19.04 -37.70
CA ASN G 311 21.62 19.72 -36.88
C ASN G 311 21.96 18.92 -35.63
N LEU G 312 20.99 18.15 -35.10
CA LEU G 312 21.25 17.37 -33.89
C LEU G 312 22.19 16.21 -34.20
N ASN G 313 22.04 15.57 -35.36
CA ASN G 313 22.96 14.50 -35.74
C ASN G 313 24.37 15.03 -35.96
N THR G 314 24.50 16.30 -36.31
CA THR G 314 25.81 16.92 -36.39
C THR G 314 26.39 17.13 -35.00
N VAL G 315 25.55 17.55 -34.04
CA VAL G 315 26.00 17.75 -32.67
C VAL G 315 26.53 16.45 -32.06
N GLU G 316 26.04 15.30 -32.53
CA GLU G 316 26.53 14.01 -32.03
C GLU G 316 28.04 13.88 -32.20
N TYR G 317 28.56 14.37 -33.31
CA TYR G 317 29.98 14.28 -33.63
C TYR G 317 30.85 15.22 -32.77
N PHE G 318 30.31 15.72 -31.66
CA PHE G 318 31.05 16.58 -30.74
C PHE G 318 31.37 15.88 -29.42
N ARG G 319 30.81 14.71 -29.17
CA ARG G 319 31.09 13.96 -27.94
C ARG G 319 32.53 13.48 -27.90
N ASN H 5 -8.14 30.53 7.04
CA ASN H 5 -9.21 29.69 7.57
C ASN H 5 -8.85 29.14 8.94
N GLU H 6 -8.45 27.86 8.97
CA GLU H 6 -8.22 27.16 10.23
C GLU H 6 -6.81 27.48 10.76
N PRO H 7 -6.68 27.81 12.04
CA PRO H 7 -5.42 28.34 12.55
C PRO H 7 -4.33 27.27 12.68
N LEU H 8 -3.11 27.76 12.86
CA LEU H 8 -1.92 26.93 13.02
C LEU H 8 -1.46 26.97 14.47
N VAL H 9 -1.32 25.80 15.08
CA VAL H 9 -0.90 25.68 16.46
C VAL H 9 0.57 25.26 16.50
N PHE H 10 1.38 26.02 17.23
CA PHE H 10 2.80 25.69 17.43
C PHE H 10 2.92 24.96 18.76
N MET H 11 3.34 23.70 18.72
CA MET H 11 3.42 22.88 19.93
C MET H 11 4.87 22.71 20.36
N PHE H 12 5.09 22.76 21.66
CA PHE H 12 6.42 22.64 22.26
C PHE H 12 6.38 21.59 23.35
N SER H 13 7.26 20.60 23.25
CA SER H 13 7.33 19.53 24.23
C SER H 13 8.35 19.86 25.31
N GLY H 14 8.23 19.17 26.44
CA GLY H 14 9.10 19.40 27.56
C GLY H 14 10.15 18.32 27.79
N GLN H 15 10.54 18.14 29.05
CA GLN H 15 11.58 17.18 29.39
C GLN H 15 11.20 15.76 28.97
N GLY H 16 12.20 15.03 28.48
CA GLY H 16 12.01 13.65 28.08
C GLY H 16 11.92 13.44 26.59
N SER H 17 11.77 14.50 25.81
CA SER H 17 11.66 14.39 24.36
C SER H 17 12.95 14.76 23.65
N GLN H 18 13.96 15.23 24.38
CA GLN H 18 15.24 15.61 23.81
C GLN H 18 16.15 14.40 23.62
N TYR H 19 17.05 14.50 22.64
CA TYR H 19 18.03 13.47 22.35
C TYR H 19 19.30 14.11 21.81
N TYR H 20 20.41 13.37 21.86
CA TYR H 20 21.65 13.92 21.33
C TYR H 20 21.57 14.11 19.82
N HIS H 21 22.07 15.25 19.35
CA HIS H 21 22.08 15.64 17.92
C HIS H 21 20.68 15.99 17.41
N MET H 22 19.94 16.76 18.20
CA MET H 22 18.64 17.26 17.75
C MET H 22 18.80 18.13 16.52
N GLY H 23 18.24 17.68 15.40
CA GLY H 23 18.25 18.46 14.18
C GLY H 23 19.63 18.91 13.74
N LYS H 24 20.53 17.96 13.49
CA LYS H 24 21.85 18.33 13.01
C LYS H 24 21.80 18.88 11.59
N GLU H 25 20.92 18.31 10.74
CA GLU H 25 20.74 18.83 9.39
C GLU H 25 20.38 20.31 9.40
N LEU H 26 19.63 20.74 10.41
CA LEU H 26 19.11 22.10 10.43
C LEU H 26 20.14 23.09 10.96
N PHE H 27 21.04 22.63 11.83
CA PHE H 27 22.18 23.43 12.27
C PHE H 27 23.22 23.61 11.17
N LYS H 28 23.22 22.74 10.15
CA LYS H 28 24.26 22.71 9.14
C LYS H 28 23.73 22.97 7.73
N GLU H 29 22.55 23.52 7.61
CA GLU H 29 22.04 23.92 6.31
C GLU H 29 21.13 25.14 6.39
N ASN H 30 20.87 25.66 7.59
CA ASN H 30 19.97 26.79 7.79
C ASN H 30 20.68 27.78 8.70
N THR H 31 21.10 28.91 8.12
CA THR H 31 21.85 29.89 8.90
C THR H 31 20.96 30.58 9.93
N VAL H 32 19.66 30.72 9.63
CA VAL H 32 18.73 31.27 10.61
C VAL H 32 18.77 30.46 11.90
N PHE H 33 18.66 29.14 11.79
CA PHE H 33 18.77 28.26 12.95
C PHE H 33 20.14 28.40 13.60
N ARG H 34 21.20 28.21 12.80
CA ARG H 34 22.58 28.18 13.31
C ARG H 34 22.91 29.41 14.15
N GLN H 35 22.70 30.60 13.59
CA GLN H 35 23.04 31.84 14.27
C GLN H 35 22.27 31.96 15.58
N SER H 36 20.94 31.94 15.49
CA SER H 36 20.08 31.97 16.66
C SER H 36 20.45 30.88 17.67
N MET H 37 20.82 29.68 17.17
CA MET H 37 21.41 28.63 18.03
C MET H 37 22.65 29.12 18.76
N LEU H 38 23.68 29.40 17.98
CA LEU H 38 24.94 29.96 18.49
C LEU H 38 24.71 31.22 19.32
N GLU H 39 23.78 32.08 18.90
CA GLU H 39 23.46 33.28 19.66
C GLU H 39 23.11 32.96 21.11
N MET H 40 22.22 31.99 21.33
CA MET H 40 21.78 31.69 22.69
C MET H 40 22.89 31.00 23.48
N ASP H 41 23.72 30.22 22.79
CA ASP H 41 24.78 29.47 23.44
C ASP H 41 25.71 30.39 24.23
N ALA H 42 26.01 31.56 23.67
CA ALA H 42 26.81 32.53 24.39
C ALA H 42 26.17 32.88 25.74
N ILE H 43 24.87 33.16 25.72
CA ILE H 43 24.14 33.42 26.97
C ILE H 43 24.09 32.15 27.81
N ALA H 44 23.89 31.00 27.16
CA ALA H 44 23.79 29.74 27.89
C ALA H 44 25.10 29.42 28.60
N ALA H 45 26.19 29.35 27.84
CA ALA H 45 27.49 29.07 28.44
C ALA H 45 27.87 30.11 29.48
N ARG H 46 27.42 31.35 29.31
CA ARG H 46 27.86 32.44 30.18
C ARG H 46 27.49 32.21 31.64
N ARG H 47 26.47 31.38 31.91
CA ARG H 47 26.07 31.07 33.29
C ARG H 47 26.58 29.71 33.76
N ILE H 48 26.51 28.69 32.91
CA ILE H 48 26.87 27.34 33.34
C ILE H 48 28.37 27.22 33.50
N GLY H 49 29.12 27.42 32.42
CA GLY H 49 30.56 27.28 32.40
C GLY H 49 31.03 26.82 31.04
N THR H 50 30.48 25.69 30.60
CA THR H 50 30.76 25.10 29.30
C THR H 50 29.66 25.43 28.30
N SER H 51 29.92 25.06 27.04
CA SER H 51 29.01 25.35 25.93
C SER H 51 27.96 24.28 25.77
N ILE H 52 26.76 24.71 25.37
CA ILE H 52 25.64 23.78 25.18
C ILE H 52 25.62 23.20 23.77
N VAL H 53 25.87 24.01 22.74
CA VAL H 53 25.60 23.56 21.37
C VAL H 53 26.52 22.40 20.97
N GLU H 54 27.83 22.50 21.24
CA GLU H 54 28.64 21.31 20.94
C GLU H 54 28.44 20.16 21.91
N GLU H 55 27.74 20.33 23.04
CA GLU H 55 27.45 19.13 23.80
C GLU H 55 26.15 18.47 23.38
N ILE H 56 25.21 19.24 22.82
CA ILE H 56 24.07 18.63 22.13
C ILE H 56 24.55 17.75 20.99
N TYR H 57 25.53 18.23 20.22
CA TYR H 57 26.05 17.50 19.07
C TYR H 57 27.37 16.80 19.37
N HIS H 58 27.56 16.39 20.63
CA HIS H 58 28.70 15.63 21.14
C HIS H 58 29.02 14.45 20.23
N PRO H 59 30.18 14.44 19.56
CA PRO H 59 30.48 13.34 18.64
C PRO H 59 30.62 11.98 19.30
N GLY H 60 30.94 11.93 20.59
CA GLY H 60 30.99 10.68 21.31
C GLY H 60 29.67 10.23 21.89
N LYS H 61 28.57 10.73 21.33
CA LYS H 61 27.22 10.41 21.80
C LYS H 61 26.34 10.09 20.61
N ARG H 62 25.33 9.24 20.85
CA ARG H 62 24.35 8.90 19.83
C ARG H 62 22.94 9.21 20.33
N VAL H 63 21.98 9.11 19.40
CA VAL H 63 20.59 9.37 19.72
C VAL H 63 20.15 8.54 20.92
N SER H 64 20.51 7.26 20.94
CA SER H 64 20.06 6.33 21.97
C SER H 64 20.70 6.57 23.34
N ASP H 65 21.66 7.46 23.44
CA ASP H 65 22.23 7.75 24.75
C ASP H 65 21.33 8.73 25.49
N PRO H 66 20.90 8.39 26.70
CA PRO H 66 19.97 9.29 27.44
C PRO H 66 20.57 10.65 27.67
N PHE H 67 19.90 11.67 27.11
CA PHE H 67 20.33 13.07 27.26
C PHE H 67 19.71 13.64 28.54
N ASP H 68 20.24 13.16 29.67
CA ASP H 68 19.59 13.34 30.97
C ASP H 68 20.36 14.27 31.90
N SER H 69 21.28 15.07 31.37
CA SER H 69 22.04 16.01 32.20
C SER H 69 21.22 17.29 32.36
N ILE H 70 20.80 17.59 33.60
CA ILE H 70 19.81 18.66 33.80
C ILE H 70 20.33 20.02 33.33
N LEU H 71 21.62 20.32 33.59
CA LEU H 71 22.12 21.66 33.27
C LEU H 71 22.27 21.88 31.77
N PHE H 72 22.12 20.80 31.01
CA PHE H 72 22.28 20.69 29.56
C PHE H 72 20.96 20.49 28.84
N SER H 73 20.11 19.62 29.40
CA SER H 73 18.87 19.21 28.76
C SER H 73 17.84 20.34 28.76
N HIS H 74 17.59 20.95 29.94
CA HIS H 74 16.69 22.10 30.04
C HIS H 74 16.92 23.14 28.95
N PRO H 75 18.10 23.78 28.87
CA PRO H 75 18.27 24.82 27.85
C PRO H 75 18.17 24.29 26.44
N ALA H 76 18.64 23.07 26.22
CA ALA H 76 18.65 22.49 24.88
C ALA H 76 17.23 22.41 24.31
N ILE H 77 16.26 22.09 25.16
CA ILE H 77 14.88 22.01 24.70
C ILE H 77 14.38 23.38 24.25
N PHE H 78 14.58 24.39 25.09
CA PHE H 78 14.20 25.75 24.70
C PHE H 78 14.94 26.17 23.44
N MET H 79 16.27 26.12 23.49
CA MET H 79 17.10 26.56 22.37
C MET H 79 16.61 25.94 21.06
N ILE H 80 16.55 24.60 21.03
CA ILE H 80 16.11 23.90 19.83
C ILE H 80 14.70 24.33 19.43
N GLU H 81 13.85 24.62 20.40
CA GLU H 81 12.45 24.97 20.09
C GLU H 81 12.34 26.39 19.56
N TYR H 82 12.86 27.37 20.30
CA TYR H 82 12.82 28.74 19.84
C TYR H 82 13.49 28.88 18.47
N SER H 83 14.70 28.32 18.34
CA SER H 83 15.45 28.48 17.09
C SER H 83 14.70 27.87 15.91
N LEU H 84 13.92 26.82 16.15
CA LEU H 84 13.03 26.35 15.10
C LEU H 84 12.01 27.42 14.75
N TYR H 85 11.39 28.05 15.76
CA TYR H 85 10.42 29.11 15.52
C TYR H 85 11.02 30.21 14.64
N LYS H 86 12.20 30.70 15.00
CA LYS H 86 12.88 31.69 14.17
C LYS H 86 13.01 31.21 12.73
N VAL H 87 13.22 29.91 12.54
CA VAL H 87 13.26 29.38 11.18
C VAL H 87 11.89 29.50 10.52
N LEU H 88 10.81 29.31 11.28
CA LEU H 88 9.49 29.42 10.64
C LEU H 88 9.09 30.88 10.46
N GLU H 89 9.49 31.73 11.41
CA GLU H 89 9.26 33.16 11.28
C GLU H 89 9.94 33.71 10.03
N ASP H 90 11.20 33.32 9.80
CA ASP H 90 11.93 33.76 8.62
C ASP H 90 11.21 33.31 7.34
N ARG H 91 10.74 32.07 7.30
CA ARG H 91 10.00 31.58 6.16
C ARG H 91 8.57 32.08 6.10
N GLY H 92 8.22 33.04 6.97
CA GLY H 92 6.89 33.64 6.93
C GLY H 92 5.80 32.72 7.43
N ILE H 93 6.10 31.93 8.46
CA ILE H 93 5.15 30.99 9.07
C ILE H 93 4.91 31.46 10.49
N TYR H 94 3.71 31.98 10.75
CA TYR H 94 3.43 32.60 12.02
C TYR H 94 2.36 31.81 12.77
N PRO H 95 2.54 31.63 14.08
CA PRO H 95 1.59 30.83 14.86
C PRO H 95 0.33 31.63 15.20
N ASP H 96 -0.83 31.02 14.99
CA ASP H 96 -2.07 31.59 15.51
C ASP H 96 -2.30 31.19 16.97
N TYR H 97 -1.86 30.00 17.37
CA TYR H 97 -1.85 29.54 18.75
C TYR H 97 -0.49 28.94 19.07
N VAL H 98 -0.08 29.06 20.33
CA VAL H 98 1.05 28.29 20.84
C VAL H 98 0.55 27.41 21.97
N LEU H 99 1.03 26.16 22.00
CA LEU H 99 0.63 25.17 23.01
C LEU H 99 1.89 24.68 23.70
N GLY H 100 2.02 24.98 24.99
CA GLY H 100 3.15 24.54 25.78
C GLY H 100 2.86 23.24 26.52
N SER H 101 3.88 22.39 26.61
CA SER H 101 3.75 21.12 27.33
C SER H 101 5.00 20.95 28.19
N SER H 102 4.79 20.84 29.50
CA SER H 102 5.86 20.67 30.48
C SER H 102 6.87 21.80 30.27
N LEU H 103 8.13 21.51 29.96
CA LEU H 103 9.12 22.58 29.93
C LEU H 103 8.92 23.47 28.71
N GLY H 104 8.20 22.97 27.70
CA GLY H 104 7.84 23.71 26.50
C GLY H 104 6.91 24.87 26.73
N GLU H 105 6.31 24.99 27.92
CA GLU H 105 5.53 26.20 28.24
C GLU H 105 6.41 27.44 28.16
N PHE H 106 7.69 27.30 28.55
CA PHE H 106 8.63 28.41 28.42
C PHE H 106 8.76 28.82 26.96
N ALA H 107 9.00 27.87 26.06
CA ALA H 107 9.03 28.18 24.64
C ALA H 107 7.72 28.82 24.19
N ALA H 108 6.59 28.32 24.70
CA ALA H 108 5.30 28.85 24.29
C ALA H 108 5.15 30.31 24.68
N ALA H 109 5.51 30.66 25.92
CA ALA H 109 5.35 32.01 26.43
C ALA H 109 6.37 32.98 25.87
N ALA H 110 7.53 32.50 25.42
CA ALA H 110 8.49 33.38 24.77
C ALA H 110 8.04 33.75 23.37
N VAL H 111 7.62 32.75 22.59
CA VAL H 111 7.08 33.02 21.26
C VAL H 111 5.84 33.90 21.32
N SER H 112 5.10 33.84 22.43
CA SER H 112 3.84 34.57 22.56
C SER H 112 4.02 36.00 23.07
N GLY H 113 5.23 36.39 23.45
CA GLY H 113 5.47 37.73 23.91
C GLY H 113 5.41 37.92 25.41
N VAL H 114 5.14 36.86 26.18
CA VAL H 114 5.20 36.97 27.64
C VAL H 114 6.60 37.33 28.09
N SER H 115 7.61 36.91 27.32
CA SER H 115 9.00 37.29 27.56
C SER H 115 9.77 37.08 26.26
N ASP H 116 11.00 37.57 26.24
CA ASP H 116 11.90 37.32 25.14
C ASP H 116 12.80 36.13 25.45
N ALA H 117 13.42 35.60 24.39
CA ALA H 117 14.21 34.36 24.51
C ALA H 117 15.22 34.44 25.64
N GLU H 118 15.98 35.55 25.69
CA GLU H 118 17.10 35.66 26.61
C GLU H 118 16.63 35.57 28.06
N ASP H 119 15.62 36.37 28.41
CA ASP H 119 15.09 36.34 29.76
C ASP H 119 14.48 34.98 30.09
N MET H 120 13.74 34.39 29.16
CA MET H 120 13.13 33.09 29.44
C MET H 120 14.21 32.04 29.64
N LEU H 121 15.25 32.09 28.81
CA LEU H 121 16.37 31.17 28.94
C LEU H 121 16.98 31.25 30.33
N ASP H 122 17.15 32.46 30.86
CA ASP H 122 17.68 32.61 32.21
C ASP H 122 16.79 31.91 33.23
N CYS H 123 15.47 31.94 33.01
CA CYS H 123 14.54 31.29 33.92
C CYS H 123 14.65 29.77 33.82
N ILE H 124 14.65 29.25 32.59
CA ILE H 124 14.96 27.83 32.38
C ILE H 124 16.31 27.50 32.96
N LEU H 125 17.34 28.23 32.53
CA LEU H 125 18.71 27.86 32.84
C LEU H 125 18.89 27.84 34.36
N GLU H 126 18.45 28.90 35.02
CA GLU H 126 18.39 28.94 36.48
C GLU H 126 17.70 27.72 37.05
N GLN H 127 16.45 27.46 36.62
CA GLN H 127 15.64 26.40 37.22
C GLN H 127 16.41 25.09 37.32
N ALA H 128 17.22 24.79 36.30
CA ALA H 128 18.04 23.59 36.34
C ALA H 128 18.99 23.59 37.53
N ILE H 129 19.66 24.73 37.78
CA ILE H 129 20.71 24.75 38.81
C ILE H 129 20.10 24.52 40.18
N ILE H 130 18.96 25.16 40.48
CA ILE H 130 18.36 25.00 41.80
C ILE H 130 17.94 23.56 42.03
N ILE H 131 17.35 22.93 41.01
CA ILE H 131 16.88 21.55 41.15
C ILE H 131 18.06 20.62 41.45
N GLN H 132 19.15 20.77 40.70
CA GLN H 132 20.30 19.89 40.89
C GLN H 132 20.92 20.07 42.28
N ASN H 133 20.93 21.30 42.79
CA ASN H 133 21.52 21.55 44.11
C ASN H 133 20.57 21.26 45.26
N SER H 134 19.26 21.15 44.99
CA SER H 134 18.29 20.98 46.06
C SER H 134 17.51 19.68 45.99
N CYS H 135 17.39 19.04 44.84
CA CYS H 135 16.53 17.89 44.65
C CYS H 135 17.33 16.62 44.44
N ASP H 136 16.85 15.52 45.02
CA ASP H 136 17.39 14.21 44.71
C ASP H 136 17.03 13.82 43.28
N LYS H 137 17.78 12.86 42.74
CA LYS H 137 17.50 12.40 41.40
C LYS H 137 16.32 11.43 41.41
N GLY H 138 15.75 11.19 40.23
CA GLY H 138 14.60 10.33 40.12
C GLY H 138 14.36 9.90 38.69
N LYS H 139 13.21 9.29 38.45
CA LYS H 139 12.89 8.78 37.13
C LYS H 139 11.45 9.11 36.75
N MET H 140 11.21 9.12 35.45
CA MET H 140 9.88 9.19 34.89
C MET H 140 9.71 8.05 33.90
N LEU H 141 8.59 7.34 33.99
CA LEU H 141 8.34 6.13 33.21
C LEU H 141 7.09 6.31 32.38
N ALA H 142 7.23 6.17 31.07
CA ALA H 142 6.07 6.06 30.19
C ALA H 142 5.58 4.63 30.19
N ILE H 143 4.29 4.44 30.47
CA ILE H 143 3.67 3.13 30.42
C ILE H 143 2.80 3.07 29.19
N LEU H 144 3.09 2.10 28.31
CA LEU H 144 2.44 1.99 27.00
C LEU H 144 1.24 1.05 27.09
N ASP H 145 0.27 1.46 27.91
CA ASP H 145 -0.93 0.66 28.16
C ASP H 145 -2.06 1.59 28.63
N LYS H 146 -3.17 0.98 29.04
CA LYS H 146 -4.38 1.74 29.38
C LYS H 146 -4.23 2.40 30.75
N PRO H 147 -4.54 3.69 30.88
CA PRO H 147 -4.48 4.32 32.21
C PRO H 147 -5.46 3.72 33.22
N GLN H 148 -6.45 2.94 32.76
CA GLN H 148 -7.33 2.25 33.69
C GLN H 148 -6.57 1.28 34.60
N LEU H 149 -5.36 0.87 34.21
CA LEU H 149 -4.55 0.02 35.09
C LEU H 149 -4.35 0.67 36.44
N LEU H 150 -4.17 2.00 36.47
CA LEU H 150 -3.97 2.69 37.72
C LEU H 150 -5.12 2.48 38.69
N ASN H 151 -6.33 2.26 38.17
CA ASN H 151 -7.51 2.03 38.99
C ASN H 151 -7.71 0.56 39.33
N ASP H 152 -7.58 -0.32 38.33
CA ASP H 152 -7.78 -1.75 38.56
C ASP H 152 -6.68 -2.34 39.45
N HIS H 153 -5.45 -1.84 39.32
CA HIS H 153 -4.29 -2.39 40.04
C HIS H 153 -3.47 -1.26 40.63
N PRO H 154 -4.01 -0.53 41.61
CA PRO H 154 -3.23 0.55 42.24
C PRO H 154 -1.97 0.06 42.91
N GLN H 155 -2.00 -1.18 43.42
CA GLN H 155 -0.85 -1.79 44.07
C GLN H 155 0.38 -1.68 43.19
N LEU H 156 0.18 -1.90 41.89
CA LEU H 156 1.21 -2.05 40.89
C LEU H 156 2.00 -0.75 40.66
N PHE H 157 1.41 0.39 41.01
CA PHE H 157 2.03 1.69 40.77
C PHE H 157 2.30 2.44 42.06
N GLY H 158 2.38 1.73 43.19
CA GLY H 158 2.58 2.39 44.46
C GLY H 158 3.89 3.16 44.52
N ASN H 159 3.90 4.20 45.35
CA ASN H 159 5.06 5.07 45.52
C ASN H 159 5.44 5.74 44.20
N SER H 160 4.43 6.21 43.47
CA SER H 160 4.66 6.99 42.26
C SER H 160 3.46 7.90 42.04
N GLU H 161 3.70 8.98 41.31
CA GLU H 161 2.67 9.96 41.02
C GLU H 161 2.41 9.99 39.52
N LEU H 162 1.13 9.94 39.15
CA LEU H 162 0.74 10.07 37.75
C LEU H 162 0.83 11.52 37.33
N ILE H 163 1.63 11.80 36.30
CA ILE H 163 1.90 13.16 35.89
C ILE H 163 1.17 13.54 34.62
N SER H 164 0.84 12.58 33.76
CA SER H 164 0.22 12.90 32.48
C SER H 164 -0.41 11.67 31.84
N ILE H 165 -1.63 11.82 31.32
CA ILE H 165 -2.24 10.84 30.44
C ILE H 165 -2.27 11.46 29.06
N ASN H 166 -1.68 10.79 28.08
CA ASN H 166 -1.49 11.41 26.78
C ASN H 166 -2.43 10.90 25.70
N TYR H 167 -2.81 9.64 25.73
CA TYR H 167 -3.96 9.14 24.97
C TYR H 167 -4.38 7.80 25.58
N ASP H 168 -5.18 7.03 24.85
CA ASP H 168 -5.82 5.85 25.41
C ASP H 168 -4.82 4.75 25.79
N SER H 169 -3.58 4.81 25.29
CA SER H 169 -2.60 3.77 25.54
C SER H 169 -1.24 4.37 25.88
N HIS H 170 -1.23 5.44 26.67
CA HIS H 170 0.02 6.12 27.01
C HIS H 170 -0.21 6.99 28.23
N PHE H 171 0.57 6.77 29.29
CA PHE H 171 0.56 7.66 30.44
C PHE H 171 1.93 7.57 31.12
N VAL H 172 2.22 8.59 31.93
CA VAL H 172 3.56 8.75 32.49
C VAL H 172 3.43 8.93 34.00
N ILE H 173 4.33 8.28 34.74
CA ILE H 173 4.44 8.42 36.18
C ILE H 173 5.87 8.81 36.51
N SER H 174 6.07 9.32 37.72
CA SER H 174 7.42 9.67 38.14
C SER H 174 7.57 9.40 39.63
N GLY H 175 8.81 9.23 40.06
CA GLY H 175 9.07 8.90 41.45
C GLY H 175 10.55 8.67 41.67
N GLU H 176 10.86 8.17 42.87
CA GLU H 176 12.24 7.89 43.26
C GLU H 176 12.88 6.89 42.29
N GLU H 177 14.22 6.88 42.29
CA GLU H 177 14.96 6.06 41.31
C GLU H 177 14.66 4.58 41.48
N ASP H 178 14.53 4.11 42.72
CA ASP H 178 14.36 2.68 42.92
C ASP H 178 12.91 2.24 42.94
N HIS H 179 12.00 3.10 43.38
CA HIS H 179 10.58 2.77 43.29
C HIS H 179 10.16 2.58 41.84
N ILE H 180 10.71 3.38 40.93
CA ILE H 180 10.41 3.22 39.51
C ILE H 180 10.97 1.91 38.99
N ARG H 181 12.21 1.57 39.38
CA ARG H 181 12.80 0.30 38.97
C ARG H 181 11.99 -0.88 39.50
N LYS H 182 11.50 -0.77 40.73
CA LYS H 182 10.62 -1.81 41.27
C LYS H 182 9.35 -1.93 40.44
N ILE H 183 8.77 -0.78 40.06
CA ILE H 183 7.54 -0.81 39.28
C ILE H 183 7.79 -1.44 37.91
N MET H 184 8.89 -1.07 37.27
CA MET H 184 9.24 -1.70 35.99
C MET H 184 9.34 -3.21 36.12
N GLU H 185 9.93 -3.69 37.22
CA GLU H 185 10.04 -5.11 37.46
C GLU H 185 8.66 -5.76 37.52
N ASP H 186 7.75 -5.18 38.31
CA ASP H 186 6.41 -5.71 38.43
C ASP H 186 5.65 -5.63 37.11
N LEU H 187 5.88 -4.57 36.33
CA LEU H 187 5.20 -4.44 35.05
C LEU H 187 5.64 -5.52 34.08
N LYS H 188 6.94 -5.85 34.08
CA LYS H 188 7.44 -6.93 33.22
C LYS H 188 6.76 -8.26 33.56
N GLU H 189 6.59 -8.55 34.85
CA GLU H 189 5.89 -9.77 35.25
C GLU H 189 4.44 -9.78 34.77
N LYS H 190 3.86 -8.62 34.45
CA LYS H 190 2.52 -8.54 33.92
C LYS H 190 2.49 -8.38 32.40
N GLN H 191 3.65 -8.33 31.75
CA GLN H 191 3.75 -8.15 30.30
C GLN H 191 3.16 -6.80 29.87
N ILE H 192 3.34 -5.79 30.73
CA ILE H 192 2.93 -4.42 30.44
C ILE H 192 4.17 -3.67 29.99
N LEU H 193 4.12 -3.12 28.77
CA LEU H 193 5.30 -2.47 28.19
C LEU H 193 5.45 -1.05 28.71
N CYS H 194 6.69 -0.69 29.03
CA CYS H 194 7.00 0.64 29.53
C CYS H 194 8.32 1.09 28.94
N GLN H 195 8.65 2.37 29.15
CA GLN H 195 9.98 2.85 28.81
C GLN H 195 10.34 4.05 29.66
N LEU H 196 11.59 4.08 30.15
CA LEU H 196 12.10 5.21 30.90
C LEU H 196 12.29 6.44 30.00
N LEU H 197 11.93 7.60 30.52
CA LEU H 197 12.24 8.84 29.83
C LEU H 197 13.69 9.25 30.10
N PRO H 198 14.35 9.89 29.14
CA PRO H 198 15.75 10.31 29.35
C PRO H 198 15.85 11.51 30.29
N VAL H 199 15.46 11.32 31.55
CA VAL H 199 15.53 12.36 32.56
C VAL H 199 16.18 11.77 33.81
N SER H 200 16.77 12.65 34.61
CA SER H 200 17.42 12.25 35.85
C SER H 200 16.67 12.70 37.09
N TYR H 201 15.50 13.33 36.94
CA TYR H 201 14.75 13.83 38.07
C TYR H 201 13.28 13.50 37.89
N ALA H 202 12.58 13.37 39.01
CA ALA H 202 11.15 13.06 39.03
C ALA H 202 10.37 14.36 38.84
N PHE H 203 10.38 14.85 37.59
CA PHE H 203 9.67 16.08 37.27
C PHE H 203 8.16 15.89 37.43
N HIS H 204 7.46 17.02 37.55
CA HIS H 204 6.00 17.03 37.67
C HIS H 204 5.53 16.20 38.85
N SER H 205 6.33 16.19 39.92
CA SER H 205 6.04 15.42 41.12
C SER H 205 6.55 16.18 42.33
N SER H 206 6.19 15.69 43.51
CA SER H 206 6.57 16.36 44.75
C SER H 206 8.04 16.17 45.10
N LEU H 207 8.84 15.47 44.28
CA LEU H 207 10.24 15.32 44.60
C LEU H 207 11.11 16.48 44.14
N ILE H 208 10.61 17.34 43.25
CA ILE H 208 11.29 18.60 42.98
C ILE H 208 10.77 19.72 43.88
N ASP H 209 9.94 19.38 44.88
CA ASP H 209 9.46 20.36 45.85
C ASP H 209 10.56 21.17 46.52
N PRO H 210 11.72 20.60 46.92
CA PRO H 210 12.75 21.43 47.58
C PRO H 210 13.15 22.67 46.79
N ALA H 211 13.13 22.61 45.47
CA ALA H 211 13.54 23.73 44.64
C ALA H 211 12.46 24.81 44.52
N GLU H 212 11.35 24.70 45.24
CA GLU H 212 10.25 25.63 45.05
C GLU H 212 10.59 27.02 45.58
N SER H 213 11.04 27.10 46.83
CA SER H 213 11.25 28.39 47.47
C SER H 213 12.34 29.19 46.77
N ALA H 214 13.47 28.54 46.45
CA ALA H 214 14.58 29.24 45.81
C ALA H 214 14.19 29.73 44.41
N TYR H 215 13.46 28.91 43.66
CA TYR H 215 12.97 29.33 42.35
C TYR H 215 11.85 30.36 42.46
N ALA H 216 11.07 30.32 43.55
CA ALA H 216 10.06 31.34 43.77
C ALA H 216 10.68 32.73 43.79
N GLU H 217 11.76 32.90 44.56
CA GLU H 217 12.53 34.15 44.55
C GLU H 217 12.89 34.57 43.15
N PHE H 218 13.52 33.66 42.41
CA PHE H 218 14.14 34.03 41.14
C PHE H 218 13.11 34.56 40.15
N LEU H 219 11.86 34.12 40.25
CA LEU H 219 10.82 34.64 39.36
C LEU H 219 10.30 35.99 39.84
N ARG H 220 10.41 36.26 41.14
CA ARG H 220 10.14 37.60 41.67
C ARG H 220 11.10 38.63 41.09
N SER H 221 12.36 38.25 40.86
CA SER H 221 13.36 39.09 40.21
C SER H 221 13.07 39.27 38.72
N LYS H 222 11.84 39.02 38.31
CA LYS H 222 11.47 39.00 36.90
C LYS H 222 10.14 39.70 36.71
N SER H 223 9.94 40.23 35.50
CA SER H 223 8.68 40.81 35.08
C SER H 223 8.31 40.21 33.74
N PHE H 224 7.04 39.84 33.59
CA PHE H 224 6.56 39.20 32.38
C PHE H 224 5.36 39.98 31.85
N GLN H 225 5.25 40.03 30.53
CA GLN H 225 4.17 40.73 29.87
C GLN H 225 2.93 39.84 29.77
N LYS H 226 1.84 40.43 29.30
CA LYS H 226 0.63 39.68 29.03
C LYS H 226 0.75 38.99 27.67
N PRO H 227 0.24 37.76 27.53
CA PRO H 227 0.38 37.04 26.27
C PRO H 227 -0.10 37.85 25.07
N SER H 228 0.67 37.80 23.99
CA SER H 228 0.26 38.46 22.75
C SER H 228 -0.36 37.43 21.81
N ILE H 229 0.44 36.51 21.28
CA ILE H 229 -0.15 35.40 20.52
C ILE H 229 -0.88 34.46 21.47
N PRO H 230 -2.10 34.02 21.15
CA PRO H 230 -2.88 33.24 22.14
C PRO H 230 -2.17 31.96 22.56
N ILE H 231 -2.33 31.63 23.85
CA ILE H 231 -1.65 30.49 24.47
C ILE H 231 -2.69 29.47 24.91
N VAL H 232 -2.47 28.21 24.58
CA VAL H 232 -3.11 27.07 25.23
C VAL H 232 -2.04 26.32 26.02
N SER H 233 -2.38 25.91 27.23
CA SER H 233 -1.40 25.38 28.18
C SER H 233 -1.81 23.99 28.63
N SER H 234 -0.85 23.05 28.61
CA SER H 234 -1.06 21.72 29.17
C SER H 234 -1.21 21.75 30.69
N LEU H 235 -0.67 22.77 31.35
CA LEU H 235 -0.92 22.95 32.77
C LEU H 235 -2.39 23.20 33.07
N THR H 236 -3.02 24.14 32.37
CA THR H 236 -4.39 24.50 32.68
C THR H 236 -5.40 23.57 32.01
N GLY H 237 -5.01 22.89 30.94
CA GLY H 237 -5.97 22.12 30.16
C GLY H 237 -6.92 22.99 29.36
N SER H 238 -6.55 24.24 29.11
CA SER H 238 -7.42 25.22 28.46
C SER H 238 -6.55 26.34 27.90
N CYS H 239 -7.20 27.40 27.43
CA CYS H 239 -6.47 28.58 26.99
C CYS H 239 -5.88 29.32 28.20
N LEU H 240 -4.88 30.15 27.93
CA LEU H 240 -4.21 30.91 28.97
C LEU H 240 -4.19 32.37 28.58
N HIS H 241 -4.97 33.19 29.29
CA HIS H 241 -5.02 34.63 29.06
C HIS H 241 -4.38 35.43 30.18
N VAL H 242 -4.51 34.99 31.42
CA VAL H 242 -3.91 35.64 32.57
C VAL H 242 -3.04 34.62 33.30
N MET H 243 -1.76 34.94 33.48
CA MET H 243 -0.87 34.10 34.26
C MET H 243 -0.76 34.58 35.69
N ASP H 244 -0.57 33.63 36.58
CA ASP H 244 -0.29 33.95 37.96
C ASP H 244 1.19 33.77 38.22
N GLU H 245 1.60 34.19 39.41
CA GLU H 245 3.01 34.26 39.73
C GLU H 245 3.72 32.91 39.71
N ASN H 246 3.04 31.79 39.99
CA ASN H 246 3.77 30.54 40.07
C ASN H 246 3.70 29.72 38.79
N PHE H 247 3.40 30.35 37.64
CA PHE H 247 3.23 29.57 36.40
C PHE H 247 4.51 28.84 36.02
N PHE H 248 5.61 29.57 35.89
CA PHE H 248 6.85 28.96 35.43
C PHE H 248 7.43 27.96 36.43
N TRP H 249 6.84 27.86 37.63
CA TRP H 249 7.14 26.74 38.50
C TRP H 249 6.21 25.56 38.21
N ASN H 250 4.89 25.82 38.16
CA ASN H 250 3.94 24.76 37.92
C ASN H 250 4.07 24.17 36.51
N ALA H 251 4.74 24.86 35.60
CA ALA H 251 5.04 24.29 34.29
C ALA H 251 5.87 23.02 34.41
N VAL H 252 6.61 22.85 35.51
CA VAL H 252 7.42 21.67 35.72
C VAL H 252 7.00 20.86 36.92
N ARG H 253 6.06 21.36 37.73
CA ARG H 253 5.68 20.72 38.98
C ARG H 253 4.30 20.09 38.94
N LYS H 254 3.29 20.82 38.49
CA LYS H 254 1.94 20.27 38.47
C LYS H 254 1.77 19.23 37.36
N PRO H 255 0.84 18.30 37.52
CA PRO H 255 0.52 17.36 36.44
C PRO H 255 0.05 18.08 35.19
N MET H 256 0.04 17.34 34.09
CA MET H 256 -0.30 17.89 32.79
C MET H 256 -1.68 17.41 32.33
N MET H 257 -2.34 18.25 31.52
CA MET H 257 -3.65 17.96 30.96
C MET H 257 -3.63 18.23 29.46
N PHE H 258 -2.71 17.56 28.76
CA PHE H 258 -2.54 17.79 27.33
C PHE H 258 -3.76 17.35 26.53
N ARG H 259 -4.45 16.30 26.98
CA ARG H 259 -5.66 15.86 26.27
C ARG H 259 -6.76 16.92 26.35
N GLU H 260 -6.93 17.53 27.52
CA GLU H 260 -7.95 18.57 27.66
C GLU H 260 -7.61 19.78 26.81
N ALA H 261 -6.31 20.10 26.70
CA ALA H 261 -5.93 21.24 25.87
C ALA H 261 -6.25 20.98 24.40
N ILE H 262 -5.98 19.78 23.91
CA ILE H 262 -6.30 19.47 22.51
C ILE H 262 -7.81 19.42 22.31
N ARG H 263 -8.55 18.94 23.31
CA ARG H 263 -10.00 18.88 23.19
C ARG H 263 -10.59 20.28 23.10
N TYR H 264 -10.04 21.23 23.86
CA TYR H 264 -10.55 22.59 23.81
C TYR H 264 -10.33 23.20 22.43
N LEU H 265 -9.13 23.04 21.88
CA LEU H 265 -8.83 23.58 20.56
C LEU H 265 -9.70 22.94 19.49
N GLU H 266 -10.02 21.65 19.65
CA GLU H 266 -10.89 21.00 18.67
C GLU H 266 -12.35 21.40 18.81
N SER H 267 -12.75 21.91 19.98
CA SER H 267 -14.12 22.40 20.14
C SER H 267 -14.32 23.80 19.57
N GLN H 268 -13.24 24.53 19.28
CA GLN H 268 -13.30 25.84 18.65
C GLN H 268 -12.97 25.82 17.16
N HIS H 269 -11.93 25.08 16.77
CA HIS H 269 -11.46 25.09 15.38
C HIS H 269 -11.23 23.69 14.84
N THR H 270 -10.73 23.61 13.62
CA THR H 270 -10.17 22.41 13.03
C THR H 270 -8.71 22.72 12.70
N CYS H 271 -7.88 22.79 13.73
CA CYS H 271 -6.55 23.39 13.60
C CYS H 271 -5.61 22.50 12.78
N LYS H 272 -4.54 23.13 12.32
CA LYS H 272 -3.36 22.43 11.85
C LYS H 272 -2.35 22.47 13.00
N PHE H 273 -1.93 21.30 13.46
CA PHE H 273 -0.98 21.20 14.55
C PHE H 273 0.41 20.93 13.99
N ILE H 274 1.38 21.71 14.46
CA ILE H 274 2.77 21.56 14.05
C ILE H 274 3.61 21.46 15.31
N ASP H 275 4.42 20.41 15.38
CA ASP H 275 5.25 20.13 16.55
C ASP H 275 6.62 20.77 16.35
N LEU H 276 6.96 21.73 17.21
CA LEU H 276 8.27 22.35 17.19
C LEU H 276 9.21 21.75 18.23
N GLY H 277 8.79 20.70 18.92
CA GLY H 277 9.64 20.05 19.89
C GLY H 277 10.37 18.88 19.28
N PRO H 278 11.45 18.46 19.93
CA PRO H 278 12.20 17.29 19.45
C PRO H 278 11.40 16.00 19.61
N SER H 279 11.69 15.04 18.71
CA SER H 279 11.13 13.69 18.70
C SER H 279 9.77 13.63 18.02
N GLY H 280 9.11 14.77 17.89
CA GLY H 280 7.76 14.76 17.34
C GLY H 280 6.76 14.09 18.27
N THR H 281 6.95 14.24 19.58
CA THR H 281 6.12 13.55 20.54
C THR H 281 4.68 14.07 20.51
N LEU H 282 4.51 15.39 20.64
CA LEU H 282 3.17 15.95 20.73
C LEU H 282 2.38 15.72 19.44
N ALA H 283 3.07 15.74 18.30
CA ALA H 283 2.38 15.39 17.05
C ALA H 283 1.86 13.96 17.10
N ALA H 284 2.61 13.05 17.72
CA ALA H 284 2.15 11.67 17.83
C ALA H 284 0.96 11.55 18.77
N PHE H 285 0.99 12.26 19.91
CA PHE H 285 -0.16 12.28 20.80
C PHE H 285 -1.40 12.84 20.10
N VAL H 286 -1.24 13.95 19.37
CA VAL H 286 -2.38 14.60 18.73
C VAL H 286 -3.03 13.66 17.72
N LYS H 287 -2.21 12.95 16.94
CA LYS H 287 -2.76 12.01 15.96
C LYS H 287 -3.61 10.91 16.61
N GLN H 288 -3.40 10.64 17.90
CA GLN H 288 -4.22 9.69 18.63
C GLN H 288 -5.48 10.30 19.21
N LEU H 289 -5.53 11.61 19.36
CA LEU H 289 -6.65 12.29 20.00
C LEU H 289 -7.68 12.84 19.02
N ILE H 290 -7.35 12.94 17.73
CA ILE H 290 -8.27 13.49 16.74
C ILE H 290 -8.63 12.37 15.78
N PRO H 291 -9.70 12.48 14.99
CA PRO H 291 -10.14 11.33 14.18
C PRO H 291 -9.07 10.82 13.24
N GLY H 292 -9.30 9.60 12.74
CA GLY H 292 -8.25 8.91 11.97
C GLY H 292 -7.89 9.62 10.69
N ASP H 293 -8.89 10.02 9.92
CA ASP H 293 -8.64 10.70 8.64
C ASP H 293 -7.92 12.03 8.82
N SER H 294 -8.17 12.71 9.95
CA SER H 294 -7.53 14.00 10.21
C SER H 294 -6.10 13.85 10.68
N ALA H 295 -5.43 12.77 10.28
CA ALA H 295 -4.04 12.58 10.66
C ALA H 295 -3.11 13.52 9.89
N ASP H 296 -3.51 13.98 8.71
CA ASP H 296 -2.68 14.85 7.88
C ASP H 296 -2.83 16.33 8.23
N ARG H 297 -3.53 16.65 9.31
CA ARG H 297 -3.53 17.99 9.89
C ARG H 297 -2.45 18.16 10.94
N CYS H 298 -1.50 17.22 11.01
CA CYS H 298 -0.63 17.12 12.16
C CYS H 298 0.76 16.72 11.66
N CYS H 299 1.77 17.52 12.00
CA CYS H 299 3.10 17.34 11.45
C CYS H 299 4.15 17.60 12.53
N SER H 300 5.31 16.97 12.36
CA SER H 300 6.48 17.19 13.19
C SER H 300 7.67 17.62 12.32
N ILE H 301 8.73 18.09 12.97
CA ILE H 301 9.88 18.63 12.26
C ILE H 301 11.16 17.89 12.65
N ILE H 302 11.48 17.94 13.93
CA ILE H 302 12.76 17.43 14.45
C ILE H 302 12.52 16.03 14.97
N THR H 303 12.71 15.03 14.08
CA THR H 303 12.68 13.61 14.43
C THR H 303 14.07 13.01 14.26
N PRO H 304 14.39 11.91 14.96
CA PRO H 304 15.72 11.30 14.79
C PRO H 304 15.98 10.77 13.39
N PHE H 305 14.98 10.78 12.49
CA PHE H 305 15.23 10.49 11.09
C PHE H 305 16.04 11.58 10.41
N HIS H 306 16.20 12.74 11.05
CA HIS H 306 16.93 13.89 10.51
C HIS H 306 16.44 14.22 9.09
N GLN H 307 15.15 14.54 9.01
CA GLN H 307 14.51 14.91 7.76
C GLN H 307 13.86 16.29 7.87
N GLU H 308 14.46 17.16 8.68
CA GLU H 308 13.88 18.49 8.96
C GLU H 308 13.60 19.25 7.67
N LEU H 309 14.56 19.27 6.75
CA LEU H 309 14.38 20.01 5.50
C LEU H 309 13.18 19.46 4.72
N LYS H 310 13.06 18.13 4.63
CA LYS H 310 11.91 17.55 3.96
C LYS H 310 10.62 17.92 4.68
N ASN H 311 10.66 17.97 6.02
CA ASN H 311 9.46 18.27 6.79
C ASN H 311 9.11 19.75 6.67
N LEU H 312 10.12 20.61 6.63
CA LEU H 312 9.87 22.03 6.43
C LEU H 312 9.23 22.31 5.07
N ASN H 313 9.71 21.69 3.97
CA ASN H 313 8.98 22.03 2.74
C ASN H 313 7.62 21.35 2.71
N THR H 314 7.30 20.58 3.75
CA THR H 314 5.98 19.97 3.89
C THR H 314 5.04 20.83 4.72
N VAL H 315 5.57 21.68 5.61
CA VAL H 315 4.69 22.54 6.38
C VAL H 315 4.25 23.73 5.55
N GLU H 316 5.06 24.12 4.56
CA GLU H 316 4.69 25.23 3.69
C GLU H 316 3.47 24.88 2.86
N TYR H 317 3.20 23.59 2.64
CA TYR H 317 1.92 23.18 2.06
C TYR H 317 0.75 23.67 2.92
N PHE H 318 0.90 23.56 4.25
CA PHE H 318 -0.14 24.05 5.16
C PHE H 318 -0.48 25.51 4.90
N ARG H 319 0.54 26.37 4.88
CA ARG H 319 0.34 27.80 4.65
C ARG H 319 -0.40 28.05 3.34
N THR H 320 0.17 27.58 2.23
CA THR H 320 -0.41 27.82 0.91
C THR H 320 -0.50 26.51 0.12
#